data_4AXP
#
_entry.id   4AXP
#
_cell.length_a   1.000
_cell.length_b   1.000
_cell.length_c   1.000
_cell.angle_alpha   90.00
_cell.angle_beta   90.00
_cell.angle_gamma   90.00
#
_symmetry.space_group_name_H-M   'P 1'
#
_entity_poly.entity_id   1
_entity_poly.type   'polypeptide(L)'
_entity_poly.pdbx_seq_one_letter_code
;MSDAGRKGFGEKASEALKPDSQKSYAEQGKEYITDKADKVAGKVQPEDNKGVFQGVHDSAEKGKDNAEGQGESLADQARD
YMGAAKSKLNDAVEYVSGRVHGEEDPTKK
;
_entity_poly.pdbx_strand_id   A
#
# COMPACT_ATOMS: atom_id res chain seq x y z
N MET A 1 -35.02 -1.79 1.06
CA MET A 1 -35.16 -3.14 0.53
C MET A 1 -33.97 -4.01 0.94
N SER A 2 -34.23 -5.29 1.16
CA SER A 2 -33.18 -6.22 1.55
C SER A 2 -32.27 -6.56 0.37
N ASP A 3 -31.00 -6.21 0.51
CA ASP A 3 -30.02 -6.47 -0.54
C ASP A 3 -29.26 -7.76 -0.28
N ALA A 4 -29.16 -8.13 0.99
CA ALA A 4 -28.46 -9.35 1.38
C ALA A 4 -29.04 -10.57 0.66
N GLY A 5 -30.30 -10.47 0.28
CA GLY A 5 -30.95 -11.58 -0.41
C GLY A 5 -31.02 -12.83 0.43
N ARG A 6 -31.83 -12.79 1.48
CA ARG A 6 -31.97 -13.93 2.37
C ARG A 6 -32.39 -15.17 1.60
N LYS A 7 -33.32 -15.00 0.67
CA LYS A 7 -33.81 -16.10 -0.15
C LYS A 7 -32.96 -16.28 -1.41
N GLY A 8 -32.20 -15.24 -1.74
CA GLY A 8 -31.34 -15.30 -2.92
C GLY A 8 -32.03 -14.76 -4.15
N PHE A 9 -33.35 -14.62 -4.09
CA PHE A 9 -34.12 -14.10 -5.21
C PHE A 9 -33.64 -12.71 -5.61
N GLY A 10 -32.98 -12.03 -4.68
CA GLY A 10 -32.48 -10.70 -4.96
C GLY A 10 -31.06 -10.70 -5.48
N GLU A 11 -30.33 -11.78 -5.20
CA GLU A 11 -28.95 -11.91 -5.64
C GLU A 11 -28.87 -12.59 -7.00
N LYS A 12 -29.91 -13.35 -7.34
CA LYS A 12 -29.95 -14.05 -8.61
C LYS A 12 -30.69 -13.23 -9.65
N ALA A 13 -31.84 -12.69 -9.27
CA ALA A 13 -32.64 -11.87 -10.18
C ALA A 13 -31.94 -10.57 -10.51
N SER A 14 -31.23 -10.01 -9.53
CA SER A 14 -30.51 -8.76 -9.72
C SER A 14 -29.23 -8.98 -10.52
N GLU A 15 -28.61 -10.14 -10.33
CA GLU A 15 -27.39 -10.47 -11.04
C GLU A 15 -27.69 -11.09 -12.40
N ALA A 16 -28.85 -11.74 -12.50
CA ALA A 16 -29.26 -12.37 -13.75
C ALA A 16 -29.78 -11.35 -14.75
N LEU A 17 -30.18 -10.18 -14.24
CA LEU A 17 -30.70 -9.12 -15.08
C LEU A 17 -29.62 -8.08 -15.38
N LYS A 18 -28.53 -8.14 -14.62
CA LYS A 18 -27.43 -7.21 -14.80
C LYS A 18 -27.18 -6.94 -16.28
N PRO A 19 -27.51 -5.72 -16.72
CA PRO A 19 -27.33 -5.30 -18.12
C PRO A 19 -25.86 -5.14 -18.49
N ASP A 20 -24.99 -5.23 -17.49
CA ASP A 20 -23.55 -5.09 -17.72
C ASP A 20 -23.24 -3.83 -18.51
N SER A 21 -23.98 -2.76 -18.23
CA SER A 21 -23.78 -1.49 -18.93
C SER A 21 -22.94 -0.54 -18.09
N GLN A 22 -22.82 -0.84 -16.79
CA GLN A 22 -22.05 -0.01 -15.89
C GLN A 22 -20.86 -0.78 -15.33
N LYS A 23 -21.15 -1.85 -14.61
CA LYS A 23 -20.10 -2.68 -14.01
C LYS A 23 -18.92 -2.84 -14.97
N SER A 24 -19.12 -3.67 -16.00
CA SER A 24 -18.07 -3.91 -16.98
C SER A 24 -17.28 -2.63 -17.26
N TYR A 25 -17.96 -1.50 -17.16
CA TYR A 25 -17.32 -0.20 -17.42
C TYR A 25 -16.59 0.30 -16.17
N ALA A 26 -17.33 0.42 -15.08
CA ALA A 26 -16.75 0.88 -13.82
C ALA A 26 -15.83 -0.17 -13.22
N GLU A 27 -16.32 -1.40 -13.13
CA GLU A 27 -15.53 -2.49 -12.57
C GLU A 27 -14.14 -2.54 -13.19
N GLN A 28 -14.08 -2.63 -14.51
CA GLN A 28 -12.81 -2.67 -15.23
C GLN A 28 -11.87 -1.56 -14.74
N GLY A 29 -12.45 -0.41 -14.42
CA GLY A 29 -11.65 0.71 -13.96
C GLY A 29 -11.18 0.53 -12.53
N LYS A 30 -12.07 0.05 -11.67
CA LYS A 30 -11.73 -0.16 -10.27
C LYS A 30 -10.73 -1.30 -10.11
N GLU A 31 -11.04 -2.45 -10.73
CA GLU A 31 -10.16 -3.61 -10.67
C GLU A 31 -8.72 -3.21 -10.92
N TYR A 32 -8.52 -2.14 -11.68
CA TYR A 32 -7.18 -1.65 -12.00
C TYR A 32 -6.57 -0.92 -10.80
N ILE A 33 -7.41 -0.21 -10.06
CA ILE A 33 -6.95 0.53 -8.89
C ILE A 33 -7.09 -0.30 -7.62
N THR A 34 -8.32 -0.72 -7.33
CA THR A 34 -8.60 -1.52 -6.14
C THR A 34 -7.46 -2.50 -5.87
N ASP A 35 -7.03 -3.19 -6.92
CA ASP A 35 -5.94 -4.16 -6.79
C ASP A 35 -4.64 -3.47 -6.39
N LYS A 36 -4.23 -2.48 -7.18
CA LYS A 36 -3.00 -1.75 -6.91
C LYS A 36 -3.07 -1.06 -5.55
N ALA A 37 -4.19 -0.41 -5.27
CA ALA A 37 -4.38 0.28 -4.00
C ALA A 37 -4.25 -0.68 -2.82
N ASP A 38 -4.94 -1.82 -2.91
CA ASP A 38 -4.89 -2.82 -1.86
C ASP A 38 -3.44 -3.15 -1.47
N LYS A 39 -2.52 -2.87 -2.39
CA LYS A 39 -1.10 -3.13 -2.15
C LYS A 39 -0.39 -1.88 -1.65
N VAL A 40 -0.73 -0.74 -2.25
CA VAL A 40 -0.13 0.53 -1.86
C VAL A 40 -0.39 0.84 -0.39
N ALA A 41 -1.23 0.02 0.24
CA ALA A 41 -1.55 0.20 1.65
C ALA A 41 -0.62 -0.60 2.54
N GLY A 42 -0.17 -1.75 2.03
CA GLY A 42 0.74 -2.59 2.81
C GLY A 42 2.19 -2.28 2.52
N LYS A 43 2.44 -1.31 1.66
CA LYS A 43 3.80 -0.92 1.31
C LYS A 43 4.04 0.55 1.62
N VAL A 44 3.00 1.37 1.48
CA VAL A 44 3.10 2.80 1.75
C VAL A 44 3.99 3.06 2.95
N GLN A 45 3.77 2.32 4.03
CA GLN A 45 4.55 2.48 5.25
C GLN A 45 6.03 2.19 4.99
N PRO A 46 6.85 3.24 5.08
CA PRO A 46 8.30 3.13 4.84
C PRO A 46 9.00 2.36 5.96
N GLU A 47 8.35 2.27 7.11
CA GLU A 47 8.91 1.56 8.26
C GLU A 47 8.52 0.08 8.23
N ASP A 48 7.76 -0.30 7.22
CA ASP A 48 7.31 -1.67 7.08
C ASP A 48 8.49 -2.62 6.88
N ASN A 49 9.64 -2.05 6.55
CA ASN A 49 10.85 -2.84 6.34
C ASN A 49 11.18 -3.68 7.58
N LYS A 50 10.70 -3.23 8.74
CA LYS A 50 10.94 -3.94 9.98
C LYS A 50 9.77 -4.84 10.32
N GLY A 51 8.61 -4.55 9.74
CA GLY A 51 7.43 -5.36 10.00
C GLY A 51 7.56 -6.78 9.47
N VAL A 52 8.33 -6.94 8.40
CA VAL A 52 8.53 -8.26 7.81
C VAL A 52 9.25 -9.19 8.78
N PHE A 53 10.21 -8.65 9.51
CA PHE A 53 10.97 -9.43 10.49
C PHE A 53 10.30 -9.40 11.86
N GLN A 54 9.32 -8.51 12.00
CA GLN A 54 8.61 -8.38 13.27
C GLN A 54 7.81 -9.64 13.59
N GLY A 55 7.15 -10.19 12.57
CA GLY A 55 6.37 -11.39 12.77
C GLY A 55 7.17 -12.65 12.49
N VAL A 56 8.32 -12.49 11.86
CA VAL A 56 9.18 -13.62 11.52
C VAL A 56 10.17 -13.91 12.64
N HIS A 57 10.91 -12.87 13.04
CA HIS A 57 11.89 -13.00 14.11
C HIS A 57 11.26 -13.60 15.37
N ASP A 58 9.96 -13.38 15.53
CA ASP A 58 9.24 -13.91 16.68
C ASP A 58 9.43 -15.41 16.82
N SER A 59 9.70 -16.07 15.70
CA SER A 59 9.90 -17.51 15.69
C SER A 59 11.13 -17.89 16.50
N ALA A 60 12.07 -16.96 16.62
CA ALA A 60 13.30 -17.20 17.36
C ALA A 60 13.13 -16.80 18.83
N GLU A 61 11.89 -16.53 19.22
CA GLU A 61 11.59 -16.14 20.60
C GLU A 61 12.18 -17.15 21.59
N LYS A 62 12.27 -18.41 21.17
CA LYS A 62 12.82 -19.46 22.01
C LYS A 62 14.32 -19.30 22.17
N GLY A 63 15.02 -19.10 21.06
CA GLY A 63 16.46 -18.93 21.10
C GLY A 63 16.87 -17.48 21.33
N LYS A 64 15.90 -16.64 21.66
CA LYS A 64 16.16 -15.23 21.92
C LYS A 64 16.24 -14.95 23.40
N ASP A 65 16.66 -15.94 24.18
CA ASP A 65 16.78 -15.80 25.62
C ASP A 65 18.24 -15.60 26.02
N ASN A 66 19.08 -15.32 25.04
CA ASN A 66 20.50 -15.10 25.29
C ASN A 66 20.71 -14.11 26.44
N ALA A 67 19.71 -13.27 26.67
CA ALA A 67 19.77 -12.28 27.74
C ALA A 67 20.08 -12.94 29.08
N GLU A 68 19.74 -14.22 29.20
CA GLU A 68 19.97 -14.97 30.43
C GLU A 68 21.42 -14.82 30.89
N GLY A 69 21.68 -15.23 32.13
CA GLY A 69 23.03 -15.12 32.66
C GLY A 69 23.95 -16.21 32.13
N GLN A 70 25.22 -16.11 32.45
CA GLN A 70 26.21 -17.09 32.00
C GLN A 70 26.18 -18.34 32.87
N GLY A 71 27.05 -19.30 32.56
CA GLY A 71 27.09 -20.53 33.32
C GLY A 71 28.27 -21.41 32.93
N GLU A 72 28.35 -21.73 31.64
CA GLU A 72 29.43 -22.58 31.14
C GLU A 72 30.49 -21.73 30.43
N SER A 73 30.27 -20.43 30.40
CA SER A 73 31.21 -19.52 29.74
C SER A 73 31.04 -19.56 28.23
N LEU A 74 31.01 -20.77 27.68
CA LEU A 74 30.85 -20.94 26.24
C LEU A 74 29.38 -21.09 25.86
N ALA A 75 28.52 -21.23 26.87
CA ALA A 75 27.09 -21.38 26.64
C ALA A 75 26.42 -20.02 26.51
N ASP A 76 26.87 -19.06 27.30
CA ASP A 76 26.32 -17.71 27.27
C ASP A 76 26.34 -17.15 25.86
N GLN A 77 27.45 -17.36 25.16
CA GLN A 77 27.59 -16.86 23.79
C GLN A 77 26.84 -17.75 22.81
N ALA A 78 26.93 -19.07 23.01
CA ALA A 78 26.24 -20.02 22.14
C ALA A 78 24.83 -19.54 21.80
N ARG A 79 24.21 -18.83 22.74
CA ARG A 79 22.86 -18.32 22.53
C ARG A 79 22.88 -17.11 21.60
N ASP A 80 23.51 -16.03 22.05
CA ASP A 80 23.60 -14.81 21.25
C ASP A 80 24.57 -14.99 20.10
N TYR A 81 25.78 -15.45 20.41
CA TYR A 81 26.80 -15.65 19.39
C TYR A 81 26.21 -16.31 18.15
N MET A 82 25.72 -17.54 18.31
CA MET A 82 25.13 -18.28 17.20
C MET A 82 24.17 -17.39 16.42
N GLY A 83 23.49 -16.49 17.11
CA GLY A 83 22.55 -15.59 16.46
C GLY A 83 23.24 -14.47 15.72
N ALA A 84 23.98 -13.64 16.46
CA ALA A 84 24.70 -12.52 15.86
C ALA A 84 25.55 -12.98 14.68
N ALA A 85 25.90 -14.26 14.67
CA ALA A 85 26.71 -14.82 13.60
C ALA A 85 25.88 -15.06 12.34
N LYS A 86 25.09 -16.13 12.37
CA LYS A 86 24.24 -16.46 11.23
C LYS A 86 23.35 -15.29 10.84
N SER A 87 22.86 -14.56 11.84
CA SER A 87 22.00 -13.41 11.60
C SER A 87 22.76 -12.31 10.87
N LYS A 88 23.75 -11.74 11.53
CA LYS A 88 24.56 -10.67 10.93
C LYS A 88 25.30 -11.17 9.71
N LEU A 89 25.93 -12.33 9.84
CA LEU A 89 26.69 -12.92 8.73
C LEU A 89 25.80 -13.11 7.50
N ASN A 90 24.61 -13.67 7.72
CA ASN A 90 23.67 -13.90 6.63
C ASN A 90 22.98 -12.60 6.22
N ASP A 91 22.56 -11.82 7.20
CA ASP A 91 21.90 -10.55 6.95
C ASP A 91 22.88 -9.53 6.38
N ALA A 92 24.16 -9.73 6.66
CA ALA A 92 25.21 -8.83 6.17
C ALA A 92 25.79 -9.33 4.85
N VAL A 93 25.81 -10.64 4.69
CA VAL A 93 26.35 -11.25 3.48
C VAL A 93 25.23 -11.74 2.56
N GLU A 94 24.48 -12.72 3.02
CA GLU A 94 23.38 -13.28 2.25
C GLU A 94 22.45 -12.17 1.74
N TYR A 95 22.18 -11.20 2.61
CA TYR A 95 21.31 -10.08 2.27
C TYR A 95 22.05 -9.08 1.39
N VAL A 96 23.23 -8.65 1.83
CA VAL A 96 24.03 -7.69 1.08
C VAL A 96 24.81 -8.38 -0.02
N SER A 97 25.76 -9.23 0.36
CA SER A 97 26.58 -9.94 -0.61
C SER A 97 25.71 -10.66 -1.63
N GLY A 98 24.51 -11.05 -1.21
CA GLY A 98 23.60 -11.74 -2.11
C GLY A 98 22.87 -10.80 -3.03
N ARG A 99 22.60 -9.59 -2.55
CA ARG A 99 21.89 -8.59 -3.35
C ARG A 99 22.83 -7.95 -4.37
N VAL A 100 24.12 -7.85 -4.01
CA VAL A 100 25.12 -7.26 -4.90
C VAL A 100 25.57 -8.25 -5.96
N HIS A 101 25.40 -9.55 -5.67
CA HIS A 101 25.79 -10.59 -6.60
C HIS A 101 25.18 -10.34 -7.98
N GLY A 102 23.99 -9.75 -8.00
CA GLY A 102 23.33 -9.46 -9.26
C GLY A 102 23.77 -8.14 -9.87
N GLU A 103 24.01 -7.16 -9.02
CA GLU A 103 24.44 -5.84 -9.48
C GLU A 103 25.96 -5.70 -9.39
N GLU A 104 26.62 -5.64 -10.55
CA GLU A 104 28.06 -5.50 -10.59
C GLU A 104 28.48 -4.04 -10.62
N ASP A 105 27.51 -3.15 -10.38
CA ASP A 105 27.76 -1.72 -10.37
C ASP A 105 27.66 -1.16 -8.95
N PRO A 106 28.27 0.02 -8.74
CA PRO A 106 28.26 0.69 -7.44
C PRO A 106 26.87 1.22 -7.07
N THR A 107 26.17 0.48 -6.23
CA THR A 107 24.83 0.88 -5.80
C THR A 107 24.88 1.69 -4.50
N LYS A 108 25.92 1.44 -3.71
CA LYS A 108 26.09 2.14 -2.44
C LYS A 108 27.42 2.89 -2.41
N LYS A 109 27.67 3.69 -3.44
CA LYS A 109 28.92 4.46 -3.52
C LYS A 109 30.13 3.55 -3.36
N MET A 1 -19.26 -7.98 -26.77
CA MET A 1 -19.41 -8.54 -28.11
C MET A 1 -20.88 -8.53 -28.53
N SER A 2 -21.30 -7.45 -29.19
CA SER A 2 -22.68 -7.33 -29.64
C SER A 2 -22.87 -6.07 -30.48
N ASP A 3 -24.04 -5.92 -31.08
CA ASP A 3 -24.35 -4.76 -31.91
C ASP A 3 -25.45 -3.92 -31.28
N ALA A 4 -25.20 -2.62 -31.17
CA ALA A 4 -26.19 -1.71 -30.60
C ALA A 4 -26.78 -0.80 -31.66
N GLY A 5 -26.05 -0.59 -32.74
CA GLY A 5 -26.52 0.25 -33.82
C GLY A 5 -25.62 1.45 -34.06
N ARG A 6 -25.68 2.00 -35.27
CA ARG A 6 -24.85 3.15 -35.63
C ARG A 6 -25.71 4.39 -35.79
N LYS A 7 -26.98 4.29 -35.39
CA LYS A 7 -27.91 5.41 -35.49
C LYS A 7 -27.42 6.60 -34.67
N GLY A 8 -26.55 6.33 -33.70
CA GLY A 8 -26.03 7.38 -32.86
C GLY A 8 -26.65 7.40 -31.48
N PHE A 9 -27.90 7.87 -31.41
CA PHE A 9 -28.62 7.93 -30.14
C PHE A 9 -29.00 6.53 -29.65
N GLY A 10 -28.81 5.54 -30.52
CA GLY A 10 -29.14 4.18 -30.15
C GLY A 10 -27.94 3.42 -29.59
N GLU A 11 -26.77 3.65 -30.18
CA GLU A 11 -25.55 2.98 -29.73
C GLU A 11 -25.19 3.42 -28.31
N LYS A 12 -25.69 4.59 -27.91
CA LYS A 12 -25.42 5.12 -26.58
C LYS A 12 -26.52 4.73 -25.60
N ALA A 13 -27.77 4.90 -26.02
CA ALA A 13 -28.90 4.55 -25.18
C ALA A 13 -29.01 3.05 -24.97
N SER A 14 -28.66 2.29 -26.01
CA SER A 14 -28.71 0.83 -25.95
C SER A 14 -27.55 0.28 -25.13
N GLU A 15 -26.40 0.96 -25.21
CA GLU A 15 -25.22 0.54 -24.48
C GLU A 15 -25.19 1.12 -23.08
N ALA A 16 -25.85 2.27 -22.91
CA ALA A 16 -25.91 2.92 -21.62
C ALA A 16 -26.96 2.28 -20.71
N LEU A 17 -27.85 1.50 -21.31
CA LEU A 17 -28.90 0.82 -20.57
C LEU A 17 -28.54 -0.65 -20.34
N LYS A 18 -27.53 -1.12 -21.06
CA LYS A 18 -27.09 -2.50 -20.94
C LYS A 18 -27.04 -2.93 -19.48
N PRO A 19 -27.17 -4.25 -19.24
CA PRO A 19 -27.15 -4.81 -17.89
C PRO A 19 -25.77 -4.73 -17.24
N ASP A 20 -24.79 -4.30 -18.02
CA ASP A 20 -23.42 -4.17 -17.52
C ASP A 20 -22.80 -2.86 -18.00
N SER A 21 -23.47 -1.75 -17.74
CA SER A 21 -22.98 -0.44 -18.15
C SER A 21 -22.30 0.27 -16.98
N GLN A 22 -22.58 -0.19 -15.77
CA GLN A 22 -22.00 0.40 -14.57
C GLN A 22 -20.93 -0.51 -13.98
N LYS A 23 -20.90 -1.76 -14.44
CA LYS A 23 -19.92 -2.73 -13.96
C LYS A 23 -18.78 -2.88 -14.96
N SER A 24 -19.06 -3.57 -16.07
CA SER A 24 -18.06 -3.79 -17.10
C SER A 24 -17.28 -2.51 -17.39
N TYR A 25 -17.92 -1.38 -17.18
CA TYR A 25 -17.29 -0.08 -17.42
C TYR A 25 -16.58 0.41 -16.17
N ALA A 26 -17.33 0.54 -15.08
CA ALA A 26 -16.76 0.99 -13.81
C ALA A 26 -15.87 -0.07 -13.18
N GLU A 27 -16.38 -1.29 -13.10
CA GLU A 27 -15.62 -2.39 -12.52
C GLU A 27 -14.23 -2.49 -13.14
N GLN A 28 -14.20 -2.62 -14.47
CA GLN A 28 -12.93 -2.73 -15.18
C GLN A 28 -11.96 -1.64 -14.73
N GLY A 29 -12.50 -0.46 -14.44
CA GLY A 29 -11.67 0.64 -14.00
C GLY A 29 -11.18 0.47 -12.57
N LYS A 30 -12.08 0.07 -11.69
CA LYS A 30 -11.74 -0.13 -10.28
C LYS A 30 -10.78 -1.30 -10.11
N GLU A 31 -11.13 -2.44 -10.70
CA GLU A 31 -10.30 -3.63 -10.61
C GLU A 31 -8.83 -3.29 -10.89
N TYR A 32 -8.62 -2.24 -11.68
CA TYR A 32 -7.26 -1.81 -12.02
C TYR A 32 -6.61 -1.09 -10.84
N ILE A 33 -7.42 -0.32 -10.11
CA ILE A 33 -6.92 0.43 -8.96
C ILE A 33 -7.08 -0.38 -7.67
N THR A 34 -8.32 -0.73 -7.36
CA THR A 34 -8.61 -1.50 -6.16
C THR A 34 -7.52 -2.52 -5.88
N ASP A 35 -7.12 -3.26 -6.91
CA ASP A 35 -6.08 -4.27 -6.78
C ASP A 35 -4.75 -3.63 -6.40
N LYS A 36 -4.30 -2.68 -7.21
CA LYS A 36 -3.04 -1.99 -6.96
C LYS A 36 -3.07 -1.27 -5.61
N ALA A 37 -4.16 -0.55 -5.36
CA ALA A 37 -4.31 0.19 -4.10
C ALA A 37 -4.19 -0.75 -2.91
N ASP A 38 -4.92 -1.86 -2.95
CA ASP A 38 -4.89 -2.83 -1.87
C ASP A 38 -3.46 -3.20 -1.49
N LYS A 39 -2.54 -3.00 -2.45
CA LYS A 39 -1.14 -3.30 -2.22
C LYS A 39 -0.37 -2.06 -1.77
N VAL A 40 -0.69 -0.92 -2.38
CA VAL A 40 -0.04 0.33 -2.04
C VAL A 40 -0.29 0.71 -0.59
N ALA A 41 -1.13 -0.07 0.09
CA ALA A 41 -1.45 0.18 1.49
C ALA A 41 -0.61 -0.69 2.41
N GLY A 42 0.10 -1.66 1.82
CA GLY A 42 0.93 -2.55 2.61
C GLY A 42 2.37 -2.10 2.66
N LYS A 43 2.70 -1.07 1.88
CA LYS A 43 4.05 -0.53 1.85
C LYS A 43 4.06 0.96 2.16
N VAL A 44 3.02 1.66 1.71
CA VAL A 44 2.90 3.09 1.94
C VAL A 44 3.52 3.48 3.28
N GLN A 45 3.15 2.75 4.33
CA GLN A 45 3.66 3.02 5.67
C GLN A 45 5.18 2.89 5.70
N PRO A 46 5.87 4.03 5.89
CA PRO A 46 7.33 4.08 5.96
C PRO A 46 7.87 3.42 7.22
N GLU A 47 7.01 3.22 8.20
CA GLU A 47 7.41 2.59 9.46
C GLU A 47 7.23 1.08 9.40
N ASP A 48 6.77 0.59 8.25
CA ASP A 48 6.57 -0.84 8.06
C ASP A 48 7.90 -1.56 7.87
N ASN A 49 8.98 -0.80 7.82
CA ASN A 49 10.32 -1.36 7.64
C ASN A 49 10.62 -2.38 8.73
N LYS A 50 9.99 -2.20 9.89
CA LYS A 50 10.19 -3.11 11.02
C LYS A 50 9.11 -4.19 11.04
N GLY A 51 7.87 -3.79 10.80
CA GLY A 51 6.77 -4.74 10.80
C GLY A 51 7.03 -5.93 9.91
N VAL A 52 7.90 -5.75 8.92
CA VAL A 52 8.24 -6.83 7.99
C VAL A 52 9.14 -7.86 8.66
N PHE A 53 10.07 -7.39 9.48
CA PHE A 53 11.00 -8.26 10.17
C PHE A 53 10.43 -8.69 11.53
N GLN A 54 9.28 -8.14 11.88
CA GLN A 54 8.64 -8.46 13.15
C GLN A 54 8.37 -9.95 13.26
N GLY A 55 8.24 -10.61 12.11
CA GLY A 55 7.98 -12.04 12.09
C GLY A 55 9.25 -12.86 12.05
N VAL A 56 10.12 -12.54 11.10
CA VAL A 56 11.39 -13.26 10.95
C VAL A 56 12.26 -13.09 12.19
N HIS A 57 12.19 -11.92 12.80
CA HIS A 57 12.98 -11.63 14.00
C HIS A 57 12.81 -12.73 15.04
N ASP A 58 11.55 -13.04 15.35
CA ASP A 58 11.24 -14.08 16.33
C ASP A 58 11.57 -15.47 15.78
N SER A 59 11.72 -15.56 14.47
CA SER A 59 12.03 -16.82 13.82
C SER A 59 13.52 -17.10 13.86
N ALA A 60 14.32 -16.03 13.88
CA ALA A 60 15.77 -16.15 13.92
C ALA A 60 16.28 -16.22 15.35
N GLU A 61 15.36 -16.36 16.29
CA GLU A 61 15.71 -16.43 17.71
C GLU A 61 16.78 -17.48 17.95
N LYS A 62 16.79 -18.51 17.11
CA LYS A 62 17.76 -19.60 17.23
C LYS A 62 19.08 -19.21 16.55
N GLY A 63 18.99 -18.47 15.46
CA GLY A 63 20.17 -18.05 14.74
C GLY A 63 20.62 -16.65 15.12
N LYS A 64 20.14 -16.18 16.26
CA LYS A 64 20.50 -14.84 16.75
C LYS A 64 21.61 -14.92 17.78
N ASP A 65 22.40 -15.98 17.71
CA ASP A 65 23.51 -16.17 18.64
C ASP A 65 24.85 -16.01 17.91
N ASN A 66 24.80 -15.46 16.70
CA ASN A 66 26.01 -15.25 15.91
C ASN A 66 27.10 -14.58 16.75
N ALA A 67 26.68 -13.85 17.79
CA ALA A 67 27.62 -13.16 18.66
C ALA A 67 28.69 -14.12 19.17
N GLU A 68 28.33 -15.39 19.30
CA GLU A 68 29.26 -16.41 19.78
C GLU A 68 30.46 -16.53 18.85
N GLY A 69 31.63 -16.82 19.41
CA GLY A 69 32.83 -16.97 18.61
C GLY A 69 33.56 -15.66 18.43
N GLN A 70 32.83 -14.60 18.07
CA GLN A 70 33.41 -13.30 17.86
C GLN A 70 34.26 -12.87 19.06
N GLY A 71 35.30 -12.09 18.80
CA GLY A 71 36.17 -11.64 19.88
C GLY A 71 37.30 -10.76 19.37
N GLU A 72 38.18 -11.33 18.56
CA GLU A 72 39.32 -10.59 18.01
C GLU A 72 39.04 -10.17 16.57
N SER A 73 38.30 -11.01 15.85
CA SER A 73 37.99 -10.73 14.45
C SER A 73 37.50 -11.99 13.74
N LEU A 74 36.49 -11.84 12.90
CA LEU A 74 35.94 -12.96 12.14
C LEU A 74 36.90 -13.42 11.06
N ALA A 75 37.94 -12.63 10.84
CA ALA A 75 38.94 -12.95 9.82
C ALA A 75 39.99 -13.92 10.36
N ASP A 76 40.28 -13.79 11.66
CA ASP A 76 41.27 -14.66 12.30
C ASP A 76 40.89 -16.12 12.14
N GLN A 77 39.60 -16.42 12.29
CA GLN A 77 39.12 -17.79 12.17
C GLN A 77 38.92 -18.16 10.70
N ALA A 78 38.38 -17.23 9.93
CA ALA A 78 38.14 -17.47 8.51
C ALA A 78 39.31 -18.21 7.87
N ARG A 79 40.52 -17.93 8.34
CA ARG A 79 41.72 -18.57 7.82
C ARG A 79 41.82 -20.00 8.32
N ASP A 80 41.93 -20.17 9.64
CA ASP A 80 42.05 -21.49 10.24
C ASP A 80 40.70 -22.21 10.23
N TYR A 81 39.67 -21.55 10.75
CA TYR A 81 38.34 -22.13 10.81
C TYR A 81 38.00 -22.83 9.49
N MET A 82 37.91 -22.06 8.42
CA MET A 82 37.60 -22.62 7.11
C MET A 82 38.43 -23.86 6.82
N GLY A 83 39.68 -23.84 7.29
CA GLY A 83 40.56 -24.98 7.07
C GLY A 83 40.20 -26.17 7.92
N ALA A 84 40.18 -25.98 9.23
CA ALA A 84 39.84 -27.05 10.16
C ALA A 84 38.47 -27.63 9.84
N ALA A 85 37.67 -26.89 9.09
CA ALA A 85 36.33 -27.33 8.71
C ALA A 85 36.36 -28.07 7.38
N LYS A 86 36.51 -27.31 6.29
CA LYS A 86 36.55 -27.89 4.96
C LYS A 86 37.47 -29.10 4.92
N SER A 87 38.55 -29.05 5.71
CA SER A 87 39.51 -30.14 5.75
C SER A 87 38.98 -31.29 6.62
N LYS A 88 38.89 -31.04 7.93
CA LYS A 88 38.40 -32.05 8.86
C LYS A 88 36.97 -32.45 8.53
N LEU A 89 36.06 -31.47 8.59
CA LEU A 89 34.65 -31.73 8.30
C LEU A 89 34.50 -32.62 7.07
N ASN A 90 35.11 -32.18 5.96
CA ASN A 90 35.04 -32.95 4.71
C ASN A 90 35.80 -34.26 4.84
N ASP A 91 37.11 -34.15 5.05
CA ASP A 91 37.96 -35.34 5.18
C ASP A 91 37.43 -36.26 6.27
N ALA A 92 36.58 -35.72 7.13
CA ALA A 92 36.01 -36.50 8.23
C ALA A 92 34.59 -36.96 7.89
N VAL A 93 33.89 -36.16 7.08
CA VAL A 93 32.53 -36.49 6.68
C VAL A 93 32.48 -36.91 5.22
N GLU A 94 33.14 -36.15 4.36
CA GLU A 94 33.18 -36.45 2.93
C GLU A 94 34.05 -37.66 2.65
N TYR A 95 35.15 -37.78 3.39
CA TYR A 95 36.08 -38.89 3.22
C TYR A 95 35.61 -40.11 4.00
N VAL A 96 35.16 -39.88 5.23
CA VAL A 96 34.69 -40.96 6.08
C VAL A 96 33.22 -41.28 5.80
N SER A 97 32.34 -40.33 6.10
CA SER A 97 30.91 -40.50 5.88
C SER A 97 30.61 -40.72 4.40
N GLY A 98 31.55 -40.31 3.54
CA GLY A 98 31.37 -40.46 2.12
C GLY A 98 31.86 -41.80 1.60
N ARG A 99 32.73 -42.45 2.38
CA ARG A 99 33.28 -43.74 2.00
C ARG A 99 32.36 -44.88 2.43
N VAL A 100 31.92 -44.82 3.69
CA VAL A 100 31.04 -45.85 4.23
C VAL A 100 29.68 -45.82 3.53
N HIS A 101 29.23 -44.62 3.15
CA HIS A 101 27.96 -44.46 2.47
C HIS A 101 27.87 -45.34 1.23
N GLY A 102 29.03 -45.57 0.62
CA GLY A 102 29.08 -46.40 -0.59
C GLY A 102 29.81 -47.71 -0.35
N GLU A 103 30.81 -47.98 -1.19
CA GLU A 103 31.59 -49.20 -1.07
C GLU A 103 32.88 -48.97 -0.30
N GLU A 104 33.13 -49.80 0.70
CA GLU A 104 34.34 -49.68 1.51
C GLU A 104 35.40 -50.67 1.07
N ASP A 105 35.16 -51.32 -0.07
CA ASP A 105 36.10 -52.29 -0.60
C ASP A 105 37.46 -51.66 -0.87
N PRO A 106 38.53 -52.43 -0.65
CA PRO A 106 39.90 -51.97 -0.86
C PRO A 106 40.23 -51.77 -2.34
N THR A 107 40.19 -50.51 -2.79
CA THR A 107 40.48 -50.19 -4.18
C THR A 107 41.92 -49.74 -4.35
N LYS A 108 42.76 -50.09 -3.38
CA LYS A 108 44.18 -49.72 -3.43
C LYS A 108 45.06 -50.94 -3.65
N LYS A 109 46.36 -50.70 -3.84
CA LYS A 109 47.30 -51.79 -4.07
C LYS A 109 48.58 -51.58 -3.26
N MET A 1 -28.74 18.62 2.84
CA MET A 1 -30.00 17.91 2.84
C MET A 1 -30.34 17.42 1.44
N SER A 2 -31.56 16.89 1.28
CA SER A 2 -32.01 16.38 -0.01
C SER A 2 -33.48 15.96 0.06
N ASP A 3 -34.30 16.60 -0.76
CA ASP A 3 -35.73 16.31 -0.80
C ASP A 3 -36.10 15.59 -2.10
N ALA A 4 -35.36 15.90 -3.16
CA ALA A 4 -35.62 15.30 -4.46
C ALA A 4 -35.50 13.78 -4.39
N GLY A 5 -34.75 13.29 -3.40
CA GLY A 5 -34.57 11.86 -3.25
C GLY A 5 -33.52 11.52 -2.20
N ARG A 6 -33.97 11.01 -1.06
CA ARG A 6 -33.06 10.64 0.01
C ARG A 6 -32.51 9.24 -0.19
N LYS A 7 -33.39 8.31 -0.57
CA LYS A 7 -32.98 6.93 -0.80
C LYS A 7 -32.48 6.74 -2.22
N GLY A 8 -32.80 7.70 -3.09
CA GLY A 8 -32.36 7.62 -4.47
C GLY A 8 -33.01 6.47 -5.22
N PHE A 9 -34.00 6.79 -6.04
CA PHE A 9 -34.71 5.78 -6.82
C PHE A 9 -34.03 5.55 -8.16
N GLY A 10 -33.34 6.58 -8.66
CA GLY A 10 -32.65 6.46 -9.93
C GLY A 10 -31.20 6.06 -9.77
N GLU A 11 -30.68 6.18 -8.55
CA GLU A 11 -29.29 5.83 -8.28
C GLU A 11 -29.16 4.34 -7.95
N LYS A 12 -30.23 3.77 -7.41
CA LYS A 12 -30.24 2.36 -7.05
C LYS A 12 -30.82 1.51 -8.19
N ALA A 13 -31.85 2.04 -8.84
CA ALA A 13 -32.50 1.34 -9.95
C ALA A 13 -31.62 1.36 -11.18
N SER A 14 -30.68 2.29 -11.24
CA SER A 14 -29.79 2.42 -12.38
C SER A 14 -28.45 1.72 -12.09
N GLU A 15 -28.11 1.60 -10.82
CA GLU A 15 -26.87 0.95 -10.42
C GLU A 15 -27.12 -0.49 -9.97
N ALA A 16 -28.35 -0.75 -9.53
CA ALA A 16 -28.72 -2.09 -9.08
C ALA A 16 -29.36 -2.89 -10.21
N LEU A 17 -29.79 -2.20 -11.25
CA LEU A 17 -30.43 -2.84 -12.40
C LEU A 17 -29.56 -2.70 -13.65
N LYS A 18 -28.55 -1.86 -13.56
CA LYS A 18 -27.64 -1.64 -14.68
C LYS A 18 -27.35 -2.94 -15.41
N PRO A 19 -27.93 -3.10 -16.62
CA PRO A 19 -27.75 -4.29 -17.44
C PRO A 19 -26.32 -4.40 -17.99
N ASP A 20 -25.37 -4.63 -17.10
CA ASP A 20 -23.97 -4.76 -17.50
C ASP A 20 -23.54 -3.57 -18.35
N SER A 21 -24.15 -2.42 -18.11
CA SER A 21 -23.83 -1.21 -18.86
C SER A 21 -22.96 -0.28 -18.03
N GLN A 22 -22.84 -0.58 -16.74
CA GLN A 22 -22.03 0.24 -15.83
C GLN A 22 -20.86 -0.57 -15.28
N LYS A 23 -21.18 -1.62 -14.52
CA LYS A 23 -20.16 -2.48 -13.93
C LYS A 23 -19.00 -2.70 -14.90
N SER A 24 -19.22 -3.51 -15.92
CA SER A 24 -18.20 -3.81 -16.92
C SER A 24 -17.38 -2.56 -17.23
N TYR A 25 -18.01 -1.40 -17.13
CA TYR A 25 -17.33 -0.13 -17.40
C TYR A 25 -16.58 0.35 -16.17
N ALA A 26 -17.29 0.51 -15.07
CA ALA A 26 -16.69 0.97 -13.81
C ALA A 26 -15.79 -0.10 -13.22
N GLU A 27 -16.32 -1.32 -13.12
CA GLU A 27 -15.56 -2.43 -12.56
C GLU A 27 -14.17 -2.52 -13.18
N GLN A 28 -14.13 -2.63 -14.51
CA GLN A 28 -12.87 -2.71 -15.23
C GLN A 28 -11.89 -1.63 -14.77
N GLY A 29 -12.44 -0.45 -14.45
CA GLY A 29 -11.62 0.66 -14.01
C GLY A 29 -11.13 0.48 -12.58
N LYS A 30 -12.04 0.05 -11.70
CA LYS A 30 -11.71 -0.16 -10.30
C LYS A 30 -10.73 -1.32 -10.15
N GLU A 31 -11.07 -2.46 -10.74
CA GLU A 31 -10.23 -3.65 -10.67
C GLU A 31 -8.77 -3.29 -10.94
N TYR A 32 -8.55 -2.24 -11.71
CA TYR A 32 -7.20 -1.80 -12.05
C TYR A 32 -6.56 -1.07 -10.86
N ILE A 33 -7.37 -0.32 -10.13
CA ILE A 33 -6.88 0.43 -8.97
C ILE A 33 -7.04 -0.39 -7.69
N THR A 34 -8.27 -0.76 -7.38
CA THR A 34 -8.56 -1.54 -6.18
C THR A 34 -7.45 -2.56 -5.91
N ASP A 35 -7.03 -3.28 -6.95
CA ASP A 35 -5.98 -4.27 -6.81
C ASP A 35 -4.66 -3.62 -6.42
N LYS A 36 -4.22 -2.66 -7.23
CA LYS A 36 -2.98 -1.95 -6.97
C LYS A 36 -3.03 -1.25 -5.62
N ALA A 37 -4.13 -0.55 -5.35
CA ALA A 37 -4.29 0.16 -4.09
C ALA A 37 -4.17 -0.79 -2.90
N ASP A 38 -4.89 -1.91 -2.97
CA ASP A 38 -4.86 -2.89 -1.89
C ASP A 38 -3.43 -3.24 -1.51
N LYS A 39 -2.50 -3.01 -2.43
CA LYS A 39 -1.10 -3.30 -2.19
C LYS A 39 -0.36 -2.04 -1.72
N VAL A 40 -0.69 -0.90 -2.30
CA VAL A 40 -0.06 0.37 -1.94
C VAL A 40 -0.34 0.71 -0.48
N ALA A 41 -1.19 -0.10 0.17
CA ALA A 41 -1.54 0.12 1.57
C ALA A 41 -0.67 -0.73 2.48
N GLY A 42 0.03 -1.70 1.90
CA GLY A 42 0.88 -2.58 2.68
C GLY A 42 2.30 -2.08 2.78
N LYS A 43 2.63 -1.08 1.96
CA LYS A 43 3.97 -0.50 1.94
C LYS A 43 3.91 1.01 2.17
N VAL A 44 2.89 1.65 1.62
CA VAL A 44 2.73 3.09 1.76
C VAL A 44 3.64 3.64 2.84
N GLN A 45 4.69 4.36 2.41
CA GLN A 45 5.65 4.95 3.34
C GLN A 45 4.93 5.72 4.44
N PRO A 46 4.95 5.16 5.66
CA PRO A 46 4.30 5.78 6.82
C PRO A 46 5.03 7.04 7.28
N GLU A 47 6.31 7.15 6.92
CA GLU A 47 7.11 8.30 7.30
C GLU A 47 7.04 9.39 6.22
N ASP A 48 6.34 9.09 5.14
CA ASP A 48 6.20 10.04 4.04
C ASP A 48 5.10 11.06 4.34
N ASN A 49 4.50 10.93 5.52
CA ASN A 49 3.44 11.84 5.93
C ASN A 49 3.98 13.24 6.20
N LYS A 50 5.28 13.32 6.50
CA LYS A 50 5.92 14.60 6.77
C LYS A 50 6.60 15.14 5.51
N GLY A 51 6.83 14.26 4.54
CA GLY A 51 7.48 14.66 3.31
C GLY A 51 6.53 15.33 2.35
N VAL A 52 5.23 15.21 2.62
CA VAL A 52 4.21 15.82 1.78
C VAL A 52 3.97 17.28 2.16
N PHE A 53 4.00 17.55 3.45
CA PHE A 53 3.77 18.90 3.95
C PHE A 53 5.09 19.67 4.05
N GLN A 54 6.20 18.96 3.84
CA GLN A 54 7.52 19.57 3.92
C GLN A 54 7.58 20.83 3.06
N GLY A 55 6.93 20.79 1.92
CA GLY A 55 6.93 21.94 1.02
C GLY A 55 5.75 22.86 1.27
N VAL A 56 4.79 22.39 2.06
CA VAL A 56 3.61 23.19 2.38
C VAL A 56 3.83 24.03 3.62
N HIS A 57 4.63 23.52 4.55
CA HIS A 57 4.92 24.23 5.79
C HIS A 57 5.39 25.65 5.50
N ASP A 58 6.02 25.84 4.35
CA ASP A 58 6.52 27.15 3.96
C ASP A 58 5.40 28.19 3.97
N SER A 59 4.17 27.72 3.71
CA SER A 59 3.02 28.61 3.69
C SER A 59 2.75 29.19 5.07
N ALA A 60 3.26 28.52 6.09
CA ALA A 60 3.08 28.98 7.48
C ALA A 60 4.22 29.90 7.89
N GLU A 61 5.03 30.31 6.93
CA GLU A 61 6.16 31.20 7.20
C GLU A 61 5.71 32.42 7.99
N LYS A 62 4.45 32.82 7.80
CA LYS A 62 3.89 33.97 8.49
C LYS A 62 3.62 33.64 9.95
N GLY A 63 2.92 32.54 10.18
CA GLY A 63 2.60 32.14 11.54
C GLY A 63 3.64 31.21 12.13
N LYS A 64 4.84 31.22 11.55
CA LYS A 64 5.93 30.37 12.03
C LYS A 64 6.32 30.76 13.46
N ASP A 65 5.89 31.92 13.90
CA ASP A 65 6.20 32.40 15.24
C ASP A 65 5.39 31.64 16.28
N ASN A 66 4.38 30.91 15.83
CA ASN A 66 3.52 30.14 16.72
C ASN A 66 3.99 28.69 16.80
N ALA A 67 5.06 28.38 16.07
CA ALA A 67 5.61 27.03 16.06
C ALA A 67 6.40 26.74 17.33
N GLU A 68 6.92 27.80 17.94
CA GLU A 68 7.71 27.66 19.16
C GLU A 68 6.95 26.83 20.21
N GLY A 69 7.69 26.06 20.99
CA GLY A 69 7.08 25.24 22.02
C GLY A 69 8.09 24.68 22.99
N GLN A 70 9.15 24.07 22.47
CA GLN A 70 10.19 23.49 23.30
C GLN A 70 10.78 24.53 24.24
N GLY A 71 10.67 24.29 25.54
CA GLY A 71 11.20 25.21 26.53
C GLY A 71 10.78 24.87 27.93
N GLU A 72 9.50 24.54 28.10
CA GLU A 72 8.97 24.19 29.42
C GLU A 72 8.80 22.67 29.56
N SER A 73 9.06 21.96 28.46
CA SER A 73 8.93 20.50 28.45
C SER A 73 7.47 20.10 28.28
N LEU A 74 6.58 20.80 28.97
CA LEU A 74 5.15 20.51 28.90
C LEU A 74 4.48 21.32 27.80
N ALA A 75 5.20 22.33 27.29
CA ALA A 75 4.67 23.18 26.23
C ALA A 75 4.90 22.55 24.86
N ASP A 76 6.00 21.82 24.73
CA ASP A 76 6.34 21.16 23.47
C ASP A 76 5.26 20.15 23.09
N GLN A 77 4.68 19.50 24.09
CA GLN A 77 3.64 18.50 23.85
C GLN A 77 2.27 19.15 23.81
N ALA A 78 2.04 20.12 24.69
CA ALA A 78 0.77 20.83 24.76
C ALA A 78 0.29 21.21 23.35
N ARG A 79 1.23 21.54 22.48
CA ARG A 79 0.90 21.93 21.11
C ARG A 79 0.54 20.71 20.27
N ASP A 80 1.34 19.65 20.39
CA ASP A 80 1.10 18.43 19.64
C ASP A 80 0.20 17.47 20.43
N TYR A 81 0.63 17.11 21.64
CA TYR A 81 -0.13 16.21 22.49
C TYR A 81 -1.62 16.50 22.37
N MET A 82 -2.01 17.72 22.72
CA MET A 82 -3.41 18.13 22.66
C MET A 82 -3.95 18.00 21.24
N GLY A 83 -3.29 18.66 20.30
CA GLY A 83 -3.71 18.61 18.92
C GLY A 83 -3.93 17.20 18.43
N ALA A 84 -3.29 16.24 19.09
CA ALA A 84 -3.42 14.84 18.71
C ALA A 84 -4.51 14.15 19.52
N ALA A 85 -4.55 14.45 20.81
CA ALA A 85 -5.55 13.86 21.70
C ALA A 85 -6.79 14.75 21.80
N LYS A 86 -6.68 15.82 22.58
CA LYS A 86 -7.79 16.75 22.77
C LYS A 86 -8.49 17.03 21.44
N SER A 87 -7.72 17.06 20.36
CA SER A 87 -8.25 17.32 19.03
C SER A 87 -8.90 16.07 18.46
N LYS A 88 -8.08 15.09 18.10
CA LYS A 88 -8.58 13.84 17.53
C LYS A 88 -9.49 13.12 18.52
N LEU A 89 -8.94 12.77 19.68
CA LEU A 89 -9.72 12.08 20.71
C LEU A 89 -11.10 12.70 20.86
N ASN A 90 -11.14 14.01 21.07
CA ASN A 90 -12.40 14.72 21.22
C ASN A 90 -13.15 14.79 19.90
N ASP A 91 -12.57 15.44 18.92
CA ASP A 91 -13.19 15.58 17.59
C ASP A 91 -13.55 14.21 17.03
N ALA A 92 -12.94 13.17 17.59
CA ALA A 92 -13.20 11.80 17.14
C ALA A 92 -14.19 11.10 18.05
N VAL A 93 -14.17 11.45 19.33
CA VAL A 93 -15.07 10.86 20.31
C VAL A 93 -16.16 11.83 20.72
N GLU A 94 -15.77 13.07 21.00
CA GLU A 94 -16.73 14.10 21.40
C GLU A 94 -17.57 14.55 20.22
N TYR A 95 -16.95 14.64 19.05
CA TYR A 95 -17.65 15.05 17.84
C TYR A 95 -18.38 13.88 17.20
N VAL A 96 -17.71 12.73 17.15
CA VAL A 96 -18.30 11.53 16.56
C VAL A 96 -19.13 10.77 17.59
N SER A 97 -18.47 10.24 18.62
CA SER A 97 -19.15 9.49 19.66
C SER A 97 -20.17 10.38 20.38
N GLY A 98 -20.01 11.68 20.25
CA GLY A 98 -20.93 12.62 20.90
C GLY A 98 -22.11 12.96 20.03
N ARG A 99 -21.98 12.73 18.72
CA ARG A 99 -23.06 13.02 17.78
C ARG A 99 -24.00 11.83 17.64
N VAL A 100 -23.43 10.62 17.67
CA VAL A 100 -24.23 9.41 17.54
C VAL A 100 -24.75 8.96 18.90
N HIS A 101 -23.89 8.97 19.91
CA HIS A 101 -24.27 8.57 21.25
C HIS A 101 -24.44 9.79 22.16
N GLY A 102 -24.83 10.91 21.56
CA GLY A 102 -25.03 12.13 22.32
C GLY A 102 -25.98 11.94 23.48
N GLU A 103 -26.90 10.99 23.34
CA GLU A 103 -27.88 10.71 24.39
C GLU A 103 -27.19 10.52 25.73
N GLU A 104 -27.50 11.41 26.68
CA GLU A 104 -26.90 11.35 28.01
C GLU A 104 -27.76 10.50 28.94
N ASP A 105 -28.73 9.80 28.37
CA ASP A 105 -29.62 8.95 29.15
C ASP A 105 -29.01 7.56 29.34
N PRO A 106 -29.49 6.84 30.36
CA PRO A 106 -29.01 5.49 30.68
C PRO A 106 -29.44 4.46 29.64
N THR A 107 -28.72 4.44 28.52
CA THR A 107 -29.02 3.50 27.44
C THR A 107 -27.87 2.52 27.22
N LYS A 108 -26.67 2.92 27.64
CA LYS A 108 -25.49 2.08 27.49
C LYS A 108 -25.45 1.00 28.56
N LYS A 109 -25.27 -0.24 28.13
CA LYS A 109 -25.22 -1.38 29.05
C LYS A 109 -23.89 -1.40 29.81
N MET A 1 -47.82 8.41 -15.36
CA MET A 1 -48.02 9.67 -16.08
C MET A 1 -47.59 9.53 -17.53
N SER A 2 -46.51 8.78 -17.76
CA SER A 2 -45.99 8.58 -19.11
C SER A 2 -46.90 7.64 -19.90
N ASP A 3 -47.10 6.44 -19.38
CA ASP A 3 -47.95 5.44 -20.04
C ASP A 3 -48.26 4.29 -19.10
N ALA A 4 -49.54 3.99 -18.95
CA ALA A 4 -49.98 2.90 -18.08
C ALA A 4 -49.34 1.58 -18.49
N GLY A 5 -48.92 1.49 -19.76
CA GLY A 5 -48.30 0.27 -20.25
C GLY A 5 -46.80 0.42 -20.42
N ARG A 6 -46.04 -0.04 -19.42
CA ARG A 6 -44.59 0.05 -19.47
C ARG A 6 -43.97 -1.33 -19.61
N LYS A 7 -44.81 -2.33 -19.88
CA LYS A 7 -44.34 -3.70 -20.04
C LYS A 7 -43.37 -3.81 -21.21
N GLY A 8 -43.39 -2.82 -22.09
CA GLY A 8 -42.51 -2.82 -23.24
C GLY A 8 -41.60 -1.61 -23.27
N PHE A 9 -41.93 -0.59 -22.50
CA PHE A 9 -41.14 0.62 -22.43
C PHE A 9 -40.07 0.53 -21.34
N GLY A 10 -40.13 -0.55 -20.57
CA GLY A 10 -39.17 -0.74 -19.49
C GLY A 10 -37.93 -1.48 -19.95
N GLU A 11 -38.09 -2.33 -20.96
CA GLU A 11 -36.97 -3.11 -21.49
C GLU A 11 -35.86 -2.18 -21.99
N LYS A 12 -36.23 -0.96 -22.35
CA LYS A 12 -35.28 0.02 -22.84
C LYS A 12 -34.82 0.95 -21.73
N ALA A 13 -35.78 1.55 -21.03
CA ALA A 13 -35.48 2.46 -19.93
C ALA A 13 -34.71 1.75 -18.83
N SER A 14 -35.11 0.52 -18.53
CA SER A 14 -34.46 -0.27 -17.48
C SER A 14 -33.07 -0.71 -17.94
N GLU A 15 -32.96 -1.12 -19.20
CA GLU A 15 -31.69 -1.57 -19.74
C GLU A 15 -30.79 -0.38 -20.09
N ALA A 16 -31.40 0.77 -20.33
CA ALA A 16 -30.67 1.98 -20.67
C ALA A 16 -30.11 2.64 -19.41
N LEU A 17 -30.77 2.41 -18.29
CA LEU A 17 -30.34 2.99 -17.02
C LEU A 17 -29.69 1.93 -16.12
N LYS A 18 -29.82 0.67 -16.51
CA LYS A 18 -29.25 -0.43 -15.76
C LYS A 18 -27.83 -0.10 -15.31
N PRO A 19 -27.36 -0.79 -14.26
CA PRO A 19 -26.02 -0.58 -13.72
C PRO A 19 -24.93 -1.10 -14.65
N ASP A 20 -25.35 -1.80 -15.69
CA ASP A 20 -24.41 -2.36 -16.66
C ASP A 20 -23.56 -1.26 -17.29
N SER A 21 -24.04 -0.02 -17.19
CA SER A 21 -23.33 1.12 -17.75
C SER A 21 -22.41 1.76 -16.72
N GLN A 22 -22.47 1.26 -15.49
CA GLN A 22 -21.65 1.78 -14.41
C GLN A 22 -20.60 0.75 -13.98
N LYS A 23 -21.00 -0.53 -13.98
CA LYS A 23 -20.10 -1.60 -13.59
C LYS A 23 -19.02 -1.81 -14.64
N SER A 24 -19.40 -2.35 -15.80
CA SER A 24 -18.47 -2.60 -16.89
C SER A 24 -17.51 -1.42 -17.06
N TYR A 25 -17.99 -0.23 -16.71
CA TYR A 25 -17.18 0.98 -16.83
C TYR A 25 -16.33 1.20 -15.59
N ALA A 26 -16.99 1.27 -14.43
CA ALA A 26 -16.30 1.47 -13.17
C ALA A 26 -15.54 0.22 -12.76
N GLU A 27 -16.21 -0.92 -12.80
CA GLU A 27 -15.59 -2.19 -12.42
C GLU A 27 -14.25 -2.37 -13.13
N GLN A 28 -14.28 -2.30 -14.46
CA GLN A 28 -13.06 -2.46 -15.25
C GLN A 28 -11.94 -1.59 -14.70
N GLY A 29 -12.28 -0.40 -14.25
CA GLY A 29 -11.29 0.52 -13.71
C GLY A 29 -10.79 0.07 -12.35
N LYS A 30 -11.71 -0.30 -11.47
CA LYS A 30 -11.34 -0.75 -10.12
C LYS A 30 -10.53 -2.04 -10.19
N GLU A 31 -11.01 -3.00 -10.97
CA GLU A 31 -10.33 -4.28 -11.11
C GLU A 31 -8.83 -4.08 -11.28
N TYR A 32 -8.45 -3.00 -11.95
CA TYR A 32 -7.04 -2.69 -12.19
C TYR A 32 -6.40 -2.12 -10.93
N ILE A 33 -7.13 -1.26 -10.22
CA ILE A 33 -6.64 -0.64 -9.01
C ILE A 33 -6.73 -1.61 -7.82
N THR A 34 -7.94 -2.03 -7.50
CA THR A 34 -8.16 -2.95 -6.40
C THR A 34 -6.96 -3.87 -6.20
N ASP A 35 -6.50 -4.47 -7.29
CA ASP A 35 -5.36 -5.37 -7.24
C ASP A 35 -4.15 -4.69 -6.60
N LYS A 36 -3.61 -3.68 -7.29
CA LYS A 36 -2.46 -2.94 -6.81
C LYS A 36 -2.82 -2.15 -5.56
N ALA A 37 -3.97 -1.47 -5.58
CA ALA A 37 -4.42 -0.68 -4.45
C ALA A 37 -4.26 -1.45 -3.14
N ASP A 38 -4.80 -2.66 -3.10
CA ASP A 38 -4.72 -3.49 -1.91
C ASP A 38 -3.28 -3.57 -1.40
N LYS A 39 -2.33 -3.38 -2.31
CA LYS A 39 -0.92 -3.43 -1.96
C LYS A 39 -0.37 -2.03 -1.68
N VAL A 40 -0.79 -1.06 -2.50
CA VAL A 40 -0.36 0.32 -2.34
C VAL A 40 -0.78 0.88 -0.99
N ALA A 41 -1.57 0.10 -0.26
CA ALA A 41 -2.04 0.53 1.05
C ALA A 41 -1.11 0.04 2.16
N GLY A 42 -0.26 -0.94 1.83
CA GLY A 42 0.66 -1.48 2.80
C GLY A 42 2.01 -0.79 2.77
N LYS A 43 2.14 0.20 1.89
CA LYS A 43 3.39 0.94 1.77
C LYS A 43 3.16 2.44 1.96
N VAL A 44 2.01 2.92 1.50
CA VAL A 44 1.67 4.33 1.63
C VAL A 44 2.06 4.86 3.00
N GLN A 45 1.76 4.10 4.04
CA GLN A 45 2.09 4.49 5.40
C GLN A 45 3.58 4.74 5.55
N PRO A 46 3.95 6.02 5.75
CA PRO A 46 5.35 6.42 5.91
C PRO A 46 5.94 5.95 7.23
N GLU A 47 5.07 5.60 8.18
CA GLU A 47 5.51 5.12 9.49
C GLU A 47 5.67 3.61 9.49
N ASP A 48 5.43 2.98 8.34
CA ASP A 48 5.55 1.54 8.21
C ASP A 48 6.99 1.15 7.94
N ASN A 49 7.89 2.13 7.94
CA ASN A 49 9.30 1.88 7.70
C ASN A 49 9.84 0.79 8.62
N LYS A 50 9.22 0.68 9.79
CA LYS A 50 9.63 -0.32 10.78
C LYS A 50 8.58 -1.42 10.91
N GLY A 51 7.35 -1.09 10.54
CA GLY A 51 6.27 -2.06 10.64
C GLY A 51 6.60 -3.38 9.98
N VAL A 52 7.43 -3.32 8.92
CA VAL A 52 7.82 -4.51 8.19
C VAL A 52 8.61 -5.46 9.09
N PHE A 53 9.46 -4.90 9.95
CA PHE A 53 10.27 -5.69 10.86
C PHE A 53 9.54 -5.91 12.18
N GLN A 54 8.45 -5.19 12.37
CA GLN A 54 7.66 -5.30 13.60
C GLN A 54 7.03 -6.69 13.71
N GLY A 55 6.49 -7.18 12.60
CA GLY A 55 5.86 -8.48 12.60
C GLY A 55 6.82 -9.59 12.23
N VAL A 56 7.98 -9.21 11.68
CA VAL A 56 8.99 -10.18 11.28
C VAL A 56 9.96 -10.47 12.41
N HIS A 57 10.54 -9.42 12.97
CA HIS A 57 11.49 -9.56 14.07
C HIS A 57 10.89 -10.39 15.20
N ASP A 58 9.67 -10.05 15.59
CA ASP A 58 8.99 -10.77 16.66
C ASP A 58 8.60 -12.17 16.21
N SER A 59 8.47 -12.36 14.90
CA SER A 59 8.10 -13.65 14.35
C SER A 59 9.32 -14.57 14.25
N ALA A 60 10.50 -13.97 14.19
CA ALA A 60 11.75 -14.73 14.09
C ALA A 60 12.28 -15.07 15.48
N GLU A 61 11.48 -14.80 16.50
CA GLU A 61 11.87 -15.09 17.88
C GLU A 61 12.32 -16.53 18.03
N LYS A 62 11.76 -17.41 17.21
CA LYS A 62 12.12 -18.82 17.25
C LYS A 62 13.40 -19.09 16.46
N GLY A 63 13.55 -18.40 15.33
CA GLY A 63 14.73 -18.57 14.51
C GLY A 63 15.86 -17.64 14.90
N LYS A 64 15.71 -16.99 16.05
CA LYS A 64 16.72 -16.07 16.54
C LYS A 64 17.66 -16.77 17.53
N ASP A 65 17.84 -18.07 17.35
CA ASP A 65 18.72 -18.85 18.22
C ASP A 65 19.96 -19.29 17.47
N ASN A 66 20.20 -18.69 16.30
CA ASN A 66 21.36 -19.03 15.50
C ASN A 66 22.64 -19.05 16.35
N ALA A 67 22.62 -18.29 17.44
CA ALA A 67 23.76 -18.22 18.33
C ALA A 67 24.24 -19.61 18.73
N GLU A 68 23.30 -20.56 18.78
CA GLU A 68 23.61 -21.93 19.14
C GLU A 68 24.78 -22.47 18.30
N GLY A 69 25.49 -23.45 18.84
CA GLY A 69 26.61 -24.03 18.14
C GLY A 69 27.92 -23.34 18.46
N GLN A 70 28.80 -23.25 17.47
CA GLN A 70 30.10 -22.61 17.65
C GLN A 70 29.93 -21.17 18.14
N GLY A 71 30.49 -20.89 19.31
CA GLY A 71 30.39 -19.55 19.87
C GLY A 71 31.09 -19.43 21.21
N GLU A 72 30.59 -20.16 22.20
CA GLU A 72 31.18 -20.13 23.53
C GLU A 72 32.06 -21.34 23.78
N SER A 73 31.65 -22.49 23.23
CA SER A 73 32.40 -23.73 23.39
C SER A 73 31.54 -24.93 23.01
N LEU A 74 32.13 -25.86 22.27
CA LEU A 74 31.43 -27.06 21.84
C LEU A 74 31.16 -27.99 23.02
N ALA A 75 31.82 -27.71 24.15
CA ALA A 75 31.64 -28.52 25.35
C ALA A 75 30.39 -28.09 26.12
N ASP A 76 30.07 -26.79 26.06
CA ASP A 76 28.91 -26.27 26.75
C ASP A 76 27.63 -26.97 26.28
N GLN A 77 27.55 -27.21 24.97
CA GLN A 77 26.38 -27.86 24.39
C GLN A 77 26.48 -29.38 24.54
N ALA A 78 27.67 -29.91 24.32
CA ALA A 78 27.89 -31.35 24.43
C ALA A 78 27.17 -31.92 25.63
N ARG A 79 27.11 -31.15 26.72
CA ARG A 79 26.45 -31.58 27.94
C ARG A 79 24.93 -31.56 27.77
N ASP A 80 24.38 -30.37 27.47
CA ASP A 80 22.95 -30.22 27.28
C ASP A 80 22.52 -30.75 25.93
N TYR A 81 23.14 -30.25 24.87
CA TYR A 81 22.82 -30.68 23.51
C TYR A 81 22.57 -32.18 23.46
N MET A 82 23.63 -32.96 23.69
CA MET A 82 23.53 -34.42 23.67
C MET A 82 22.42 -34.89 24.60
N GLY A 83 22.50 -34.49 25.87
CA GLY A 83 21.50 -34.89 26.83
C GLY A 83 20.09 -34.63 26.35
N ALA A 84 19.94 -33.70 25.41
CA ALA A 84 18.64 -33.36 24.86
C ALA A 84 18.36 -34.15 23.59
N ALA A 85 19.37 -34.29 22.74
CA ALA A 85 19.23 -35.02 21.49
C ALA A 85 19.64 -36.47 21.65
N LYS A 86 20.94 -36.73 21.70
CA LYS A 86 21.47 -38.07 21.86
C LYS A 86 20.68 -38.84 22.92
N SER A 87 20.23 -38.12 23.94
CA SER A 87 19.46 -38.74 25.02
C SER A 87 18.00 -38.94 24.60
N LYS A 88 17.27 -37.85 24.49
CA LYS A 88 15.86 -37.90 24.10
C LYS A 88 15.72 -38.51 22.71
N LEU A 89 16.28 -37.85 21.71
CA LEU A 89 16.22 -38.32 20.34
C LEU A 89 16.43 -39.83 20.26
N ASN A 90 17.52 -40.29 20.86
CA ASN A 90 17.84 -41.72 20.86
C ASN A 90 16.88 -42.48 21.76
N ASP A 91 16.90 -42.18 23.05
CA ASP A 91 16.02 -42.83 24.01
C ASP A 91 14.56 -42.70 23.60
N ALA A 92 14.29 -41.78 22.68
CA ALA A 92 12.94 -41.55 22.20
C ALA A 92 12.72 -42.23 20.85
N VAL A 93 13.78 -42.33 20.06
CA VAL A 93 13.71 -42.95 18.76
C VAL A 93 14.37 -44.33 18.75
N GLU A 94 15.56 -44.40 19.32
CA GLU A 94 16.30 -45.66 19.39
C GLU A 94 15.68 -46.60 20.41
N TYR A 95 15.23 -46.04 21.53
CA TYR A 95 14.62 -46.83 22.60
C TYR A 95 13.15 -47.11 22.28
N VAL A 96 12.44 -46.08 21.82
CA VAL A 96 11.03 -46.22 21.49
C VAL A 96 10.85 -46.76 20.06
N SER A 97 11.25 -45.97 19.08
CA SER A 97 11.14 -46.37 17.68
C SER A 97 11.94 -47.64 17.41
N GLY A 98 12.89 -47.93 18.30
CA GLY A 98 13.71 -49.11 18.13
C GLY A 98 13.11 -50.33 18.80
N ARG A 99 12.22 -50.10 19.76
CA ARG A 99 11.57 -51.19 20.48
C ARG A 99 10.38 -51.73 19.70
N VAL A 100 9.53 -50.82 19.23
CA VAL A 100 8.35 -51.20 18.47
C VAL A 100 8.73 -51.86 17.15
N HIS A 101 9.84 -51.41 16.57
CA HIS A 101 10.32 -51.96 15.31
C HIS A 101 10.49 -53.47 15.40
N GLY A 102 10.76 -53.95 16.61
CA GLY A 102 10.94 -55.38 16.80
C GLY A 102 9.73 -56.19 16.38
N GLU A 103 8.58 -55.52 16.32
CA GLU A 103 7.34 -56.19 15.93
C GLU A 103 7.27 -56.37 14.42
N GLU A 104 6.23 -57.05 13.96
CA GLU A 104 6.05 -57.30 12.53
C GLU A 104 5.08 -56.28 11.92
N ASP A 105 4.27 -55.67 12.77
CA ASP A 105 3.30 -54.69 12.31
C ASP A 105 3.99 -53.56 11.54
N PRO A 106 3.31 -53.03 10.52
CA PRO A 106 3.84 -51.94 9.70
C PRO A 106 3.90 -50.62 10.46
N THR A 107 5.09 -50.27 10.93
CA THR A 107 5.29 -49.03 11.68
C THR A 107 6.30 -48.12 10.97
N LYS A 108 6.50 -48.37 9.68
CA LYS A 108 7.44 -47.57 8.90
C LYS A 108 6.70 -46.72 7.86
N LYS A 109 7.31 -45.61 7.48
CA LYS A 109 6.71 -44.72 6.49
C LYS A 109 7.10 -45.13 5.07
N MET A 1 -33.49 17.52 -30.83
CA MET A 1 -34.21 18.49 -30.02
C MET A 1 -35.22 17.80 -29.10
N SER A 2 -35.69 16.63 -29.53
CA SER A 2 -36.66 15.86 -28.75
C SER A 2 -36.77 14.44 -29.28
N ASP A 3 -37.60 13.64 -28.61
CA ASP A 3 -37.80 12.25 -29.02
C ASP A 3 -39.27 11.86 -28.92
N ALA A 4 -39.74 11.08 -29.88
CA ALA A 4 -41.13 10.64 -29.90
C ALA A 4 -41.31 9.34 -29.11
N GLY A 5 -40.25 8.93 -28.41
CA GLY A 5 -40.32 7.72 -27.62
C GLY A 5 -41.15 7.87 -26.37
N ARG A 6 -42.47 7.84 -26.54
CA ARG A 6 -43.39 7.98 -25.42
C ARG A 6 -44.11 6.66 -25.12
N LYS A 7 -43.64 5.59 -25.77
CA LYS A 7 -44.23 4.27 -25.58
C LYS A 7 -43.78 3.65 -24.26
N GLY A 8 -42.77 4.26 -23.65
CA GLY A 8 -42.26 3.76 -22.39
C GLY A 8 -41.03 4.52 -21.91
N PHE A 9 -41.20 5.29 -20.84
CA PHE A 9 -40.09 6.07 -20.28
C PHE A 9 -39.10 5.17 -19.56
N GLY A 10 -39.47 3.90 -19.40
CA GLY A 10 -38.59 2.96 -18.72
C GLY A 10 -37.67 2.22 -19.69
N GLU A 11 -38.16 1.98 -20.89
CA GLU A 11 -37.37 1.28 -21.91
C GLU A 11 -36.05 2.00 -22.16
N LYS A 12 -36.00 3.28 -21.81
CA LYS A 12 -34.80 4.09 -22.00
C LYS A 12 -34.08 4.32 -20.68
N ALA A 13 -34.84 4.68 -19.65
CA ALA A 13 -34.28 4.92 -18.33
C ALA A 13 -33.77 3.63 -17.70
N SER A 14 -34.26 2.50 -18.21
CA SER A 14 -33.87 1.19 -17.69
C SER A 14 -32.72 0.62 -18.51
N GLU A 15 -32.71 0.93 -19.80
CA GLU A 15 -31.66 0.43 -20.70
C GLU A 15 -30.52 1.44 -20.81
N ALA A 16 -30.82 2.71 -20.53
CA ALA A 16 -29.83 3.77 -20.59
C ALA A 16 -29.14 3.96 -19.25
N LEU A 17 -29.83 3.61 -18.17
CA LEU A 17 -29.29 3.75 -16.82
C LEU A 17 -28.88 2.38 -16.26
N LYS A 18 -29.16 1.33 -17.02
CA LYS A 18 -28.83 -0.03 -16.61
C LYS A 18 -27.47 -0.05 -15.90
N PRO A 19 -27.31 -1.02 -14.98
CA PRO A 19 -26.07 -1.18 -14.22
C PRO A 19 -24.92 -1.68 -15.09
N ASP A 20 -25.26 -2.45 -16.12
CA ASP A 20 -24.25 -2.98 -17.02
C ASP A 20 -23.45 -1.86 -17.68
N SER A 21 -23.98 -0.64 -17.63
CA SER A 21 -23.32 0.51 -18.21
C SER A 21 -22.46 1.23 -17.17
N GLN A 22 -22.55 0.78 -15.93
CA GLN A 22 -21.79 1.38 -14.84
C GLN A 22 -20.71 0.42 -14.35
N LYS A 23 -21.04 -0.85 -14.28
CA LYS A 23 -20.10 -1.88 -13.83
C LYS A 23 -18.98 -2.08 -14.84
N SER A 24 -19.31 -2.68 -15.97
CA SER A 24 -18.32 -2.93 -17.02
C SER A 24 -17.43 -1.72 -17.22
N TYR A 25 -17.96 -0.53 -16.95
CA TYR A 25 -17.21 0.70 -17.10
C TYR A 25 -16.41 1.01 -15.83
N ALA A 26 -17.11 1.09 -14.71
CA ALA A 26 -16.47 1.39 -13.43
C ALA A 26 -15.66 0.19 -12.94
N GLU A 27 -16.28 -0.98 -12.94
CA GLU A 27 -15.62 -2.20 -12.50
C GLU A 27 -14.25 -2.35 -13.16
N GLN A 28 -14.24 -2.35 -14.48
CA GLN A 28 -13.00 -2.48 -15.23
C GLN A 28 -11.92 -1.54 -14.69
N GLY A 29 -12.34 -0.34 -14.31
CA GLY A 29 -11.41 0.63 -13.77
C GLY A 29 -10.90 0.25 -12.39
N LYS A 30 -11.82 -0.14 -11.52
CA LYS A 30 -11.46 -0.53 -10.16
C LYS A 30 -10.61 -1.80 -10.16
N GLU A 31 -11.03 -2.79 -10.94
CA GLU A 31 -10.31 -4.06 -11.03
C GLU A 31 -8.81 -3.80 -11.17
N TYR A 32 -8.46 -2.71 -11.83
CA TYR A 32 -7.06 -2.36 -12.05
C TYR A 32 -6.46 -1.73 -10.79
N ILE A 33 -7.25 -0.92 -10.10
CA ILE A 33 -6.80 -0.25 -8.88
C ILE A 33 -6.89 -1.19 -7.68
N THR A 34 -8.10 -1.67 -7.40
CA THR A 34 -8.33 -2.58 -6.29
C THR A 34 -7.15 -3.53 -6.10
N ASP A 35 -6.71 -4.13 -7.20
CA ASP A 35 -5.59 -5.07 -7.16
C ASP A 35 -4.37 -4.43 -6.50
N LYS A 36 -3.80 -3.43 -7.18
CA LYS A 36 -2.62 -2.73 -6.67
C LYS A 36 -2.99 -1.86 -5.48
N ALA A 37 -4.28 -1.66 -5.27
CA ALA A 37 -4.77 -0.84 -4.17
C ALA A 37 -4.53 -1.53 -2.83
N ASP A 38 -4.79 -2.84 -2.79
CA ASP A 38 -4.60 -3.62 -1.57
C ASP A 38 -3.12 -3.71 -1.21
N LYS A 39 -2.25 -3.46 -2.18
CA LYS A 39 -0.82 -3.50 -1.97
C LYS A 39 -0.26 -2.12 -1.65
N VAL A 40 -0.67 -1.13 -2.45
CA VAL A 40 -0.22 0.23 -2.26
C VAL A 40 -0.59 0.75 -0.87
N ALA A 41 -1.41 -0.03 -0.16
CA ALA A 41 -1.84 0.34 1.18
C ALA A 41 -0.86 -0.17 2.24
N GLY A 42 -0.02 -1.11 1.85
CA GLY A 42 0.95 -1.67 2.78
C GLY A 42 2.29 -0.96 2.72
N LYS A 43 2.40 0.01 1.81
CA LYS A 43 3.63 0.76 1.64
C LYS A 43 3.38 2.26 1.80
N VAL A 44 2.24 2.72 1.29
CA VAL A 44 1.88 4.12 1.39
C VAL A 44 2.34 4.73 2.70
N GLN A 45 2.03 4.05 3.80
CA GLN A 45 2.42 4.52 5.13
C GLN A 45 3.93 4.62 5.26
N PRO A 46 4.43 5.85 5.37
CA PRO A 46 5.88 6.10 5.50
C PRO A 46 6.42 5.65 6.85
N GLU A 47 5.53 5.46 7.81
CA GLU A 47 5.92 5.03 9.15
C GLU A 47 5.93 3.51 9.24
N ASP A 48 5.59 2.85 8.14
CA ASP A 48 5.57 1.39 8.09
C ASP A 48 6.96 0.81 8.31
N ASN A 49 7.97 1.66 8.20
CA ASN A 49 9.35 1.23 8.38
C ASN A 49 9.56 0.64 9.77
N LYS A 50 8.69 1.01 10.70
CA LYS A 50 8.78 0.50 12.07
C LYS A 50 8.12 -0.87 12.19
N GLY A 51 7.27 -1.19 11.22
CA GLY A 51 6.59 -2.48 11.23
C GLY A 51 7.54 -3.64 11.43
N VAL A 52 8.78 -3.46 11.00
CA VAL A 52 9.80 -4.50 11.14
C VAL A 52 10.07 -4.82 12.60
N PHE A 53 9.99 -3.79 13.44
CA PHE A 53 10.24 -3.95 14.87
C PHE A 53 8.94 -4.27 15.61
N GLN A 54 7.84 -4.30 14.87
CA GLN A 54 6.54 -4.59 15.46
C GLN A 54 6.56 -5.94 16.18
N GLY A 55 7.46 -6.81 15.76
CA GLY A 55 7.57 -8.12 16.38
C GLY A 55 8.55 -8.15 17.53
N VAL A 56 9.76 -7.63 17.29
CA VAL A 56 10.79 -7.58 18.31
C VAL A 56 10.37 -6.72 19.49
N HIS A 57 9.65 -5.64 19.20
CA HIS A 57 9.18 -4.73 20.24
C HIS A 57 8.48 -5.49 21.35
N ASP A 58 7.50 -6.31 20.98
CA ASP A 58 6.75 -7.10 21.95
C ASP A 58 7.61 -8.22 22.52
N SER A 59 8.74 -8.49 21.87
CA SER A 59 9.64 -9.55 22.31
C SER A 59 10.65 -9.00 23.33
N ALA A 60 10.88 -7.70 23.30
CA ALA A 60 11.81 -7.06 24.22
C ALA A 60 11.09 -6.60 25.49
N GLU A 61 9.84 -7.03 25.64
CA GLU A 61 9.06 -6.66 26.81
C GLU A 61 9.80 -7.01 28.10
N LYS A 62 10.44 -8.17 28.11
CA LYS A 62 11.19 -8.62 29.28
C LYS A 62 12.40 -7.71 29.52
N GLY A 63 13.14 -7.41 28.47
CA GLY A 63 14.30 -6.55 28.60
C GLY A 63 13.94 -5.08 28.70
N LYS A 64 12.64 -4.79 28.63
CA LYS A 64 12.16 -3.42 28.70
C LYS A 64 11.23 -3.24 29.90
N ASP A 65 11.46 -4.02 30.95
CA ASP A 65 10.64 -3.95 32.16
C ASP A 65 11.34 -3.13 33.23
N ASN A 66 12.39 -2.40 32.84
CA ASN A 66 13.14 -1.58 33.78
C ASN A 66 12.21 -0.66 34.57
N ALA A 67 11.02 -0.44 34.03
CA ALA A 67 10.04 0.42 34.70
C ALA A 67 9.66 -0.14 36.06
N GLU A 68 9.94 -1.42 36.27
CA GLU A 68 9.63 -2.07 37.53
C GLU A 68 10.18 -1.29 38.72
N GLY A 69 9.77 -1.67 39.92
CA GLY A 69 10.24 -0.98 41.11
C GLY A 69 11.76 -0.84 41.14
N GLN A 70 12.46 -1.78 40.52
CA GLN A 70 13.91 -1.75 40.49
C GLN A 70 14.41 -0.42 39.92
N GLY A 71 15.18 0.30 40.72
CA GLY A 71 15.71 1.58 40.29
C GLY A 71 16.59 2.24 41.33
N GLU A 72 16.00 2.60 42.47
CA GLU A 72 16.74 3.23 43.54
C GLU A 72 17.08 2.22 44.64
N SER A 73 16.16 1.29 44.88
CA SER A 73 16.35 0.27 45.91
C SER A 73 15.04 -0.42 46.24
N LEU A 74 15.08 -1.74 46.38
CA LEU A 74 13.90 -2.53 46.70
C LEU A 74 13.45 -2.27 48.13
N ALA A 75 14.32 -1.63 48.91
CA ALA A 75 14.00 -1.32 50.30
C ALA A 75 13.15 -0.06 50.41
N ASP A 76 13.39 0.88 49.50
CA ASP A 76 12.64 2.14 49.49
C ASP A 76 11.14 1.88 49.37
N GLN A 77 10.77 0.92 48.53
CA GLN A 77 9.37 0.57 48.32
C GLN A 77 8.88 -0.37 49.40
N ALA A 78 9.72 -1.34 49.76
CA ALA A 78 9.36 -2.31 50.80
C ALA A 78 8.66 -1.64 51.97
N ARG A 79 9.04 -0.39 52.25
CA ARG A 79 8.45 0.36 53.34
C ARG A 79 7.07 0.89 52.96
N ASP A 80 7.03 1.74 51.94
CA ASP A 80 5.77 2.31 51.48
C ASP A 80 4.95 1.28 50.71
N TYR A 81 5.58 0.65 49.72
CA TYR A 81 4.91 -0.36 48.92
C TYR A 81 4.08 -1.29 49.78
N MET A 82 4.75 -1.98 50.70
CA MET A 82 4.07 -2.91 51.59
C MET A 82 2.88 -2.24 52.29
N GLY A 83 3.03 -0.94 52.57
CA GLY A 83 1.97 -0.20 53.23
C GLY A 83 0.75 -0.03 52.34
N ALA A 84 0.96 -0.12 51.03
CA ALA A 84 -0.14 0.05 50.07
C ALA A 84 -0.69 -1.31 49.65
N ALA A 85 0.19 -2.30 49.52
CA ALA A 85 -0.21 -3.65 49.13
C ALA A 85 -0.44 -4.53 50.35
N LYS A 86 0.65 -5.00 50.93
CA LYS A 86 0.58 -5.87 52.11
C LYS A 86 -0.43 -5.32 53.12
N SER A 87 -0.56 -4.00 53.17
CA SER A 87 -1.48 -3.35 54.09
C SER A 87 -2.90 -3.38 53.53
N LYS A 88 -3.15 -2.57 52.50
CA LYS A 88 -4.45 -2.50 51.88
C LYS A 88 -4.86 -3.86 51.31
N LEU A 89 -4.08 -4.36 50.36
CA LEU A 89 -4.36 -5.65 49.74
C LEU A 89 -4.76 -6.68 50.78
N ASN A 90 -3.94 -6.83 51.80
CA ASN A 90 -4.21 -7.78 52.87
C ASN A 90 -5.38 -7.33 53.73
N ASP A 91 -5.21 -6.20 54.40
CA ASP A 91 -6.25 -5.64 55.26
C ASP A 91 -7.56 -5.48 54.49
N ALA A 92 -7.46 -5.50 53.16
CA ALA A 92 -8.64 -5.36 52.31
C ALA A 92 -9.12 -6.72 51.81
N VAL A 93 -8.18 -7.64 51.61
CA VAL A 93 -8.51 -8.98 51.14
C VAL A 93 -8.40 -10.00 52.27
N GLU A 94 -7.30 -9.93 53.01
CA GLU A 94 -7.06 -10.85 54.12
C GLU A 94 -8.00 -10.56 55.28
N TYR A 95 -8.24 -9.28 55.53
CA TYR A 95 -9.12 -8.86 56.61
C TYR A 95 -10.59 -8.92 56.18
N VAL A 96 -10.86 -8.44 54.98
CA VAL A 96 -12.22 -8.45 54.44
C VAL A 96 -12.55 -9.79 53.80
N SER A 97 -11.87 -10.10 52.70
CA SER A 97 -12.09 -11.35 51.98
C SER A 97 -11.85 -12.54 52.89
N GLY A 98 -11.12 -12.31 53.98
CA GLY A 98 -10.82 -13.38 54.92
C GLY A 98 -11.87 -13.53 55.99
N ARG A 99 -12.58 -12.44 56.28
CA ARG A 99 -13.62 -12.45 57.30
C ARG A 99 -14.95 -12.91 56.70
N VAL A 100 -15.10 -12.73 55.40
CA VAL A 100 -16.33 -13.13 54.71
C VAL A 100 -16.30 -14.61 54.36
N HIS A 101 -15.11 -15.13 54.07
CA HIS A 101 -14.96 -16.53 53.73
C HIS A 101 -14.16 -17.28 54.80
N GLY A 102 -14.23 -16.77 56.03
CA GLY A 102 -13.52 -17.39 57.13
C GLY A 102 -14.43 -18.20 58.03
N GLU A 103 -14.96 -19.30 57.49
CA GLU A 103 -15.85 -20.16 58.25
C GLU A 103 -15.07 -21.17 59.09
N GLU A 104 -15.31 -21.15 60.40
CA GLU A 104 -14.61 -22.06 61.31
C GLU A 104 -15.45 -23.31 61.57
N ASP A 105 -16.53 -23.47 60.80
CA ASP A 105 -17.41 -24.63 60.95
C ASP A 105 -16.62 -25.92 60.92
N PRO A 106 -17.22 -27.00 61.44
CA PRO A 106 -16.58 -28.32 61.47
C PRO A 106 -16.46 -28.94 60.08
N THR A 107 -15.27 -28.82 59.49
CA THR A 107 -15.02 -29.36 58.17
C THR A 107 -15.15 -30.89 58.16
N LYS A 108 -14.93 -31.50 59.32
CA LYS A 108 -15.03 -32.95 59.46
C LYS A 108 -15.13 -33.36 60.92
N LYS A 109 -15.41 -34.63 61.16
CA LYS A 109 -15.53 -35.15 62.51
C LYS A 109 -14.87 -36.52 62.64
N MET A 1 -26.53 1.16 -6.67
CA MET A 1 -26.74 1.89 -5.42
C MET A 1 -26.33 1.05 -4.23
N SER A 2 -26.89 -0.15 -4.12
CA SER A 2 -26.59 -1.05 -3.02
C SER A 2 -26.40 -2.48 -3.53
N ASP A 3 -25.39 -3.16 -3.00
CA ASP A 3 -25.11 -4.54 -3.39
C ASP A 3 -24.78 -5.39 -2.17
N ALA A 4 -25.67 -5.38 -1.18
CA ALA A 4 -25.48 -6.15 0.03
C ALA A 4 -26.46 -7.32 0.11
N GLY A 5 -27.00 -7.70 -1.04
CA GLY A 5 -27.95 -8.81 -1.08
C GLY A 5 -27.27 -10.16 -1.11
N ARG A 6 -27.25 -10.82 0.04
CA ARG A 6 -26.62 -12.14 0.15
C ARG A 6 -27.67 -13.23 0.26
N LYS A 7 -28.93 -12.87 0.04
CA LYS A 7 -30.03 -13.82 0.11
C LYS A 7 -29.99 -14.79 -1.07
N GLY A 8 -29.25 -14.42 -2.10
CA GLY A 8 -29.13 -15.27 -3.28
C GLY A 8 -30.11 -14.87 -4.37
N PHE A 9 -31.12 -14.10 -4.00
CA PHE A 9 -32.12 -13.64 -4.96
C PHE A 9 -31.55 -12.54 -5.86
N GLY A 10 -30.35 -12.10 -5.55
CA GLY A 10 -29.72 -11.06 -6.34
C GLY A 10 -28.87 -11.62 -7.47
N GLU A 11 -28.19 -12.72 -7.20
CA GLU A 11 -27.35 -13.36 -8.20
C GLU A 11 -28.08 -13.52 -9.53
N LYS A 12 -29.41 -13.62 -9.44
CA LYS A 12 -30.24 -13.78 -10.63
C LYS A 12 -30.81 -12.44 -11.08
N ALA A 13 -31.58 -11.80 -10.20
CA ALA A 13 -32.18 -10.51 -10.50
C ALA A 13 -31.11 -9.48 -10.83
N SER A 14 -30.11 -9.37 -9.96
CA SER A 14 -29.03 -8.41 -10.16
C SER A 14 -28.30 -8.67 -11.48
N GLU A 15 -28.09 -9.95 -11.78
CA GLU A 15 -27.41 -10.34 -13.01
C GLU A 15 -28.36 -10.31 -14.20
N ALA A 16 -29.65 -10.43 -13.91
CA ALA A 16 -30.67 -10.42 -14.95
C ALA A 16 -31.05 -8.99 -15.33
N LEU A 17 -30.79 -8.05 -14.43
CA LEU A 17 -31.11 -6.65 -14.67
C LEU A 17 -29.85 -5.85 -15.02
N LYS A 18 -28.70 -6.43 -14.69
CA LYS A 18 -27.42 -5.78 -14.97
C LYS A 18 -27.43 -5.13 -16.36
N PRO A 19 -27.46 -3.79 -16.39
CA PRO A 19 -27.47 -3.04 -17.65
C PRO A 19 -26.14 -3.12 -18.38
N ASP A 20 -25.10 -3.53 -17.67
CA ASP A 20 -23.77 -3.65 -18.27
C ASP A 20 -23.30 -2.31 -18.85
N SER A 21 -23.92 -1.23 -18.39
CA SER A 21 -23.57 0.11 -18.86
C SER A 21 -22.70 0.83 -17.84
N GLN A 22 -22.63 0.27 -16.63
CA GLN A 22 -21.83 0.87 -15.57
C GLN A 22 -20.69 -0.05 -15.16
N LYS A 23 -21.04 -1.22 -14.65
CA LYS A 23 -20.04 -2.20 -14.22
C LYS A 23 -18.85 -2.22 -15.18
N SER A 24 -19.06 -2.83 -16.35
CA SER A 24 -18.01 -2.92 -17.35
C SER A 24 -17.16 -1.65 -17.38
N TYR A 25 -17.80 -0.52 -17.08
CA TYR A 25 -17.12 0.76 -17.07
C TYR A 25 -16.38 0.99 -15.75
N ALA A 26 -17.13 0.93 -14.65
CA ALA A 26 -16.55 1.13 -13.33
C ALA A 26 -15.68 -0.07 -12.93
N GLU A 27 -16.23 -1.26 -13.09
CA GLU A 27 -15.50 -2.48 -12.75
C GLU A 27 -14.09 -2.46 -13.33
N GLN A 28 -14.01 -2.31 -14.65
CA GLN A 28 -12.72 -2.27 -15.34
C GLN A 28 -11.75 -1.35 -14.62
N GLY A 29 -12.26 -0.22 -14.16
CA GLY A 29 -11.42 0.74 -13.46
C GLY A 29 -10.97 0.24 -12.10
N LYS A 30 -11.92 -0.17 -11.28
CA LYS A 30 -11.63 -0.69 -9.95
C LYS A 30 -10.68 -1.88 -10.02
N GLU A 31 -10.98 -2.82 -10.92
CA GLU A 31 -10.15 -4.00 -11.09
C GLU A 31 -8.67 -3.64 -11.09
N TYR A 32 -8.36 -2.46 -11.61
CA TYR A 32 -6.99 -1.99 -11.68
C TYR A 32 -6.52 -1.46 -10.33
N ILE A 33 -7.45 -0.85 -9.59
CA ILE A 33 -7.13 -0.29 -8.27
C ILE A 33 -7.28 -1.35 -7.19
N THR A 34 -8.49 -1.89 -7.06
CA THR A 34 -8.76 -2.91 -6.06
C THR A 34 -7.54 -3.77 -5.79
N ASP A 35 -6.91 -4.23 -6.87
CA ASP A 35 -5.72 -5.08 -6.76
C ASP A 35 -4.52 -4.25 -6.34
N LYS A 36 -4.20 -3.23 -7.12
CA LYS A 36 -3.06 -2.35 -6.83
C LYS A 36 -3.24 -1.67 -5.47
N ALA A 37 -4.36 -0.98 -5.29
CA ALA A 37 -4.64 -0.29 -4.04
C ALA A 37 -4.37 -1.19 -2.84
N ASP A 38 -4.95 -2.39 -2.86
CA ASP A 38 -4.76 -3.34 -1.77
C ASP A 38 -3.29 -3.49 -1.42
N LYS A 39 -2.43 -3.21 -2.39
CA LYS A 39 -0.99 -3.32 -2.19
C LYS A 39 -0.39 -1.96 -1.85
N VAL A 40 -0.87 -0.91 -2.53
CA VAL A 40 -0.38 0.44 -2.29
C VAL A 40 -0.65 0.88 -0.85
N ALA A 41 -1.37 0.05 -0.11
CA ALA A 41 -1.70 0.35 1.28
C ALA A 41 -0.72 -0.32 2.23
N GLY A 42 0.07 -1.27 1.70
CA GLY A 42 1.04 -1.96 2.53
C GLY A 42 2.39 -1.29 2.53
N LYS A 43 2.58 -0.34 1.61
CA LYS A 43 3.85 0.38 1.50
C LYS A 43 3.63 1.88 1.61
N VAL A 44 2.52 2.35 1.04
CA VAL A 44 2.19 3.78 1.08
C VAL A 44 3.08 4.51 2.08
N GLN A 45 4.01 5.31 1.55
CA GLN A 45 4.92 6.07 2.40
C GLN A 45 4.16 6.85 3.46
N PRO A 46 4.26 6.40 4.73
CA PRO A 46 3.58 7.04 5.85
C PRO A 46 4.17 8.40 6.18
N GLU A 47 5.41 8.63 5.76
CA GLU A 47 6.09 9.89 6.01
C GLU A 47 5.85 10.88 4.88
N ASP A 48 5.28 10.38 3.79
CA ASP A 48 4.99 11.23 2.63
C ASP A 48 3.53 11.68 2.64
N ASN A 49 2.87 11.49 3.77
CA ASN A 49 1.47 11.88 3.92
C ASN A 49 1.34 13.12 4.79
N LYS A 50 2.35 13.38 5.61
CA LYS A 50 2.35 14.54 6.50
C LYS A 50 3.00 15.74 5.81
N GLY A 51 3.79 15.47 4.77
CA GLY A 51 4.46 16.54 4.06
C GLY A 51 3.52 17.31 3.15
N VAL A 52 2.49 16.62 2.65
CA VAL A 52 1.51 17.24 1.76
C VAL A 52 0.74 18.34 2.48
N PHE A 53 0.42 18.10 3.75
CA PHE A 53 -0.32 19.07 4.55
C PHE A 53 0.63 20.05 5.24
N GLN A 54 1.92 19.83 5.07
CA GLN A 54 2.93 20.68 5.66
C GLN A 54 2.72 22.14 5.27
N GLY A 55 2.08 22.35 4.12
CA GLY A 55 1.82 23.70 3.64
C GLY A 55 0.48 24.22 4.11
N VAL A 56 -0.57 23.44 3.90
CA VAL A 56 -1.92 23.84 4.30
C VAL A 56 -2.01 24.02 5.81
N HIS A 57 -1.28 23.18 6.55
CA HIS A 57 -1.28 23.24 8.01
C HIS A 57 -1.04 24.68 8.49
N ASP A 58 0.06 25.27 8.04
CA ASP A 58 0.42 26.62 8.42
C ASP A 58 -0.57 27.63 7.83
N SER A 59 -1.30 27.19 6.80
CA SER A 59 -2.28 28.06 6.15
C SER A 59 -3.58 28.11 6.95
N ALA A 60 -3.90 27.01 7.62
CA ALA A 60 -5.12 26.92 8.41
C ALA A 60 -4.86 27.39 9.84
N GLU A 61 -3.69 27.96 10.07
CA GLU A 61 -3.33 28.45 11.40
C GLU A 61 -4.42 29.35 11.97
N LYS A 62 -5.13 30.04 11.09
CA LYS A 62 -6.20 30.94 11.50
C LYS A 62 -7.42 30.15 11.98
N GLY A 63 -7.81 29.15 11.19
CA GLY A 63 -8.97 28.33 11.55
C GLY A 63 -8.58 27.16 12.42
N LYS A 64 -7.35 27.17 12.93
CA LYS A 64 -6.87 26.09 13.78
C LYS A 64 -6.48 26.62 15.16
N ASP A 65 -7.15 27.69 15.58
CA ASP A 65 -6.89 28.30 16.88
C ASP A 65 -8.01 28.00 17.86
N ASN A 66 -8.87 27.05 17.50
CA ASN A 66 -10.00 26.67 18.35
C ASN A 66 -9.54 26.43 19.79
N ALA A 67 -8.27 26.10 19.95
CA ALA A 67 -7.70 25.84 21.27
C ALA A 67 -7.99 27.01 22.21
N GLU A 68 -8.12 28.20 21.65
CA GLU A 68 -8.39 29.39 22.44
C GLU A 68 -9.61 29.19 23.35
N GLY A 69 -9.68 29.98 24.41
CA GLY A 69 -10.79 29.85 25.34
C GLY A 69 -10.98 28.44 25.85
N GLN A 70 -12.23 28.04 26.00
CA GLN A 70 -12.55 26.69 26.48
C GLN A 70 -11.96 25.64 25.56
N GLY A 71 -12.14 24.36 25.92
CA GLY A 71 -11.63 23.27 25.12
C GLY A 71 -11.94 21.92 25.71
N GLU A 72 -11.38 21.64 26.88
CA GLU A 72 -11.59 20.37 27.55
C GLU A 72 -12.63 20.51 28.67
N SER A 73 -12.65 21.67 29.31
CA SER A 73 -13.59 21.93 30.38
C SER A 73 -13.14 23.13 31.22
N LEU A 74 -14.11 23.96 31.62
CA LEU A 74 -13.81 25.14 32.42
C LEU A 74 -13.44 24.76 33.85
N ALA A 75 -13.63 23.49 34.18
CA ALA A 75 -13.32 22.99 35.51
C ALA A 75 -11.85 22.58 35.61
N ASP A 76 -11.30 22.09 34.50
CA ASP A 76 -9.90 21.67 34.47
C ASP A 76 -8.98 22.81 34.91
N GLN A 77 -9.26 24.01 34.42
CA GLN A 77 -8.46 25.18 34.75
C GLN A 77 -8.85 25.73 36.12
N ALA A 78 -10.15 25.73 36.41
CA ALA A 78 -10.65 26.24 37.68
C ALA A 78 -9.77 25.77 38.84
N ARG A 79 -9.22 24.57 38.71
CA ARG A 79 -8.36 24.00 39.75
C ARG A 79 -6.99 24.65 39.72
N ASP A 80 -6.33 24.56 38.57
CA ASP A 80 -5.00 25.13 38.41
C ASP A 80 -5.08 26.64 38.17
N TYR A 81 -5.84 27.04 37.16
CA TYR A 81 -6.00 28.45 36.84
C TYR A 81 -6.09 29.30 38.10
N MET A 82 -7.17 29.12 38.86
CA MET A 82 -7.37 29.86 40.09
C MET A 82 -6.09 29.89 40.92
N GLY A 83 -5.63 28.70 41.32
CA GLY A 83 -4.42 28.62 42.13
C GLY A 83 -3.27 29.41 41.54
N ALA A 84 -2.85 29.05 40.33
CA ALA A 84 -1.75 29.73 39.66
C ALA A 84 -1.99 31.24 39.64
N ALA A 85 -3.26 31.63 39.56
CA ALA A 85 -3.61 33.05 39.53
C ALA A 85 -3.29 33.72 40.86
N LYS A 86 -4.12 33.46 41.87
CA LYS A 86 -3.92 34.04 43.19
C LYS A 86 -2.54 33.73 43.72
N SER A 87 -1.99 32.57 43.34
CA SER A 87 -0.67 32.16 43.77
C SER A 87 0.41 32.96 43.05
N LYS A 88 0.34 32.98 41.73
CA LYS A 88 1.30 33.71 40.91
C LYS A 88 0.99 35.20 40.90
N LEU A 89 -0.22 35.55 41.30
CA LEU A 89 -0.65 36.95 41.34
C LEU A 89 -0.45 37.54 42.73
N ASN A 90 -0.42 36.67 43.74
CA ASN A 90 -0.24 37.12 45.11
C ASN A 90 1.15 36.75 45.63
N ASP A 91 1.70 35.66 45.10
CA ASP A 91 3.03 35.20 45.49
C ASP A 91 4.09 35.68 44.50
N ALA A 92 3.65 36.03 43.29
CA ALA A 92 4.56 36.50 42.26
C ALA A 92 4.39 38.01 42.04
N VAL A 93 3.27 38.55 42.46
CA VAL A 93 2.99 39.97 42.32
C VAL A 93 3.02 40.68 43.67
N GLU A 94 2.45 40.04 44.68
CA GLU A 94 2.42 40.62 46.02
C GLU A 94 3.67 40.23 46.81
N TYR A 95 4.14 39.01 46.59
CA TYR A 95 5.32 38.51 47.28
C TYR A 95 6.60 38.91 46.55
N VAL A 96 6.55 38.86 45.22
CA VAL A 96 7.70 39.21 44.39
C VAL A 96 7.71 40.70 44.10
N SER A 97 6.69 41.17 43.40
CA SER A 97 6.59 42.59 43.04
C SER A 97 6.37 43.45 44.28
N GLY A 98 5.55 42.95 45.20
CA GLY A 98 5.28 43.69 46.42
C GLY A 98 6.51 43.86 47.28
N ARG A 99 7.45 42.93 47.16
CA ARG A 99 8.67 42.98 47.94
C ARG A 99 9.62 44.05 47.40
N VAL A 100 9.94 43.95 46.11
CA VAL A 100 10.83 44.92 45.48
C VAL A 100 10.20 46.30 45.43
N HIS A 101 8.88 46.34 45.51
CA HIS A 101 8.14 47.61 45.47
C HIS A 101 8.70 48.58 46.51
N GLY A 102 9.19 48.03 47.62
CA GLY A 102 9.75 48.86 48.68
C GLY A 102 8.81 48.98 49.87
N GLU A 103 9.23 48.43 51.00
CA GLU A 103 8.43 48.47 52.21
C GLU A 103 8.90 49.57 53.15
N GLU A 104 7.96 50.36 53.67
CA GLU A 104 8.30 51.45 54.57
C GLU A 104 8.06 51.04 56.03
N ASP A 105 7.81 49.75 56.24
CA ASP A 105 7.57 49.23 57.58
C ASP A 105 8.84 49.30 58.43
N PRO A 106 8.67 49.24 59.75
CA PRO A 106 9.79 49.29 60.70
C PRO A 106 10.64 48.03 60.66
N THR A 107 10.16 47.01 59.93
CA THR A 107 10.89 45.76 59.81
C THR A 107 12.29 45.98 59.27
N LYS A 108 12.48 47.08 58.56
CA LYS A 108 13.78 47.42 57.99
C LYS A 108 14.83 47.56 59.09
N LYS A 109 15.89 46.74 59.00
CA LYS A 109 16.96 46.78 59.98
C LYS A 109 17.92 47.93 59.69
N MET A 1 -47.53 -20.95 -0.64
CA MET A 1 -46.38 -20.38 0.08
C MET A 1 -45.18 -21.32 0.00
N SER A 2 -44.92 -21.86 -1.19
CA SER A 2 -43.80 -22.77 -1.39
C SER A 2 -43.01 -22.40 -2.64
N ASP A 3 -41.83 -22.97 -2.78
CA ASP A 3 -40.97 -22.71 -3.93
C ASP A 3 -40.00 -23.86 -4.16
N ALA A 4 -39.97 -24.38 -5.38
CA ALA A 4 -39.08 -25.47 -5.73
C ALA A 4 -37.62 -25.10 -5.46
N GLY A 5 -37.34 -23.81 -5.44
CA GLY A 5 -35.98 -23.35 -5.19
C GLY A 5 -35.70 -22.00 -5.84
N ARG A 6 -35.33 -21.02 -5.03
CA ARG A 6 -35.04 -19.69 -5.52
C ARG A 6 -33.55 -19.52 -5.80
N LYS A 7 -32.82 -20.64 -5.76
CA LYS A 7 -31.38 -20.62 -6.02
C LYS A 7 -31.10 -20.71 -7.51
N GLY A 8 -32.15 -20.88 -8.31
CA GLY A 8 -31.99 -20.96 -9.74
C GLY A 8 -32.67 -19.83 -10.48
N PHE A 9 -33.58 -19.14 -9.79
CA PHE A 9 -34.32 -18.03 -10.38
C PHE A 9 -33.58 -16.71 -10.16
N GLY A 10 -32.60 -16.74 -9.26
CA GLY A 10 -31.84 -15.54 -8.97
C GLY A 10 -30.55 -15.47 -9.77
N GLU A 11 -29.88 -16.60 -9.92
CA GLU A 11 -28.63 -16.65 -10.67
C GLU A 11 -28.85 -16.23 -12.12
N LYS A 12 -30.09 -16.35 -12.59
CA LYS A 12 -30.44 -15.98 -13.95
C LYS A 12 -30.98 -14.56 -14.01
N ALA A 13 -31.96 -14.27 -13.18
CA ALA A 13 -32.57 -12.95 -13.14
C ALA A 13 -31.55 -11.89 -12.71
N SER A 14 -30.74 -12.23 -11.72
CA SER A 14 -29.72 -11.32 -11.21
C SER A 14 -28.61 -11.12 -12.24
N GLU A 15 -28.27 -12.19 -12.95
CA GLU A 15 -27.23 -12.13 -13.96
C GLU A 15 -27.78 -11.60 -15.29
N ALA A 16 -29.08 -11.75 -15.47
CA ALA A 16 -29.73 -11.28 -16.70
C ALA A 16 -30.23 -9.84 -16.55
N LEU A 17 -30.25 -9.37 -15.31
CA LEU A 17 -30.69 -8.00 -15.03
C LEU A 17 -29.53 -7.13 -14.57
N LYS A 18 -28.44 -7.78 -14.15
CA LYS A 18 -27.26 -7.06 -13.70
C LYS A 18 -26.90 -5.93 -14.66
N PRO A 19 -26.56 -4.76 -14.10
CA PRO A 19 -26.19 -3.58 -14.88
C PRO A 19 -24.84 -3.75 -15.58
N ASP A 20 -24.75 -4.74 -16.45
CA ASP A 20 -23.51 -5.01 -17.18
C ASP A 20 -23.09 -3.79 -17.99
N SER A 21 -24.01 -2.84 -18.13
CA SER A 21 -23.73 -1.62 -18.90
C SER A 21 -22.93 -0.63 -18.05
N GLN A 22 -22.84 -0.90 -16.75
CA GLN A 22 -22.11 -0.03 -15.84
C GLN A 22 -20.91 -0.76 -15.24
N LYS A 23 -21.19 -1.79 -14.46
CA LYS A 23 -20.12 -2.58 -13.83
C LYS A 23 -18.97 -2.81 -14.80
N SER A 24 -19.18 -3.68 -15.78
CA SER A 24 -18.16 -4.00 -16.77
C SER A 24 -17.36 -2.75 -17.13
N TYR A 25 -18.01 -1.59 -17.07
CA TYR A 25 -17.36 -0.33 -17.40
C TYR A 25 -16.61 0.23 -16.19
N ALA A 26 -17.33 0.41 -15.08
CA ALA A 26 -16.74 0.93 -13.86
C ALA A 26 -15.81 -0.10 -13.23
N GLU A 27 -16.30 -1.32 -13.08
CA GLU A 27 -15.51 -2.40 -12.47
C GLU A 27 -14.13 -2.48 -13.10
N GLN A 28 -14.10 -2.65 -14.42
CA GLN A 28 -12.84 -2.75 -15.15
C GLN A 28 -11.88 -1.64 -14.73
N GLY A 29 -12.44 -0.44 -14.49
CA GLY A 29 -11.61 0.68 -14.08
C GLY A 29 -11.10 0.54 -12.67
N LYS A 30 -11.98 0.14 -11.75
CA LYS A 30 -11.60 -0.04 -10.36
C LYS A 30 -10.62 -1.19 -10.19
N GLU A 31 -10.95 -2.34 -10.77
CA GLU A 31 -10.10 -3.52 -10.69
C GLU A 31 -8.64 -3.14 -10.96
N TYR A 32 -8.44 -2.10 -11.76
CA TYR A 32 -7.09 -1.65 -12.09
C TYR A 32 -6.47 -0.90 -10.92
N ILE A 33 -7.28 -0.14 -10.20
CA ILE A 33 -6.80 0.63 -9.05
C ILE A 33 -6.96 -0.17 -7.76
N THR A 34 -8.19 -0.56 -7.47
CA THR A 34 -8.47 -1.33 -6.26
C THR A 34 -7.41 -2.40 -6.02
N ASP A 35 -7.02 -3.08 -7.09
CA ASP A 35 -6.00 -4.13 -7.00
C ASP A 35 -4.69 -3.56 -6.50
N LYS A 36 -4.21 -2.50 -7.14
CA LYS A 36 -2.96 -1.87 -6.75
C LYS A 36 -3.13 -1.04 -5.49
N ALA A 37 -4.39 -0.68 -5.19
CA ALA A 37 -4.68 0.12 -4.00
C ALA A 37 -4.57 -0.72 -2.73
N ASP A 38 -5.05 -1.96 -2.82
CA ASP A 38 -4.99 -2.87 -1.67
C ASP A 38 -3.55 -3.27 -1.36
N LYS A 39 -2.67 -3.10 -2.33
CA LYS A 39 -1.27 -3.44 -2.17
C LYS A 39 -0.46 -2.22 -1.73
N VAL A 40 -0.70 -1.09 -2.41
CA VAL A 40 0.01 0.15 -2.10
C VAL A 40 -0.25 0.57 -0.65
N ALA A 41 -1.16 -0.11 0.01
CA ALA A 41 -1.49 0.20 1.40
C ALA A 41 -0.69 -0.68 2.36
N GLY A 42 0.00 -1.67 1.81
CA GLY A 42 0.80 -2.56 2.64
C GLY A 42 2.26 -2.14 2.70
N LYS A 43 2.61 -1.15 1.89
CA LYS A 43 3.99 -0.66 1.86
C LYS A 43 4.03 0.85 2.11
N VAL A 44 3.02 1.54 1.60
CA VAL A 44 2.93 2.99 1.77
C VAL A 44 3.55 3.43 3.09
N GLN A 45 3.16 2.76 4.17
CA GLN A 45 3.67 3.08 5.50
C GLN A 45 5.17 2.83 5.57
N PRO A 46 5.95 3.91 5.72
CA PRO A 46 7.42 3.84 5.80
C PRO A 46 7.89 3.21 7.11
N GLU A 47 6.97 3.09 8.07
CA GLU A 47 7.30 2.52 9.36
C GLU A 47 7.03 1.01 9.36
N ASP A 48 6.49 0.51 8.26
CA ASP A 48 6.18 -0.91 8.14
C ASP A 48 7.43 -1.70 7.76
N ASN A 49 8.55 -1.00 7.63
CA ASN A 49 9.82 -1.64 7.27
C ASN A 49 10.19 -2.72 8.29
N LYS A 50 9.64 -2.60 9.50
CA LYS A 50 9.91 -3.56 10.56
C LYS A 50 8.72 -4.49 10.77
N GLY A 51 7.55 -4.05 10.31
CA GLY A 51 6.35 -4.85 10.45
C GLY A 51 6.41 -6.14 9.65
N VAL A 52 7.11 -6.11 8.53
CA VAL A 52 7.25 -7.28 7.68
C VAL A 52 7.96 -8.41 8.40
N PHE A 53 8.98 -8.06 9.19
CA PHE A 53 9.75 -9.04 9.94
C PHE A 53 9.14 -9.25 11.33
N GLN A 54 8.20 -8.39 11.70
CA GLN A 54 7.55 -8.48 13.00
C GLN A 54 6.73 -9.77 13.10
N GLY A 55 5.99 -10.08 12.03
CA GLY A 55 5.17 -11.27 12.02
C GLY A 55 5.89 -12.48 11.46
N VAL A 56 7.03 -12.23 10.80
CA VAL A 56 7.82 -13.30 10.21
C VAL A 56 8.86 -13.82 11.20
N HIS A 57 9.65 -12.92 11.75
CA HIS A 57 10.69 -13.30 12.71
C HIS A 57 10.09 -14.09 13.87
N ASP A 58 8.81 -13.85 14.15
CA ASP A 58 8.12 -14.54 15.24
C ASP A 58 8.21 -16.06 15.05
N SER A 59 8.38 -16.49 13.81
CA SER A 59 8.47 -17.91 13.50
C SER A 59 9.66 -18.54 14.23
N ALA A 60 10.82 -17.91 14.13
CA ALA A 60 12.02 -18.41 14.78
C ALA A 60 12.16 -17.83 16.19
N GLU A 61 11.11 -17.19 16.67
CA GLU A 61 11.11 -16.59 18.00
C GLU A 61 11.53 -17.62 19.04
N LYS A 62 11.18 -18.89 18.81
CA LYS A 62 11.54 -19.96 19.73
C LYS A 62 12.99 -20.39 19.54
N GLY A 63 13.48 -20.26 18.31
CA GLY A 63 14.85 -20.63 18.03
C GLY A 63 15.79 -19.43 18.01
N LYS A 64 15.32 -18.31 18.52
CA LYS A 64 16.12 -17.09 18.56
C LYS A 64 16.47 -16.72 20.00
N ASP A 65 15.60 -17.11 20.93
CA ASP A 65 15.82 -16.82 22.35
C ASP A 65 16.12 -18.09 23.12
N ASN A 66 16.37 -19.18 22.39
CA ASN A 66 16.66 -20.47 23.01
C ASN A 66 17.55 -20.30 24.24
N ALA A 67 18.50 -19.37 24.14
CA ALA A 67 19.41 -19.10 25.24
C ALA A 67 18.80 -18.15 26.26
N GLU A 68 18.23 -17.05 25.77
CA GLU A 68 17.60 -16.06 26.63
C GLU A 68 16.50 -16.71 27.48
N GLY A 69 16.04 -15.98 28.49
CA GLY A 69 14.99 -16.49 29.35
C GLY A 69 13.80 -17.02 28.58
N GLN A 70 12.87 -16.14 28.24
CA GLN A 70 11.68 -16.53 27.50
C GLN A 70 12.04 -16.96 26.08
N GLY A 71 11.72 -18.21 25.74
CA GLY A 71 12.02 -18.72 24.42
C GLY A 71 11.53 -20.14 24.23
N GLU A 72 11.99 -21.04 25.09
CA GLU A 72 11.61 -22.45 25.00
C GLU A 72 10.51 -22.77 26.02
N SER A 73 9.96 -21.73 26.64
CA SER A 73 8.91 -21.90 27.64
C SER A 73 7.99 -23.06 27.26
N LEU A 74 7.47 -23.02 26.05
CA LEU A 74 6.56 -24.07 25.56
C LEU A 74 7.33 -25.12 24.77
N ALA A 75 8.48 -24.73 24.22
CA ALA A 75 9.31 -25.64 23.45
C ALA A 75 10.14 -26.54 24.35
N ASP A 76 10.84 -25.93 25.31
CA ASP A 76 11.66 -26.68 26.25
C ASP A 76 10.93 -27.92 26.75
N GLN A 77 9.64 -27.77 27.04
CA GLN A 77 8.84 -28.88 27.53
C GLN A 77 8.38 -29.77 26.38
N ALA A 78 7.96 -29.15 25.28
CA ALA A 78 7.51 -29.89 24.11
C ALA A 78 8.38 -31.11 23.86
N ARG A 79 9.68 -30.97 24.14
CA ARG A 79 10.63 -32.06 23.95
C ARG A 79 10.46 -33.13 25.03
N ASP A 80 10.70 -32.74 26.27
CA ASP A 80 10.58 -33.67 27.40
C ASP A 80 9.12 -33.94 27.72
N TYR A 81 8.35 -32.87 27.92
CA TYR A 81 6.94 -32.99 28.24
C TYR A 81 6.28 -34.06 27.39
N MET A 82 6.22 -33.83 26.09
CA MET A 82 5.61 -34.79 25.16
C MET A 82 6.10 -36.20 25.45
N GLY A 83 7.36 -36.32 25.84
CA GLY A 83 7.93 -37.63 26.13
C GLY A 83 7.40 -38.20 27.44
N ALA A 84 7.63 -37.48 28.53
CA ALA A 84 7.17 -37.93 29.84
C ALA A 84 5.67 -38.21 29.85
N ALA A 85 4.97 -37.64 28.86
CA ALA A 85 3.53 -37.83 28.75
C ALA A 85 3.21 -39.03 27.85
N LYS A 86 3.37 -38.85 26.55
CA LYS A 86 3.09 -39.91 25.59
C LYS A 86 3.69 -41.24 26.06
N SER A 87 4.80 -41.16 26.77
CA SER A 87 5.47 -42.34 27.28
C SER A 87 4.82 -42.83 28.57
N LYS A 88 4.95 -42.03 29.62
CA LYS A 88 4.37 -42.37 30.92
C LYS A 88 2.86 -42.41 30.85
N LEU A 89 2.26 -41.27 30.50
CA LEU A 89 0.81 -41.16 30.39
C LEU A 89 0.23 -42.36 29.65
N ASN A 90 0.78 -42.65 28.47
CA ASN A 90 0.31 -43.77 27.66
C ASN A 90 0.73 -45.10 28.28
N ASP A 91 2.04 -45.30 28.40
CA ASP A 91 2.57 -46.53 28.99
C ASP A 91 2.00 -46.75 30.38
N ALA A 92 1.45 -45.70 30.98
CA ALA A 92 0.87 -45.79 32.31
C ALA A 92 -0.65 -45.92 32.23
N VAL A 93 -1.25 -45.33 31.21
CA VAL A 93 -2.69 -45.38 31.03
C VAL A 93 -3.07 -46.31 29.88
N GLU A 94 -2.37 -46.17 28.76
CA GLU A 94 -2.62 -47.00 27.59
C GLU A 94 -2.14 -48.43 27.81
N TYR A 95 -1.01 -48.57 28.48
CA TYR A 95 -0.44 -49.87 28.76
C TYR A 95 -1.08 -50.49 30.00
N VAL A 96 -1.26 -49.67 31.04
CA VAL A 96 -1.86 -50.14 32.28
C VAL A 96 -3.39 -50.08 32.21
N SER A 97 -3.93 -48.86 32.12
CA SER A 97 -5.37 -48.67 32.05
C SER A 97 -5.94 -49.34 30.81
N GLY A 98 -5.08 -49.62 29.83
CA GLY A 98 -5.52 -50.25 28.61
C GLY A 98 -5.49 -51.77 28.70
N ARG A 99 -4.72 -52.29 29.65
CA ARG A 99 -4.61 -53.73 29.84
C ARG A 99 -5.72 -54.25 30.74
N VAL A 100 -5.94 -53.56 31.86
CA VAL A 100 -6.97 -53.95 32.80
C VAL A 100 -8.37 -53.72 32.23
N HIS A 101 -8.46 -52.81 31.28
CA HIS A 101 -9.73 -52.48 30.64
C HIS A 101 -10.41 -53.75 30.11
N GLY A 102 -9.60 -54.70 29.66
CA GLY A 102 -10.13 -55.94 29.14
C GLY A 102 -10.04 -57.08 30.13
N GLU A 103 -8.86 -57.63 30.30
CA GLU A 103 -8.64 -58.73 31.23
C GLU A 103 -8.10 -58.22 32.57
N GLU A 104 -8.93 -58.29 33.60
CA GLU A 104 -8.53 -57.84 34.93
C GLU A 104 -8.02 -59.01 35.77
N ASP A 105 -7.83 -60.15 35.13
CA ASP A 105 -7.34 -61.34 35.82
C ASP A 105 -5.98 -61.07 36.47
N PRO A 106 -5.66 -61.85 37.51
CA PRO A 106 -4.39 -61.72 38.23
C PRO A 106 -3.20 -62.18 37.40
N THR A 107 -2.48 -61.23 36.83
CA THR A 107 -1.31 -61.53 36.01
C THR A 107 -0.03 -61.46 36.84
N LYS A 108 -0.16 -61.55 38.15
CA LYS A 108 0.99 -61.49 39.04
C LYS A 108 0.94 -62.63 40.06
N LYS A 109 -0.23 -62.85 40.65
CA LYS A 109 -0.42 -63.90 41.63
C LYS A 109 -1.84 -63.92 42.15
N MET A 1 -29.14 -22.81 -22.29
CA MET A 1 -29.42 -22.42 -20.91
C MET A 1 -29.06 -23.57 -19.96
N SER A 2 -27.89 -23.46 -19.33
CA SER A 2 -27.42 -24.48 -18.41
C SER A 2 -26.69 -23.85 -17.23
N ASP A 3 -27.01 -24.30 -16.02
CA ASP A 3 -26.39 -23.79 -14.81
C ASP A 3 -24.86 -23.86 -14.92
N ALA A 4 -24.20 -22.72 -14.67
CA ALA A 4 -22.75 -22.66 -14.73
C ALA A 4 -22.14 -22.74 -13.33
N GLY A 5 -22.90 -22.34 -12.33
CA GLY A 5 -22.42 -22.38 -10.96
C GLY A 5 -23.55 -22.50 -9.95
N ARG A 6 -23.18 -22.66 -8.69
CA ARG A 6 -24.16 -22.80 -7.61
C ARG A 6 -24.18 -21.56 -6.74
N LYS A 7 -23.50 -20.51 -7.18
CA LYS A 7 -23.44 -19.26 -6.44
C LYS A 7 -24.82 -18.61 -6.36
N GLY A 8 -25.73 -19.05 -7.22
CA GLY A 8 -27.07 -18.50 -7.22
C GLY A 8 -27.60 -18.25 -8.62
N PHE A 9 -28.70 -18.92 -8.97
CA PHE A 9 -29.29 -18.76 -10.29
C PHE A 9 -29.78 -17.33 -10.51
N GLY A 10 -29.90 -16.58 -9.42
CA GLY A 10 -30.35 -15.21 -9.50
C GLY A 10 -29.20 -14.22 -9.60
N GLU A 11 -28.17 -14.44 -8.79
CA GLU A 11 -27.00 -13.57 -8.79
C GLU A 11 -26.26 -13.63 -10.13
N LYS A 12 -26.49 -14.72 -10.87
CA LYS A 12 -25.85 -14.90 -12.16
C LYS A 12 -26.76 -14.41 -13.29
N ALA A 13 -28.02 -14.80 -13.25
CA ALA A 13 -28.99 -14.39 -14.26
C ALA A 13 -29.28 -12.90 -14.17
N SER A 14 -29.29 -12.37 -12.95
CA SER A 14 -29.56 -10.96 -12.73
C SER A 14 -28.35 -10.11 -13.09
N GLU A 15 -27.16 -10.66 -12.87
CA GLU A 15 -25.92 -9.96 -13.18
C GLU A 15 -25.49 -10.19 -14.62
N ALA A 16 -25.91 -11.33 -15.17
CA ALA A 16 -25.57 -11.68 -16.55
C ALA A 16 -26.47 -10.94 -17.53
N LEU A 17 -27.60 -10.43 -17.04
CA LEU A 17 -28.54 -9.70 -17.87
C LEU A 17 -28.37 -8.20 -17.71
N LYS A 18 -27.65 -7.80 -16.67
CA LYS A 18 -27.41 -6.39 -16.40
C LYS A 18 -27.11 -5.64 -17.69
N PRO A 19 -27.40 -4.33 -17.70
CA PRO A 19 -27.17 -3.47 -18.86
C PRO A 19 -25.69 -3.23 -19.12
N ASP A 20 -24.85 -3.67 -18.19
CA ASP A 20 -23.41 -3.51 -18.32
C ASP A 20 -23.06 -2.12 -18.85
N SER A 21 -23.77 -1.11 -18.35
CA SER A 21 -23.55 0.26 -18.78
C SER A 21 -22.70 1.02 -17.76
N GLN A 22 -22.65 0.49 -16.54
CA GLN A 22 -21.89 1.11 -15.47
C GLN A 22 -20.74 0.21 -15.02
N LYS A 23 -21.09 -0.96 -14.50
CA LYS A 23 -20.10 -1.91 -14.03
C LYS A 23 -18.91 -1.98 -14.99
N SER A 24 -19.14 -2.57 -16.16
CA SER A 24 -18.09 -2.69 -17.16
C SER A 24 -17.20 -1.45 -17.18
N TYR A 25 -17.78 -0.31 -16.85
CA TYR A 25 -17.05 0.95 -16.84
C TYR A 25 -16.38 1.16 -15.49
N ALA A 26 -17.15 1.02 -14.41
CA ALA A 26 -16.64 1.19 -13.07
C ALA A 26 -15.76 0.01 -12.66
N GLU A 27 -16.27 -1.19 -12.85
CA GLU A 27 -15.53 -2.40 -12.50
C GLU A 27 -14.17 -2.41 -13.16
N GLN A 28 -14.15 -2.30 -14.48
CA GLN A 28 -12.90 -2.30 -15.25
C GLN A 28 -11.89 -1.36 -14.61
N GLY A 29 -12.37 -0.25 -14.05
CA GLY A 29 -11.48 0.71 -13.43
C GLY A 29 -10.96 0.23 -12.09
N LYS A 30 -11.85 -0.30 -11.25
CA LYS A 30 -11.47 -0.80 -9.93
C LYS A 30 -10.56 -2.02 -10.06
N GLU A 31 -10.95 -2.95 -10.91
CA GLU A 31 -10.16 -4.16 -11.12
C GLU A 31 -8.69 -3.84 -11.26
N TYR A 32 -8.40 -2.68 -11.86
CA TYR A 32 -7.02 -2.26 -12.06
C TYR A 32 -6.42 -1.71 -10.76
N ILE A 33 -7.24 -0.98 -10.01
CA ILE A 33 -6.79 -0.41 -8.74
C ILE A 33 -6.82 -1.45 -7.63
N THR A 34 -8.00 -1.98 -7.34
CA THR A 34 -8.16 -2.99 -6.31
C THR A 34 -6.90 -3.83 -6.15
N ASP A 35 -6.38 -4.32 -7.28
CA ASP A 35 -5.19 -5.14 -7.26
C ASP A 35 -4.03 -4.40 -6.58
N LYS A 36 -3.58 -3.31 -7.20
CA LYS A 36 -2.48 -2.52 -6.66
C LYS A 36 -2.90 -1.84 -5.36
N ALA A 37 -4.09 -1.26 -5.36
CA ALA A 37 -4.62 -0.57 -4.19
C ALA A 37 -4.39 -1.40 -2.93
N ASP A 38 -4.86 -2.64 -2.96
CA ASP A 38 -4.71 -3.55 -1.82
C ASP A 38 -3.26 -3.56 -1.31
N LYS A 39 -2.33 -3.24 -2.21
CA LYS A 39 -0.92 -3.22 -1.87
C LYS A 39 -0.47 -1.81 -1.50
N VAL A 40 -0.94 -0.83 -2.26
CA VAL A 40 -0.60 0.57 -2.01
C VAL A 40 -1.02 1.01 -0.62
N ALA A 41 -1.75 0.14 0.07
CA ALA A 41 -2.22 0.43 1.42
C ALA A 41 -1.21 -0.03 2.47
N GLY A 42 -0.50 -1.11 2.16
CA GLY A 42 0.49 -1.64 3.08
C GLY A 42 1.88 -1.07 2.83
N LYS A 43 2.01 -0.27 1.78
CA LYS A 43 3.29 0.34 1.43
C LYS A 43 3.19 1.86 1.42
N VAL A 44 2.19 2.37 0.72
CA VAL A 44 1.98 3.81 0.63
C VAL A 44 3.31 4.56 0.64
N GLN A 45 3.82 4.88 -0.55
CA GLN A 45 5.08 5.59 -0.68
C GLN A 45 5.10 6.82 0.21
N PRO A 46 5.90 6.77 1.29
CA PRO A 46 6.03 7.88 2.24
C PRO A 46 6.75 9.07 1.64
N GLU A 47 7.45 8.85 0.53
CA GLU A 47 8.19 9.91 -0.14
C GLU A 47 7.32 10.60 -1.18
N ASP A 48 6.08 10.16 -1.29
CA ASP A 48 5.14 10.74 -2.25
C ASP A 48 4.66 12.11 -1.79
N ASN A 49 5.07 12.49 -0.58
CA ASN A 49 4.68 13.78 -0.01
C ASN A 49 5.11 14.92 -0.92
N LYS A 50 6.24 14.73 -1.61
CA LYS A 50 6.76 15.74 -2.51
C LYS A 50 5.89 15.86 -3.76
N GLY A 51 5.15 14.79 -4.07
CA GLY A 51 4.28 14.79 -5.23
C GLY A 51 3.25 15.89 -5.18
N VAL A 52 2.89 16.32 -3.97
CA VAL A 52 1.90 17.37 -3.79
C VAL A 52 2.39 18.69 -4.37
N PHE A 53 3.69 18.94 -4.23
CA PHE A 53 4.28 20.17 -4.74
C PHE A 53 4.66 20.02 -6.21
N GLN A 54 4.49 18.82 -6.74
CA GLN A 54 4.81 18.54 -8.14
C GLN A 54 3.97 19.41 -9.07
N GLY A 55 2.83 19.86 -8.58
CA GLY A 55 1.95 20.69 -9.38
C GLY A 55 2.23 22.17 -9.20
N VAL A 56 2.36 22.60 -7.95
CA VAL A 56 2.64 23.99 -7.63
C VAL A 56 4.03 24.39 -8.08
N HIS A 57 4.98 23.47 -7.94
CA HIS A 57 6.36 23.73 -8.33
C HIS A 57 6.43 24.29 -9.74
N ASP A 58 5.87 23.55 -10.70
CA ASP A 58 5.87 23.97 -12.09
C ASP A 58 5.00 25.21 -12.28
N SER A 59 4.15 25.49 -11.29
CA SER A 59 3.26 26.64 -11.36
C SER A 59 3.99 27.92 -10.92
N ALA A 60 4.94 27.76 -10.01
CA ALA A 60 5.72 28.89 -9.51
C ALA A 60 6.94 29.14 -10.37
N GLU A 61 7.00 28.47 -11.53
CA GLU A 61 8.13 28.62 -12.44
C GLU A 61 8.36 30.08 -12.79
N LYS A 62 7.26 30.82 -12.96
CA LYS A 62 7.34 32.23 -13.30
C LYS A 62 7.87 33.05 -12.14
N GLY A 63 7.36 32.79 -10.94
CA GLY A 63 7.80 33.50 -9.76
C GLY A 63 9.11 32.97 -9.22
N LYS A 64 9.65 31.94 -9.87
CA LYS A 64 10.91 31.33 -9.44
C LYS A 64 11.96 31.47 -10.53
N ASP A 65 11.86 32.54 -11.31
CA ASP A 65 12.82 32.79 -12.38
C ASP A 65 13.78 33.92 -12.00
N ASN A 66 13.79 34.27 -10.72
CA ASN A 66 14.66 35.33 -10.23
C ASN A 66 16.09 35.13 -10.73
N ALA A 67 16.44 33.89 -11.05
CA ALA A 67 17.77 33.57 -11.54
C ALA A 67 18.16 34.48 -12.70
N GLU A 68 17.16 34.93 -13.45
CA GLU A 68 17.40 35.80 -14.60
C GLU A 68 18.18 37.04 -14.18
N GLY A 69 18.60 37.83 -15.16
CA GLY A 69 19.36 39.03 -14.87
C GLY A 69 18.70 39.91 -13.84
N GLN A 70 17.47 40.34 -14.12
CA GLN A 70 16.72 41.19 -13.20
C GLN A 70 16.60 40.53 -11.83
N GLY A 71 17.10 41.21 -10.80
CA GLY A 71 17.03 40.67 -9.45
C GLY A 71 17.58 41.64 -8.42
N GLU A 72 18.88 41.89 -8.50
CA GLU A 72 19.54 42.80 -7.56
C GLU A 72 19.75 44.18 -8.19
N SER A 73 20.02 44.20 -9.48
CA SER A 73 20.25 45.45 -10.20
C SER A 73 20.92 45.19 -11.55
N LEU A 74 20.44 45.90 -12.57
CA LEU A 74 20.99 45.75 -13.92
C LEU A 74 22.40 46.34 -14.01
N ALA A 75 22.79 47.05 -12.96
CA ALA A 75 24.12 47.67 -12.91
C ALA A 75 25.18 46.67 -12.44
N ASP A 76 24.78 45.80 -11.53
CA ASP A 76 25.70 44.79 -11.00
C ASP A 76 26.34 43.98 -12.13
N GLN A 77 25.52 43.59 -13.11
CA GLN A 77 26.02 42.82 -14.24
C GLN A 77 26.77 43.71 -15.22
N ALA A 78 26.23 44.90 -15.48
CA ALA A 78 26.87 45.84 -16.39
C ALA A 78 28.37 45.88 -16.20
N ARG A 79 28.81 45.70 -14.95
CA ARG A 79 30.24 45.71 -14.63
C ARG A 79 30.91 44.45 -15.15
N ASP A 80 30.46 43.29 -14.69
CA ASP A 80 31.02 42.02 -15.10
C ASP A 80 30.48 41.60 -16.47
N TYR A 81 29.15 41.56 -16.59
CA TYR A 81 28.51 41.18 -17.84
C TYR A 81 29.25 41.77 -19.03
N MET A 82 29.22 43.10 -19.15
CA MET A 82 29.90 43.77 -20.25
C MET A 82 31.34 43.32 -20.37
N GLY A 83 32.12 43.52 -19.31
CA GLY A 83 33.51 43.12 -19.32
C GLY A 83 33.70 41.68 -19.77
N ALA A 84 32.65 40.87 -19.61
CA ALA A 84 32.71 39.47 -20.00
C ALA A 84 32.26 39.28 -21.45
N ALA A 85 31.36 40.15 -21.90
CA ALA A 85 30.85 40.09 -23.26
C ALA A 85 31.64 40.99 -24.19
N LYS A 86 31.39 42.29 -24.10
CA LYS A 86 32.09 43.27 -24.94
C LYS A 86 33.57 42.94 -25.03
N SER A 87 34.13 42.41 -23.95
CA SER A 87 35.55 42.05 -23.91
C SER A 87 35.78 40.69 -24.57
N LYS A 88 35.31 39.63 -23.91
CA LYS A 88 35.46 38.28 -24.41
C LYS A 88 34.74 38.12 -25.75
N LEU A 89 33.44 38.38 -25.76
CA LEU A 89 32.64 38.27 -26.97
C LEU A 89 33.33 38.96 -28.15
N ASN A 90 33.66 40.23 -27.96
CA ASN A 90 34.33 41.01 -29.00
C ASN A 90 35.75 40.50 -29.23
N ASP A 91 36.51 40.36 -28.14
CA ASP A 91 37.88 39.90 -28.23
C ASP A 91 37.93 38.44 -28.66
N ALA A 92 36.78 37.77 -28.60
CA ALA A 92 36.70 36.36 -28.98
C ALA A 92 36.00 36.20 -30.33
N VAL A 93 35.16 37.18 -30.67
CA VAL A 93 34.43 37.14 -31.94
C VAL A 93 35.00 38.14 -32.94
N GLU A 94 35.43 39.30 -32.42
CA GLU A 94 36.00 40.35 -33.27
C GLU A 94 37.52 40.19 -33.37
N TYR A 95 38.14 39.72 -32.29
CA TYR A 95 39.58 39.52 -32.26
C TYR A 95 39.95 38.11 -32.68
N VAL A 96 39.16 37.14 -32.23
CA VAL A 96 39.40 35.74 -32.57
C VAL A 96 38.66 35.35 -33.84
N SER A 97 37.34 35.48 -33.83
CA SER A 97 36.52 35.13 -34.98
C SER A 97 36.64 36.19 -36.07
N GLY A 98 37.13 37.37 -35.69
CA GLY A 98 37.29 38.44 -36.65
C GLY A 98 38.63 38.40 -37.36
N ARG A 99 39.59 37.69 -36.76
CA ARG A 99 40.93 37.58 -37.34
C ARG A 99 40.99 36.40 -38.31
N VAL A 100 40.64 35.21 -37.82
CA VAL A 100 40.67 34.01 -38.64
C VAL A 100 39.74 34.15 -39.85
N HIS A 101 38.70 34.97 -39.70
CA HIS A 101 37.75 35.19 -40.77
C HIS A 101 38.44 35.73 -42.01
N GLY A 102 39.50 36.52 -41.81
CA GLY A 102 40.23 37.08 -42.92
C GLY A 102 39.38 38.04 -43.75
N GLU A 103 39.50 39.33 -43.45
CA GLU A 103 38.74 40.34 -44.16
C GLU A 103 39.41 40.71 -45.48
N GLU A 104 38.62 40.76 -46.55
CA GLU A 104 39.14 41.09 -47.87
C GLU A 104 38.91 42.56 -48.20
N ASP A 105 38.49 43.32 -47.19
CA ASP A 105 38.24 44.75 -47.36
C ASP A 105 39.55 45.54 -47.41
N PRO A 106 39.49 46.76 -47.95
CA PRO A 106 40.66 47.64 -48.07
C PRO A 106 41.12 48.16 -46.71
N THR A 107 42.03 47.43 -46.08
CA THR A 107 42.54 47.81 -44.77
C THR A 107 43.99 48.27 -44.87
N LYS A 108 44.41 48.64 -46.08
CA LYS A 108 45.78 49.10 -46.31
C LYS A 108 46.01 50.47 -45.67
N LYS A 109 47.26 50.72 -45.28
CA LYS A 109 47.61 51.99 -44.64
C LYS A 109 48.97 52.48 -45.15
N MET A 1 -36.17 15.22 -22.67
CA MET A 1 -37.48 15.35 -23.29
C MET A 1 -38.53 14.57 -22.52
N SER A 2 -38.38 13.25 -22.47
CA SER A 2 -39.32 12.40 -21.75
C SER A 2 -38.65 11.10 -21.32
N ASP A 3 -38.39 10.98 -20.03
CA ASP A 3 -37.74 9.79 -19.48
C ASP A 3 -38.67 8.58 -19.58
N ALA A 4 -39.98 8.85 -19.61
CA ALA A 4 -40.98 7.79 -19.70
C ALA A 4 -41.38 7.53 -21.14
N GLY A 5 -40.53 7.97 -22.08
CA GLY A 5 -40.82 7.78 -23.49
C GLY A 5 -40.58 6.35 -23.95
N ARG A 6 -41.66 5.65 -24.27
CA ARG A 6 -41.56 4.27 -24.72
C ARG A 6 -41.44 4.20 -26.24
N LYS A 7 -41.23 5.35 -26.86
CA LYS A 7 -41.09 5.43 -28.31
C LYS A 7 -39.64 5.24 -28.73
N GLY A 8 -38.76 5.09 -27.75
CA GLY A 8 -37.34 4.90 -28.04
C GLY A 8 -36.46 5.46 -26.95
N PHE A 9 -37.03 6.33 -26.11
CA PHE A 9 -36.27 6.94 -25.02
C PHE A 9 -36.00 5.92 -23.91
N GLY A 10 -36.65 4.76 -24.01
CA GLY A 10 -36.46 3.73 -23.01
C GLY A 10 -35.40 2.72 -23.40
N GLU A 11 -34.96 2.79 -24.65
CA GLU A 11 -33.94 1.87 -25.15
C GLU A 11 -32.54 2.37 -24.81
N LYS A 12 -32.40 3.68 -24.69
CA LYS A 12 -31.11 4.29 -24.37
C LYS A 12 -30.99 4.55 -22.89
N ALA A 13 -32.09 4.96 -22.25
CA ALA A 13 -32.10 5.23 -20.82
C ALA A 13 -32.01 3.94 -20.02
N SER A 14 -32.65 2.88 -20.53
CA SER A 14 -32.64 1.59 -19.85
C SER A 14 -31.32 0.86 -20.10
N GLU A 15 -30.71 1.12 -21.25
CA GLU A 15 -29.45 0.48 -21.61
C GLU A 15 -28.27 1.30 -21.11
N ALA A 16 -28.50 2.59 -20.90
CA ALA A 16 -27.46 3.48 -20.41
C ALA A 16 -27.36 3.45 -18.89
N LEU A 17 -28.44 3.05 -18.25
CA LEU A 17 -28.49 2.98 -16.79
C LEU A 17 -28.54 1.53 -16.32
N LYS A 18 -28.69 0.61 -17.26
CA LYS A 18 -28.75 -0.81 -16.94
C LYS A 18 -27.72 -1.18 -15.87
N PRO A 19 -28.01 -2.24 -15.10
CA PRO A 19 -27.13 -2.71 -14.03
C PRO A 19 -25.84 -3.32 -14.57
N ASP A 20 -25.61 -3.16 -15.87
CA ASP A 20 -24.41 -3.70 -16.51
C ASP A 20 -23.70 -2.61 -17.33
N SER A 21 -24.16 -1.37 -17.17
CA SER A 21 -23.57 -0.25 -17.90
C SER A 21 -22.66 0.56 -16.99
N GLN A 22 -22.70 0.26 -15.71
CA GLN A 22 -21.88 0.96 -14.72
C GLN A 22 -20.76 0.07 -14.19
N LYS A 23 -21.09 -1.21 -14.00
CA LYS A 23 -20.12 -2.17 -13.51
C LYS A 23 -19.05 -2.47 -14.56
N SER A 24 -19.44 -3.19 -15.60
CA SER A 24 -18.52 -3.55 -16.67
C SER A 24 -17.65 -2.35 -17.05
N TYR A 25 -18.18 -1.15 -16.87
CA TYR A 25 -17.46 0.07 -17.19
C TYR A 25 -16.59 0.52 -16.03
N ALA A 26 -17.21 0.71 -14.87
CA ALA A 26 -16.49 1.13 -13.68
C ALA A 26 -15.64 0.01 -13.11
N GLU A 27 -16.25 -1.17 -12.96
CA GLU A 27 -15.54 -2.33 -12.43
C GLU A 27 -14.21 -2.53 -13.15
N GLN A 28 -14.28 -2.67 -14.47
CA GLN A 28 -13.07 -2.87 -15.27
C GLN A 28 -11.98 -1.88 -14.87
N GLY A 29 -12.38 -0.63 -14.68
CA GLY A 29 -11.42 0.40 -14.30
C GLY A 29 -10.96 0.27 -12.86
N LYS A 30 -11.87 -0.19 -12.00
CA LYS A 30 -11.56 -0.37 -10.59
C LYS A 30 -10.61 -1.54 -10.38
N GLU A 31 -10.93 -2.68 -10.98
CA GLU A 31 -10.10 -3.87 -10.87
C GLU A 31 -8.63 -3.55 -11.10
N TYR A 32 -8.38 -2.49 -11.89
CA TYR A 32 -7.02 -2.07 -12.18
C TYR A 32 -6.40 -1.33 -11.01
N ILE A 33 -7.22 -0.55 -10.31
CA ILE A 33 -6.75 0.21 -9.15
C ILE A 33 -6.93 -0.58 -7.87
N THR A 34 -8.17 -0.97 -7.58
CA THR A 34 -8.48 -1.74 -6.38
C THR A 34 -7.35 -2.72 -6.06
N ASP A 35 -6.90 -3.45 -7.07
CA ASP A 35 -5.83 -4.42 -6.90
C ASP A 35 -4.53 -3.74 -6.48
N LYS A 36 -4.09 -2.78 -7.29
CA LYS A 36 -2.86 -2.04 -7.00
C LYS A 36 -2.96 -1.31 -5.67
N ALA A 37 -4.08 -0.63 -5.45
CA ALA A 37 -4.30 0.11 -4.21
C ALA A 37 -4.19 -0.81 -3.00
N ASP A 38 -4.89 -1.94 -3.06
CA ASP A 38 -4.87 -2.90 -1.96
C ASP A 38 -3.44 -3.22 -1.54
N LYS A 39 -2.50 -2.99 -2.44
CA LYS A 39 -1.09 -3.26 -2.16
C LYS A 39 -0.39 -1.98 -1.70
N VAL A 40 -0.73 -0.87 -2.33
CA VAL A 40 -0.13 0.43 -1.98
C VAL A 40 -0.44 0.80 -0.54
N ALA A 41 -1.28 0.00 0.11
CA ALA A 41 -1.66 0.25 1.49
C ALA A 41 -0.83 -0.59 2.45
N GLY A 42 -0.08 -1.54 1.90
CA GLY A 42 0.75 -2.41 2.72
C GLY A 42 2.18 -1.90 2.83
N LYS A 43 2.50 -0.88 2.06
CA LYS A 43 3.84 -0.30 2.06
C LYS A 43 3.79 1.19 2.37
N VAL A 44 2.74 1.85 1.86
CA VAL A 44 2.58 3.29 2.09
C VAL A 44 3.13 3.71 3.44
N GLN A 45 2.76 2.97 4.48
CA GLN A 45 3.22 3.27 5.83
C GLN A 45 4.73 3.20 5.91
N PRO A 46 5.38 4.36 6.11
CA PRO A 46 6.84 4.45 6.21
C PRO A 46 7.37 3.83 7.50
N GLU A 47 6.48 3.60 8.45
CA GLU A 47 6.85 3.00 9.73
C GLU A 47 6.77 1.48 9.67
N ASP A 48 6.39 0.96 8.51
CA ASP A 48 6.27 -0.48 8.33
C ASP A 48 7.63 -1.12 8.11
N ASN A 49 8.67 -0.29 8.09
CA ASN A 49 10.03 -0.78 7.89
C ASN A 49 10.41 -1.80 8.96
N LYS A 50 9.71 -1.74 10.09
CA LYS A 50 9.98 -2.66 11.19
C LYS A 50 9.14 -3.93 11.05
N GLY A 51 8.05 -3.85 10.30
CA GLY A 51 7.19 -5.00 10.09
C GLY A 51 7.88 -6.10 9.31
N VAL A 52 8.79 -5.71 8.41
CA VAL A 52 9.52 -6.67 7.60
C VAL A 52 10.36 -7.60 8.47
N PHE A 53 10.93 -7.06 9.53
CA PHE A 53 11.75 -7.84 10.45
C PHE A 53 10.89 -8.57 11.47
N GLN A 54 9.60 -8.27 11.48
CA GLN A 54 8.67 -8.89 12.40
C GLN A 54 8.69 -10.41 12.27
N GLY A 55 9.04 -10.88 11.08
CA GLY A 55 9.10 -12.32 10.83
C GLY A 55 10.48 -12.89 11.10
N VAL A 56 11.50 -12.25 10.56
CA VAL A 56 12.87 -12.71 10.73
C VAL A 56 13.31 -12.57 12.18
N HIS A 57 12.73 -11.60 12.88
CA HIS A 57 13.06 -11.36 14.29
C HIS A 57 13.01 -12.67 15.08
N ASP A 58 12.04 -13.51 14.76
CA ASP A 58 11.88 -14.78 15.45
C ASP A 58 13.18 -15.59 15.42
N SER A 59 13.99 -15.34 14.40
CA SER A 59 15.26 -16.04 14.25
C SER A 59 16.15 -15.82 15.47
N ALA A 60 16.28 -14.57 15.88
CA ALA A 60 17.10 -14.23 17.04
C ALA A 60 16.28 -14.26 18.32
N GLU A 61 15.05 -14.77 18.22
CA GLU A 61 14.16 -14.86 19.37
C GLU A 61 14.86 -15.53 20.55
N LYS A 62 15.70 -16.52 20.25
CA LYS A 62 16.42 -17.25 21.28
C LYS A 62 17.44 -16.34 21.98
N GLY A 63 18.23 -15.63 21.19
CA GLY A 63 19.22 -14.72 21.75
C GLY A 63 18.63 -13.40 22.17
N LYS A 64 17.32 -13.26 22.01
CA LYS A 64 16.62 -12.02 22.37
C LYS A 64 15.56 -12.30 23.43
N ASP A 65 15.78 -13.33 24.24
CA ASP A 65 14.84 -13.69 25.30
C ASP A 65 15.33 -13.18 26.65
N ASN A 66 16.32 -12.29 26.63
CA ASN A 66 16.88 -11.73 27.85
C ASN A 66 15.78 -11.16 28.74
N ALA A 67 14.64 -10.85 28.14
CA ALA A 67 13.51 -10.29 28.87
C ALA A 67 12.92 -11.32 29.83
N GLU A 68 13.05 -12.60 29.48
CA GLU A 68 12.53 -13.67 30.32
C GLU A 68 13.05 -13.55 31.74
N GLY A 69 12.50 -14.36 32.65
CA GLY A 69 12.91 -14.32 34.04
C GLY A 69 12.65 -15.63 34.76
N GLN A 70 13.71 -16.29 35.20
CA GLN A 70 13.59 -17.56 35.90
C GLN A 70 12.60 -17.45 37.05
N GLY A 71 11.76 -18.46 37.20
CA GLY A 71 10.77 -18.46 38.28
C GLY A 71 9.91 -19.70 38.27
N GLU A 72 9.14 -19.88 37.20
CA GLU A 72 8.26 -21.04 37.09
C GLU A 72 8.87 -22.10 36.16
N SER A 73 10.03 -21.77 35.60
CA SER A 73 10.71 -22.69 34.68
C SER A 73 10.18 -22.54 33.26
N LEU A 74 11.07 -22.68 32.29
CA LEU A 74 10.69 -22.57 30.89
C LEU A 74 9.63 -23.59 30.52
N ALA A 75 9.45 -24.59 31.39
CA ALA A 75 8.46 -25.63 31.15
C ALA A 75 7.07 -25.17 31.56
N ASP A 76 7.01 -24.22 32.49
CA ASP A 76 5.74 -23.69 32.97
C ASP A 76 4.92 -23.11 31.82
N GLN A 77 5.60 -22.39 30.93
CA GLN A 77 4.94 -21.77 29.79
C GLN A 77 4.76 -22.78 28.66
N ALA A 78 5.76 -23.64 28.47
CA ALA A 78 5.71 -24.66 27.42
C ALA A 78 4.32 -25.31 27.36
N ARG A 79 3.67 -25.43 28.51
CA ARG A 79 2.35 -26.04 28.59
C ARG A 79 1.29 -25.04 28.12
N ASP A 80 1.18 -23.91 28.82
CA ASP A 80 0.21 -22.90 28.48
C ASP A 80 0.62 -22.12 27.22
N TYR A 81 1.84 -21.60 27.25
CA TYR A 81 2.37 -20.84 26.12
C TYR A 81 2.03 -21.53 24.80
N MET A 82 2.58 -22.72 24.60
CA MET A 82 2.34 -23.48 23.38
C MET A 82 0.86 -23.50 23.03
N GLY A 83 0.01 -23.54 24.07
CA GLY A 83 -1.42 -23.57 23.86
C GLY A 83 -1.96 -22.22 23.42
N ALA A 84 -1.75 -21.20 24.25
CA ALA A 84 -2.23 -19.85 23.95
C ALA A 84 -1.72 -19.39 22.59
N ALA A 85 -0.67 -20.04 22.11
CA ALA A 85 -0.08 -19.69 20.82
C ALA A 85 -0.70 -20.50 19.69
N LYS A 86 -0.31 -21.78 19.60
CA LYS A 86 -0.84 -22.66 18.56
C LYS A 86 -2.36 -22.52 18.45
N SER A 87 -3.01 -22.29 19.57
CA SER A 87 -4.46 -22.14 19.60
C SER A 87 -4.87 -20.76 19.11
N LYS A 88 -4.54 -19.73 19.87
CA LYS A 88 -4.87 -18.36 19.51
C LYS A 88 -4.17 -17.95 18.22
N LEU A 89 -2.84 -17.97 18.24
CA LEU A 89 -2.06 -17.60 17.07
C LEU A 89 -2.66 -18.20 15.80
N ASN A 90 -2.89 -19.51 15.83
CA ASN A 90 -3.46 -20.21 14.68
C ASN A 90 -4.93 -19.84 14.49
N ASP A 91 -5.74 -20.16 15.49
CA ASP A 91 -7.17 -19.86 15.44
C ASP A 91 -7.40 -18.37 15.23
N ALA A 92 -6.36 -17.57 15.45
CA ALA A 92 -6.45 -16.12 15.28
C ALA A 92 -5.85 -15.69 13.95
N VAL A 93 -4.87 -16.44 13.47
CA VAL A 93 -4.21 -16.13 12.20
C VAL A 93 -4.61 -17.12 11.12
N GLU A 94 -4.59 -18.40 11.45
CA GLU A 94 -4.97 -19.45 10.50
C GLU A 94 -6.48 -19.47 10.28
N TYR A 95 -7.22 -19.25 11.36
CA TYR A 95 -8.68 -19.25 11.29
C TYR A 95 -9.20 -17.90 10.80
N VAL A 96 -8.62 -16.83 11.33
CA VAL A 96 -9.03 -15.48 10.96
C VAL A 96 -8.32 -15.02 9.68
N SER A 97 -7.00 -14.85 9.78
CA SER A 97 -6.21 -14.41 8.64
C SER A 97 -6.31 -15.42 7.49
N GLY A 98 -6.71 -16.65 7.83
CA GLY A 98 -6.84 -17.69 6.81
C GLY A 98 -8.21 -17.69 6.16
N ARG A 99 -9.19 -17.13 6.84
CA ARG A 99 -10.56 -17.08 6.32
C ARG A 99 -10.75 -15.86 5.44
N VAL A 100 -10.15 -14.74 5.85
CA VAL A 100 -10.26 -13.49 5.10
C VAL A 100 -9.45 -13.56 3.81
N HIS A 101 -8.33 -14.28 3.86
CA HIS A 101 -7.46 -14.41 2.69
C HIS A 101 -8.25 -14.90 1.48
N GLY A 102 -9.29 -15.69 1.73
CA GLY A 102 -10.11 -16.21 0.66
C GLY A 102 -11.34 -15.35 0.41
N GLU A 103 -11.12 -14.08 0.09
CA GLU A 103 -12.22 -13.17 -0.18
C GLU A 103 -13.18 -13.75 -1.21
N GLU A 104 -14.45 -13.89 -0.83
CA GLU A 104 -15.46 -14.43 -1.72
C GLU A 104 -16.15 -13.32 -2.51
N ASP A 105 -15.59 -12.11 -2.42
CA ASP A 105 -16.14 -10.96 -3.13
C ASP A 105 -16.35 -11.28 -4.60
N PRO A 106 -17.23 -10.51 -5.25
CA PRO A 106 -17.54 -10.69 -6.68
C PRO A 106 -16.38 -10.27 -7.58
N THR A 107 -15.49 -11.22 -7.86
CA THR A 107 -14.33 -10.97 -8.70
C THR A 107 -14.72 -10.95 -10.18
N LYS A 108 -15.82 -11.64 -10.50
CA LYS A 108 -16.29 -11.71 -11.87
C LYS A 108 -17.80 -11.51 -11.93
N LYS A 109 -18.23 -10.25 -11.91
CA LYS A 109 -19.65 -9.92 -11.96
C LYS A 109 -20.40 -10.54 -10.78
N MET A 1 -41.95 -3.66 -22.15
CA MET A 1 -41.72 -5.06 -22.49
C MET A 1 -41.34 -5.21 -23.96
N SER A 2 -40.76 -4.15 -24.52
CA SER A 2 -40.34 -4.17 -25.92
C SER A 2 -38.98 -3.49 -26.09
N ASP A 3 -38.60 -3.26 -27.34
CA ASP A 3 -37.32 -2.63 -27.64
C ASP A 3 -37.53 -1.23 -28.21
N ALA A 4 -36.58 -0.34 -27.96
CA ALA A 4 -36.66 1.02 -28.45
C ALA A 4 -36.64 1.07 -29.98
N GLY A 5 -36.26 -0.05 -30.58
CA GLY A 5 -36.21 -0.11 -32.03
C GLY A 5 -34.81 -0.36 -32.55
N ARG A 6 -34.69 -0.57 -33.86
CA ARG A 6 -33.39 -0.82 -34.48
C ARG A 6 -32.95 0.38 -35.32
N LYS A 7 -33.68 1.48 -35.20
CA LYS A 7 -33.36 2.69 -35.95
C LYS A 7 -32.01 3.26 -35.52
N GLY A 8 -31.54 2.84 -34.35
CA GLY A 8 -30.27 3.32 -33.85
C GLY A 8 -30.36 3.88 -32.44
N PHE A 9 -31.56 4.31 -32.07
CA PHE A 9 -31.79 4.88 -30.74
C PHE A 9 -31.82 3.79 -29.68
N GLY A 10 -31.77 2.53 -30.13
CA GLY A 10 -31.79 1.42 -29.20
C GLY A 10 -30.40 0.99 -28.78
N GLU A 11 -29.42 1.21 -29.65
CA GLU A 11 -28.04 0.85 -29.37
C GLU A 11 -27.53 1.56 -28.13
N LYS A 12 -28.14 2.70 -27.82
CA LYS A 12 -27.75 3.48 -26.65
C LYS A 12 -28.64 3.18 -25.46
N ALA A 13 -29.96 3.24 -25.68
CA ALA A 13 -30.92 2.95 -24.62
C ALA A 13 -30.80 1.51 -24.15
N SER A 14 -30.62 0.60 -25.09
CA SER A 14 -30.49 -0.82 -24.76
C SER A 14 -29.16 -1.11 -24.07
N GLU A 15 -28.12 -0.40 -24.49
CA GLU A 15 -26.80 -0.58 -23.90
C GLU A 15 -26.64 0.24 -22.63
N ALA A 16 -27.41 1.32 -22.54
CA ALA A 16 -27.37 2.20 -21.38
C ALA A 16 -28.23 1.66 -20.24
N LEU A 17 -29.11 0.72 -20.58
CA LEU A 17 -30.01 0.11 -19.59
C LEU A 17 -29.50 -1.26 -19.17
N LYS A 18 -28.53 -1.78 -19.91
CA LYS A 18 -27.96 -3.10 -19.63
C LYS A 18 -27.77 -3.29 -18.13
N PRO A 19 -27.78 -4.55 -17.68
CA PRO A 19 -27.60 -4.89 -16.27
C PRO A 19 -26.18 -4.64 -15.79
N ASP A 20 -25.29 -4.33 -16.73
CA ASP A 20 -23.89 -4.06 -16.39
C ASP A 20 -23.37 -2.87 -17.18
N SER A 21 -24.08 -1.74 -17.10
CA SER A 21 -23.69 -0.54 -17.82
C SER A 21 -22.79 0.34 -16.94
N GLN A 22 -22.77 0.05 -15.64
CA GLN A 22 -21.95 0.81 -14.71
C GLN A 22 -20.79 -0.03 -14.19
N LYS A 23 -21.07 -1.29 -13.88
CA LYS A 23 -20.04 -2.20 -13.37
C LYS A 23 -19.01 -2.50 -14.46
N SER A 24 -19.42 -3.28 -15.46
CA SER A 24 -18.52 -3.65 -16.55
C SER A 24 -17.67 -2.46 -16.98
N TYR A 25 -18.22 -1.26 -16.83
CA TYR A 25 -17.51 -0.05 -17.20
C TYR A 25 -16.63 0.45 -16.06
N ALA A 26 -17.24 0.68 -14.90
CA ALA A 26 -16.52 1.16 -13.73
C ALA A 26 -15.63 0.05 -13.16
N GLU A 27 -16.22 -1.12 -12.95
CA GLU A 27 -15.47 -2.26 -12.41
C GLU A 27 -14.16 -2.46 -13.16
N GLN A 28 -14.25 -2.64 -14.46
CA GLN A 28 -13.07 -2.85 -15.30
C GLN A 28 -11.98 -1.85 -14.94
N GLY A 29 -12.37 -0.61 -14.69
CA GLY A 29 -11.41 0.42 -14.34
C GLY A 29 -10.95 0.32 -12.90
N LYS A 30 -11.84 -0.14 -12.03
CA LYS A 30 -11.52 -0.28 -10.62
C LYS A 30 -10.58 -1.46 -10.38
N GLU A 31 -10.87 -2.57 -11.04
CA GLU A 31 -10.05 -3.77 -10.90
C GLU A 31 -8.57 -3.45 -11.15
N TYR A 32 -8.32 -2.40 -11.91
CA TYR A 32 -6.96 -1.98 -12.22
C TYR A 32 -6.34 -1.24 -11.05
N ILE A 33 -7.17 -0.46 -10.35
CA ILE A 33 -6.69 0.31 -9.20
C ILE A 33 -6.84 -0.48 -7.91
N THR A 34 -8.07 -0.91 -7.61
CA THR A 34 -8.35 -1.68 -6.41
C THR A 34 -7.23 -2.68 -6.13
N ASP A 35 -6.78 -3.37 -7.18
CA ASP A 35 -5.72 -4.36 -7.06
C ASP A 35 -4.44 -3.72 -6.54
N LYS A 36 -4.01 -2.64 -7.19
CA LYS A 36 -2.80 -1.94 -6.80
C LYS A 36 -3.05 -1.09 -5.54
N ALA A 37 -4.31 -0.79 -5.28
CA ALA A 37 -4.68 0.00 -4.12
C ALA A 37 -4.58 -0.83 -2.84
N ASP A 38 -4.99 -2.09 -2.91
CA ASP A 38 -4.94 -2.97 -1.75
C ASP A 38 -3.50 -3.31 -1.39
N LYS A 39 -2.60 -3.12 -2.34
CA LYS A 39 -1.18 -3.39 -2.12
C LYS A 39 -0.44 -2.14 -1.68
N VAL A 40 -0.71 -1.02 -2.37
CA VAL A 40 -0.06 0.25 -2.05
C VAL A 40 -0.38 0.67 -0.61
N ALA A 41 -1.29 -0.05 0.03
CA ALA A 41 -1.68 0.25 1.40
C ALA A 41 -0.87 -0.58 2.39
N GLY A 42 -0.11 -1.54 1.88
CA GLY A 42 0.71 -2.38 2.74
C GLY A 42 2.13 -1.88 2.85
N LYS A 43 2.48 -0.89 2.04
CA LYS A 43 3.82 -0.32 2.05
C LYS A 43 3.78 1.18 2.28
N VAL A 44 2.75 1.83 1.73
CA VAL A 44 2.59 3.27 1.88
C VAL A 44 3.14 3.75 3.23
N GLN A 45 2.74 3.07 4.30
CA GLN A 45 3.19 3.43 5.64
C GLN A 45 4.71 3.37 5.73
N PRO A 46 5.34 4.54 5.88
CA PRO A 46 6.80 4.64 5.99
C PRO A 46 7.33 4.09 7.30
N GLU A 47 6.44 3.92 8.27
CA GLU A 47 6.81 3.38 9.58
C GLU A 47 6.69 1.86 9.60
N ASP A 48 6.28 1.29 8.47
CA ASP A 48 6.13 -0.16 8.37
C ASP A 48 7.46 -0.82 8.07
N ASN A 49 8.52 -0.02 8.02
CA ASN A 49 9.86 -0.54 7.74
C ASN A 49 10.31 -1.50 8.84
N LYS A 50 9.70 -1.39 10.01
CA LYS A 50 10.03 -2.25 11.13
C LYS A 50 9.12 -3.47 11.18
N GLY A 51 7.96 -3.36 10.53
CA GLY A 51 7.01 -4.46 10.51
C GLY A 51 7.53 -5.66 9.75
N VAL A 52 8.37 -5.40 8.74
CA VAL A 52 8.95 -6.47 7.93
C VAL A 52 9.83 -7.39 8.78
N PHE A 53 10.57 -6.79 9.71
CA PHE A 53 11.46 -7.55 10.58
C PHE A 53 10.73 -7.97 11.86
N GLN A 54 9.55 -7.40 12.07
CA GLN A 54 8.76 -7.71 13.26
C GLN A 54 8.32 -9.18 13.24
N GLY A 55 7.88 -9.64 12.08
CA GLY A 55 7.43 -11.02 11.95
C GLY A 55 8.54 -11.96 11.54
N VAL A 56 9.65 -11.38 11.07
CA VAL A 56 10.80 -12.18 10.64
C VAL A 56 11.76 -12.42 11.79
N HIS A 57 12.17 -11.35 12.46
CA HIS A 57 13.09 -11.46 13.58
C HIS A 57 12.57 -12.45 14.62
N ASP A 58 11.25 -12.54 14.74
CA ASP A 58 10.63 -13.45 15.70
C ASP A 58 10.74 -14.89 15.22
N SER A 59 10.76 -15.07 13.90
CA SER A 59 10.87 -16.41 13.32
C SER A 59 12.30 -16.92 13.36
N ALA A 60 13.25 -15.99 13.29
CA ALA A 60 14.66 -16.33 13.33
C ALA A 60 15.19 -16.37 14.76
N GLU A 61 14.27 -16.28 15.72
CA GLU A 61 14.65 -16.31 17.13
C GLU A 61 15.55 -17.49 17.44
N LYS A 62 15.38 -18.58 16.70
CA LYS A 62 16.17 -19.78 16.88
C LYS A 62 17.56 -19.62 16.27
N GLY A 63 17.61 -18.98 15.10
CA GLY A 63 18.88 -18.78 14.43
C GLY A 63 19.51 -17.44 14.77
N LYS A 64 19.00 -16.80 15.81
CA LYS A 64 19.50 -15.50 16.24
C LYS A 64 20.14 -15.59 17.62
N ASP A 65 20.63 -16.78 17.96
CA ASP A 65 21.26 -17.00 19.26
C ASP A 65 22.76 -17.22 19.10
N ASN A 66 23.27 -16.92 17.91
CA ASN A 66 24.70 -17.08 17.63
C ASN A 66 25.55 -16.60 18.80
N ALA A 67 25.05 -15.57 19.49
CA ALA A 67 25.76 -15.01 20.63
C ALA A 67 26.25 -16.11 21.57
N GLU A 68 25.40 -17.12 21.79
CA GLU A 68 25.75 -18.23 22.66
C GLU A 68 27.10 -18.82 22.28
N GLY A 69 27.62 -19.71 23.13
CA GLY A 69 28.89 -20.35 22.85
C GLY A 69 28.97 -21.76 23.39
N GLN A 70 29.88 -21.98 24.33
CA GLN A 70 30.05 -23.30 24.93
C GLN A 70 28.72 -23.85 25.43
N GLY A 71 28.33 -25.00 24.92
CA GLY A 71 27.07 -25.61 25.34
C GLY A 71 26.80 -26.92 24.63
N GLU A 72 26.62 -26.86 23.31
CA GLU A 72 26.35 -28.05 22.51
C GLU A 72 27.61 -28.53 21.81
N SER A 73 28.72 -27.84 22.05
CA SER A 73 29.99 -28.19 21.43
C SER A 73 30.10 -27.61 20.02
N LEU A 74 31.32 -27.26 19.62
CA LEU A 74 31.55 -26.69 18.31
C LEU A 74 31.09 -27.65 17.22
N ALA A 75 30.84 -28.90 17.59
CA ALA A 75 30.39 -29.91 16.64
C ALA A 75 28.90 -29.80 16.40
N ASP A 76 28.18 -29.21 17.36
CA ASP A 76 26.74 -29.05 17.24
C ASP A 76 26.39 -28.17 16.04
N GLN A 77 27.21 -27.16 15.79
CA GLN A 77 26.99 -26.25 14.67
C GLN A 77 27.63 -26.79 13.39
N ALA A 78 28.78 -27.43 13.54
CA ALA A 78 29.48 -28.00 12.40
C ALA A 78 28.53 -28.77 11.49
N ARG A 79 27.53 -29.39 12.09
CA ARG A 79 26.56 -30.17 11.34
C ARG A 79 25.52 -29.26 10.68
N ASP A 80 25.01 -28.30 11.45
CA ASP A 80 24.02 -27.36 10.94
C ASP A 80 24.69 -26.15 10.30
N TYR A 81 25.55 -25.48 11.07
CA TYR A 81 26.25 -24.30 10.58
C TYR A 81 26.72 -24.50 9.14
N MET A 82 27.54 -25.54 8.94
CA MET A 82 28.06 -25.84 7.60
C MET A 82 26.93 -26.14 6.64
N GLY A 83 25.90 -26.85 7.12
CA GLY A 83 24.77 -27.18 6.28
C GLY A 83 23.98 -25.97 5.85
N ALA A 84 24.12 -24.88 6.61
CA ALA A 84 23.41 -23.64 6.30
C ALA A 84 24.28 -22.69 5.49
N ALA A 85 25.56 -22.61 5.86
CA ALA A 85 26.50 -21.75 5.16
C ALA A 85 27.23 -22.50 4.06
N LYS A 86 28.20 -23.33 4.45
CA LYS A 86 28.97 -24.10 3.50
C LYS A 86 28.06 -24.74 2.45
N SER A 87 26.83 -25.02 2.84
CA SER A 87 25.86 -25.64 1.93
C SER A 87 25.15 -24.58 1.10
N LYS A 88 24.29 -23.81 1.75
CA LYS A 88 23.54 -22.75 1.08
C LYS A 88 24.47 -21.73 0.46
N LEU A 89 25.33 -21.14 1.29
CA LEU A 89 26.29 -20.13 0.82
C LEU A 89 27.04 -20.64 -0.40
N ASN A 90 27.74 -21.77 -0.25
CA ASN A 90 28.50 -22.36 -1.33
C ASN A 90 27.59 -22.79 -2.47
N ASP A 91 26.76 -23.80 -2.20
CA ASP A 91 25.83 -24.31 -3.20
C ASP A 91 25.14 -23.17 -3.93
N ALA A 92 24.94 -22.05 -3.24
CA ALA A 92 24.28 -20.90 -3.82
C ALA A 92 25.31 -19.95 -4.45
N VAL A 93 26.05 -19.23 -3.60
CA VAL A 93 27.06 -18.30 -4.08
C VAL A 93 27.86 -18.90 -5.23
N GLU A 94 28.03 -20.22 -5.21
CA GLU A 94 28.78 -20.91 -6.24
C GLU A 94 27.92 -21.11 -7.49
N TYR A 95 26.72 -21.66 -7.30
CA TYR A 95 25.81 -21.91 -8.41
C TYR A 95 24.93 -20.69 -8.67
N VAL A 96 24.32 -20.17 -7.61
CA VAL A 96 23.45 -19.00 -7.72
C VAL A 96 24.20 -17.81 -8.30
N SER A 97 25.25 -17.38 -7.60
CA SER A 97 26.05 -16.25 -8.05
C SER A 97 26.84 -16.60 -9.31
N GLY A 98 27.37 -17.82 -9.34
CA GLY A 98 28.14 -18.26 -10.49
C GLY A 98 27.31 -18.32 -11.76
N ARG A 99 26.00 -18.38 -11.60
CA ARG A 99 25.08 -18.46 -12.73
C ARG A 99 24.75 -17.06 -13.25
N VAL A 100 24.30 -16.20 -12.34
CA VAL A 100 23.95 -14.83 -12.71
C VAL A 100 25.18 -14.02 -13.08
N HIS A 101 26.32 -14.40 -12.52
CA HIS A 101 27.58 -13.71 -12.80
C HIS A 101 27.89 -13.72 -14.29
N GLY A 102 27.38 -14.73 -15.00
CA GLY A 102 27.60 -14.82 -16.42
C GLY A 102 26.95 -13.69 -17.19
N GLU A 103 27.75 -12.70 -17.58
CA GLU A 103 27.25 -11.56 -18.33
C GLU A 103 27.53 -11.71 -19.82
N GLU A 104 26.48 -11.66 -20.62
CA GLU A 104 26.60 -11.79 -22.07
C GLU A 104 26.71 -10.42 -22.73
N ASP A 105 26.86 -9.39 -21.92
CA ASP A 105 26.97 -8.02 -22.43
C ASP A 105 28.42 -7.51 -22.31
N PRO A 106 28.76 -6.53 -23.16
CA PRO A 106 30.10 -5.95 -23.18
C PRO A 106 30.38 -5.09 -21.94
N THR A 107 31.08 -5.68 -20.97
CA THR A 107 31.40 -4.98 -19.73
C THR A 107 32.06 -3.64 -20.02
N LYS A 108 32.77 -3.56 -21.13
CA LYS A 108 33.45 -2.33 -21.53
C LYS A 108 32.46 -1.17 -21.64
N LYS A 109 32.95 0.05 -21.44
CA LYS A 109 32.12 1.24 -21.52
C LYS A 109 32.27 1.92 -22.87
N MET A 1 -35.20 -0.16 -6.23
CA MET A 1 -33.83 0.19 -5.86
C MET A 1 -33.54 -0.20 -4.42
N SER A 2 -32.33 -0.69 -4.17
CA SER A 2 -31.92 -1.10 -2.83
C SER A 2 -32.79 -2.26 -2.34
N ASP A 3 -32.36 -3.48 -2.65
CA ASP A 3 -33.09 -4.67 -2.22
C ASP A 3 -32.20 -5.59 -1.39
N ALA A 4 -32.72 -6.02 -0.24
CA ALA A 4 -31.98 -6.91 0.65
C ALA A 4 -32.58 -8.30 0.66
N GLY A 5 -33.35 -8.62 -0.37
CA GLY A 5 -33.99 -9.92 -0.45
C GLY A 5 -33.12 -10.94 -1.16
N ARG A 6 -32.63 -11.92 -0.41
CA ARG A 6 -31.78 -12.97 -0.97
C ARG A 6 -32.51 -14.30 -1.02
N LYS A 7 -33.82 -14.26 -0.77
CA LYS A 7 -34.64 -15.47 -0.79
C LYS A 7 -34.86 -15.95 -2.22
N GLY A 8 -34.58 -15.07 -3.19
CA GLY A 8 -34.76 -15.42 -4.58
C GLY A 8 -35.09 -14.23 -5.45
N PHE A 9 -35.52 -13.14 -4.82
CA PHE A 9 -35.88 -11.93 -5.53
C PHE A 9 -34.63 -11.11 -5.87
N GLY A 10 -33.51 -11.50 -5.28
CA GLY A 10 -32.26 -10.79 -5.52
C GLY A 10 -31.44 -11.44 -6.62
N GLU A 11 -31.40 -12.77 -6.62
CA GLU A 11 -30.63 -13.51 -7.61
C GLU A 11 -31.19 -13.26 -9.02
N LYS A 12 -32.44 -12.85 -9.09
CA LYS A 12 -33.09 -12.57 -10.37
C LYS A 12 -33.00 -11.08 -10.71
N ALA A 13 -33.26 -10.24 -9.71
CA ALA A 13 -33.20 -8.80 -9.90
C ALA A 13 -31.76 -8.31 -10.08
N SER A 14 -30.82 -9.13 -9.63
CA SER A 14 -29.40 -8.78 -9.72
C SER A 14 -28.78 -9.39 -10.97
N GLU A 15 -29.34 -10.52 -11.41
CA GLU A 15 -28.84 -11.20 -12.60
C GLU A 15 -29.65 -10.83 -13.83
N ALA A 16 -30.90 -10.45 -13.61
CA ALA A 16 -31.79 -10.06 -14.70
C ALA A 16 -31.73 -8.56 -14.95
N LEU A 17 -31.28 -7.81 -13.95
CA LEU A 17 -31.17 -6.37 -14.06
C LEU A 17 -29.72 -5.92 -14.01
N LYS A 18 -28.81 -6.88 -13.84
CA LYS A 18 -27.39 -6.59 -13.78
C LYS A 18 -27.02 -5.48 -14.75
N PRO A 19 -26.67 -4.30 -14.20
CA PRO A 19 -26.29 -3.13 -15.00
C PRO A 19 -24.94 -3.33 -15.69
N ASP A 20 -24.86 -4.31 -16.56
CA ASP A 20 -23.63 -4.60 -17.30
C ASP A 20 -23.16 -3.38 -18.08
N SER A 21 -24.05 -2.40 -18.22
CA SER A 21 -23.75 -1.17 -18.96
C SER A 21 -22.92 -0.22 -18.10
N GLN A 22 -22.84 -0.52 -16.80
CA GLN A 22 -22.08 0.31 -15.87
C GLN A 22 -20.91 -0.47 -15.29
N LYS A 23 -21.23 -1.51 -14.51
CA LYS A 23 -20.20 -2.33 -13.89
C LYS A 23 -19.05 -2.60 -14.86
N SER A 24 -19.30 -3.45 -15.85
CA SER A 24 -18.28 -3.80 -16.84
C SER A 24 -17.43 -2.58 -17.18
N TYR A 25 -18.04 -1.40 -17.11
CA TYR A 25 -17.33 -0.15 -17.41
C TYR A 25 -16.57 0.35 -16.20
N ALA A 26 -17.29 0.54 -15.09
CA ALA A 26 -16.68 1.03 -13.86
C ALA A 26 -15.79 -0.04 -13.24
N GLU A 27 -16.33 -1.25 -13.11
CA GLU A 27 -15.59 -2.36 -12.52
C GLU A 27 -14.21 -2.48 -13.16
N GLN A 28 -14.18 -2.64 -14.47
CA GLN A 28 -12.92 -2.77 -15.20
C GLN A 28 -11.93 -1.69 -14.78
N GLY A 29 -12.45 -0.50 -14.49
CA GLY A 29 -11.60 0.60 -14.09
C GLY A 29 -11.10 0.45 -12.66
N LYS A 30 -12.00 0.03 -11.76
CA LYS A 30 -11.65 -0.15 -10.36
C LYS A 30 -10.70 -1.33 -10.19
N GLU A 31 -11.07 -2.47 -10.77
CA GLU A 31 -10.25 -3.67 -10.68
C GLU A 31 -8.77 -3.36 -10.94
N TYR A 32 -8.54 -2.32 -11.74
CA TYR A 32 -7.18 -1.91 -12.07
C TYR A 32 -6.53 -1.19 -10.89
N ILE A 33 -7.32 -0.40 -10.17
CA ILE A 33 -6.83 0.34 -9.03
C ILE A 33 -7.01 -0.44 -7.74
N THR A 34 -8.26 -0.78 -7.43
CA THR A 34 -8.57 -1.55 -6.22
C THR A 34 -7.49 -2.57 -5.92
N ASP A 35 -7.08 -3.31 -6.95
CA ASP A 35 -6.05 -4.33 -6.81
C ASP A 35 -4.72 -3.70 -6.43
N LYS A 36 -4.25 -2.76 -7.25
CA LYS A 36 -2.99 -2.08 -6.99
C LYS A 36 -3.02 -1.36 -5.65
N ALA A 37 -4.10 -0.62 -5.41
CA ALA A 37 -4.24 0.12 -4.16
C ALA A 37 -4.13 -0.80 -2.96
N ASP A 38 -4.88 -1.90 -2.99
CA ASP A 38 -4.87 -2.87 -1.90
C ASP A 38 -3.45 -3.24 -1.52
N LYS A 39 -2.52 -3.06 -2.46
CA LYS A 39 -1.12 -3.37 -2.22
C LYS A 39 -0.34 -2.14 -1.78
N VAL A 40 -0.67 -1.00 -2.39
CA VAL A 40 0.00 0.26 -2.05
C VAL A 40 -0.28 0.65 -0.61
N ALA A 41 -1.14 -0.11 0.05
CA ALA A 41 -1.48 0.16 1.44
C ALA A 41 -0.58 -0.63 2.40
N GLY A 42 0.09 -1.64 1.86
CA GLY A 42 0.98 -2.46 2.68
C GLY A 42 2.41 -1.95 2.66
N LYS A 43 2.64 -0.87 1.93
CA LYS A 43 3.98 -0.30 1.82
C LYS A 43 3.98 1.16 2.26
N VAL A 44 2.89 1.87 1.93
CA VAL A 44 2.77 3.27 2.30
C VAL A 44 3.31 3.53 3.70
N GLN A 45 2.93 2.66 4.63
CA GLN A 45 3.38 2.81 6.01
C GLN A 45 4.90 2.76 6.11
N PRO A 46 5.50 3.92 6.46
CA PRO A 46 6.96 4.03 6.59
C PRO A 46 7.50 3.26 7.79
N GLU A 47 6.61 2.86 8.68
CA GLU A 47 7.00 2.12 9.88
C GLU A 47 6.95 0.61 9.62
N ASP A 48 6.57 0.25 8.41
CA ASP A 48 6.49 -1.16 8.03
C ASP A 48 7.82 -1.66 7.48
N ASN A 49 8.86 -0.85 7.66
CA ASN A 49 10.20 -1.21 7.18
C ASN A 49 10.64 -2.55 7.75
N LYS A 50 10.07 -2.92 8.89
CA LYS A 50 10.40 -4.17 9.55
C LYS A 50 9.42 -5.27 9.15
N GLY A 51 8.13 -4.94 9.21
CA GLY A 51 7.10 -5.90 8.85
C GLY A 51 7.39 -6.60 7.53
N VAL A 52 8.18 -5.96 6.68
CA VAL A 52 8.54 -6.51 5.38
C VAL A 52 9.41 -7.75 5.54
N PHE A 53 10.37 -7.69 6.46
CA PHE A 53 11.27 -8.80 6.71
C PHE A 53 10.71 -9.72 7.79
N GLN A 54 9.72 -9.24 8.51
CA GLN A 54 9.10 -10.02 9.58
C GLN A 54 8.45 -11.28 9.02
N GLY A 55 7.74 -11.14 7.91
CA GLY A 55 7.09 -12.28 7.30
C GLY A 55 7.96 -12.97 6.26
N VAL A 56 8.98 -12.25 5.79
CA VAL A 56 9.89 -12.81 4.79
C VAL A 56 11.00 -13.62 5.44
N HIS A 57 11.73 -12.99 6.37
CA HIS A 57 12.82 -13.66 7.07
C HIS A 57 12.34 -14.97 7.67
N ASP A 58 11.24 -14.93 8.40
CA ASP A 58 10.68 -16.12 9.04
C ASP A 58 10.35 -17.19 8.00
N SER A 59 10.13 -16.75 6.76
CA SER A 59 9.80 -17.67 5.67
C SER A 59 11.07 -18.22 5.04
N ALA A 60 12.17 -17.48 5.16
CA ALA A 60 13.45 -17.90 4.61
C ALA A 60 14.21 -18.79 5.58
N GLU A 61 13.57 -19.13 6.69
CA GLU A 61 14.19 -19.98 7.70
C GLU A 61 14.51 -21.36 7.13
N LYS A 62 13.46 -22.14 6.87
CA LYS A 62 13.62 -23.48 6.30
C LYS A 62 13.15 -23.53 4.86
N GLY A 63 12.87 -22.37 4.29
CA GLY A 63 12.42 -22.30 2.91
C GLY A 63 13.43 -21.64 2.00
N LYS A 64 14.55 -21.22 2.55
CA LYS A 64 15.60 -20.56 1.78
C LYS A 64 16.76 -21.52 1.52
N ASP A 65 16.46 -22.81 1.45
CA ASP A 65 17.48 -23.83 1.20
C ASP A 65 17.32 -24.43 -0.19
N ASN A 66 16.51 -23.77 -1.02
CA ASN A 66 16.27 -24.26 -2.38
C ASN A 66 17.58 -24.60 -3.07
N ALA A 67 18.66 -23.97 -2.64
CA ALA A 67 19.98 -24.21 -3.21
C ALA A 67 20.30 -25.70 -3.25
N GLU A 68 19.74 -26.44 -2.30
CA GLU A 68 19.97 -27.88 -2.22
C GLU A 68 19.33 -28.59 -3.41
N GLY A 69 19.95 -29.69 -3.85
CA GLY A 69 19.43 -30.44 -4.96
C GLY A 69 19.20 -29.57 -6.19
N GLN A 70 17.94 -29.22 -6.44
CA GLN A 70 17.60 -28.40 -7.59
C GLN A 70 18.24 -27.02 -7.49
N GLY A 71 18.31 -26.31 -8.61
CA GLY A 71 18.90 -25.00 -8.62
C GLY A 71 18.88 -24.37 -10.00
N GLU A 72 19.62 -24.97 -10.93
CA GLU A 72 19.69 -24.46 -12.30
C GLU A 72 18.77 -25.25 -13.22
N SER A 73 18.64 -26.54 -12.94
CA SER A 73 17.79 -27.42 -13.75
C SER A 73 18.13 -28.89 -13.50
N LEU A 74 17.10 -29.72 -13.44
CA LEU A 74 17.29 -31.15 -13.21
C LEU A 74 17.87 -31.82 -14.44
N ALA A 75 17.93 -31.09 -15.55
CA ALA A 75 18.48 -31.62 -16.79
C ALA A 75 19.99 -31.46 -16.84
N ASP A 76 20.49 -30.39 -16.23
CA ASP A 76 21.92 -30.12 -16.20
C ASP A 76 22.69 -31.30 -15.62
N GLN A 77 22.15 -31.87 -14.54
CA GLN A 77 22.78 -33.00 -13.89
C GLN A 77 22.47 -34.30 -14.62
N ALA A 78 21.23 -34.43 -15.08
CA ALA A 78 20.79 -35.62 -15.80
C ALA A 78 21.86 -36.08 -16.78
N ARG A 79 22.59 -35.13 -17.36
CA ARG A 79 23.63 -35.44 -18.31
C ARG A 79 24.88 -35.97 -17.61
N ASP A 80 25.47 -35.13 -16.75
CA ASP A 80 26.67 -35.51 -16.02
C ASP A 80 26.32 -36.49 -14.88
N TYR A 81 25.36 -36.10 -14.05
CA TYR A 81 24.94 -36.92 -12.92
C TYR A 81 24.84 -38.39 -13.34
N MET A 82 23.93 -38.66 -14.29
CA MET A 82 23.73 -40.02 -14.78
C MET A 82 25.06 -40.65 -15.22
N GLY A 83 25.92 -39.83 -15.80
CA GLY A 83 27.22 -40.32 -16.26
C GLY A 83 28.11 -40.74 -15.11
N ALA A 84 27.84 -40.20 -13.93
CA ALA A 84 28.64 -40.51 -12.75
C ALA A 84 27.99 -41.64 -11.93
N ALA A 85 26.66 -41.57 -11.82
CA ALA A 85 25.92 -42.59 -11.07
C ALA A 85 25.49 -43.74 -11.97
N LYS A 86 24.43 -43.51 -12.74
CA LYS A 86 23.92 -44.52 -13.65
C LYS A 86 25.05 -45.22 -14.39
N SER A 87 26.07 -44.46 -14.77
CA SER A 87 27.22 -45.00 -15.48
C SER A 87 28.09 -45.82 -14.54
N LYS A 88 28.79 -45.13 -13.64
CA LYS A 88 29.67 -45.79 -12.68
C LYS A 88 28.90 -46.80 -11.84
N LEU A 89 27.85 -46.32 -11.17
CA LEU A 89 27.03 -47.19 -10.33
C LEU A 89 26.69 -48.48 -11.05
N ASN A 90 26.08 -48.35 -12.23
CA ASN A 90 25.70 -49.51 -13.03
C ASN A 90 26.93 -50.24 -13.57
N ASP A 91 27.86 -49.47 -14.14
CA ASP A 91 29.08 -50.04 -14.69
C ASP A 91 29.99 -50.56 -13.59
N ALA A 92 29.69 -50.17 -12.35
CA ALA A 92 30.48 -50.60 -11.20
C ALA A 92 29.73 -51.63 -10.37
N VAL A 93 28.40 -51.59 -10.46
CA VAL A 93 27.56 -52.54 -9.71
C VAL A 93 26.97 -53.59 -10.63
N GLU A 94 26.63 -53.20 -11.85
CA GLU A 94 26.06 -54.12 -12.83
C GLU A 94 27.15 -54.74 -13.69
N TYR A 95 28.19 -53.96 -13.98
CA TYR A 95 29.30 -54.44 -14.79
C TYR A 95 30.40 -55.05 -13.93
N VAL A 96 30.65 -54.42 -12.78
CA VAL A 96 31.68 -54.91 -11.86
C VAL A 96 31.09 -55.87 -10.84
N SER A 97 30.12 -55.39 -10.07
CA SER A 97 29.48 -56.21 -9.05
C SER A 97 28.52 -57.21 -9.69
N GLY A 98 28.14 -56.95 -10.94
CA GLY A 98 27.23 -57.83 -11.64
C GLY A 98 27.95 -58.95 -12.37
N ARG A 99 29.25 -58.76 -12.61
CA ARG A 99 30.05 -59.76 -13.31
C ARG A 99 30.62 -60.77 -12.32
N VAL A 100 31.37 -60.28 -11.34
CA VAL A 100 31.97 -61.15 -10.33
C VAL A 100 30.91 -61.95 -9.59
N HIS A 101 29.71 -61.40 -9.52
CA HIS A 101 28.60 -62.06 -8.84
C HIS A 101 27.74 -62.85 -9.83
N GLY A 102 28.35 -63.28 -10.93
CA GLY A 102 27.63 -64.03 -11.93
C GLY A 102 26.96 -65.27 -11.35
N GLU A 103 27.74 -66.31 -11.12
CA GLU A 103 27.21 -67.55 -10.56
C GLU A 103 27.22 -67.52 -9.04
N GLU A 104 26.06 -67.76 -8.44
CA GLU A 104 25.93 -67.77 -6.99
C GLU A 104 26.01 -69.18 -6.43
N ASP A 105 26.38 -70.12 -7.28
CA ASP A 105 26.49 -71.52 -6.88
C ASP A 105 27.47 -71.67 -5.71
N PRO A 106 27.17 -72.61 -4.81
CA PRO A 106 28.01 -72.88 -3.63
C PRO A 106 29.34 -73.52 -4.00
N THR A 107 30.39 -72.72 -4.03
CA THR A 107 31.72 -73.20 -4.38
C THR A 107 32.28 -74.11 -3.28
N LYS A 108 31.81 -73.90 -2.05
CA LYS A 108 32.25 -74.71 -0.92
C LYS A 108 31.52 -76.04 -0.89
N LYS A 109 30.26 -76.01 -0.48
CA LYS A 109 29.44 -77.22 -0.42
C LYS A 109 28.03 -76.90 0.06
N MET A 1 -25.06 20.10 -5.23
CA MET A 1 -25.60 20.18 -3.87
C MET A 1 -27.12 20.18 -3.89
N SER A 2 -27.71 18.98 -3.99
CA SER A 2 -29.16 18.84 -4.02
C SER A 2 -29.55 17.37 -3.99
N ASP A 3 -30.85 17.12 -3.78
CA ASP A 3 -31.37 15.76 -3.73
C ASP A 3 -32.68 15.65 -4.49
N ALA A 4 -32.75 14.70 -5.41
CA ALA A 4 -33.96 14.49 -6.21
C ALA A 4 -34.86 13.45 -5.56
N GLY A 5 -34.27 12.57 -4.75
CA GLY A 5 -35.05 11.54 -4.09
C GLY A 5 -34.49 11.19 -2.72
N ARG A 6 -35.33 10.63 -1.87
CA ARG A 6 -34.92 10.24 -0.52
C ARG A 6 -34.55 8.77 -0.46
N LYS A 7 -35.42 7.93 -0.99
CA LYS A 7 -35.19 6.48 -0.99
C LYS A 7 -34.45 6.07 -2.26
N GLY A 8 -34.49 6.91 -3.28
CA GLY A 8 -33.83 6.61 -4.53
C GLY A 8 -34.36 5.35 -5.18
N PHE A 9 -35.22 5.53 -6.19
CA PHE A 9 -35.80 4.40 -6.90
C PHE A 9 -34.87 3.92 -8.02
N GLY A 10 -33.82 4.69 -8.28
CA GLY A 10 -32.89 4.33 -9.33
C GLY A 10 -31.72 3.53 -8.80
N GLU A 11 -31.26 3.88 -7.60
CA GLU A 11 -30.15 3.17 -6.98
C GLU A 11 -30.34 1.66 -7.06
N LYS A 12 -31.59 1.23 -7.13
CA LYS A 12 -31.91 -0.19 -7.20
C LYS A 12 -32.28 -0.58 -8.63
N ALA A 13 -33.35 0.03 -9.15
CA ALA A 13 -33.81 -0.25 -10.50
C ALA A 13 -32.74 0.08 -11.52
N SER A 14 -32.13 1.25 -11.38
CA SER A 14 -31.08 1.69 -12.30
C SER A 14 -29.85 0.81 -12.19
N GLU A 15 -29.55 0.38 -10.97
CA GLU A 15 -28.39 -0.47 -10.72
C GLU A 15 -28.72 -1.93 -11.02
N ALA A 16 -30.00 -2.26 -10.97
CA ALA A 16 -30.45 -3.62 -11.23
C ALA A 16 -30.85 -3.80 -12.70
N LEU A 17 -30.94 -2.69 -13.41
CA LEU A 17 -31.32 -2.71 -14.82
C LEU A 17 -30.16 -2.28 -15.70
N LYS A 18 -29.22 -1.54 -15.12
CA LYS A 18 -28.05 -1.06 -15.85
C LYS A 18 -27.48 -2.16 -16.74
N PRO A 19 -27.70 -2.03 -18.06
CA PRO A 19 -27.21 -3.00 -19.04
C PRO A 19 -25.70 -2.97 -19.19
N ASP A 20 -24.99 -3.33 -18.13
CA ASP A 20 -23.53 -3.34 -18.14
C ASP A 20 -22.99 -2.01 -18.64
N SER A 21 -23.58 -0.92 -18.17
CA SER A 21 -23.15 0.42 -18.57
C SER A 21 -22.36 1.08 -17.44
N GLN A 22 -22.48 0.55 -16.23
CA GLN A 22 -21.78 1.10 -15.08
C GLN A 22 -20.68 0.15 -14.61
N LYS A 23 -20.98 -1.14 -14.64
CA LYS A 23 -20.02 -2.16 -14.21
C LYS A 23 -18.84 -2.22 -15.17
N SER A 24 -19.07 -2.78 -16.35
CA SER A 24 -18.01 -2.91 -17.35
C SER A 24 -17.17 -1.63 -17.41
N TYR A 25 -17.79 -0.50 -17.10
CA TYR A 25 -17.10 0.78 -17.13
C TYR A 25 -16.37 1.03 -15.80
N ALA A 26 -17.12 1.00 -14.71
CA ALA A 26 -16.55 1.22 -13.39
C ALA A 26 -15.69 0.03 -12.95
N GLU A 27 -16.26 -1.17 -13.08
CA GLU A 27 -15.55 -2.39 -12.69
C GLU A 27 -14.14 -2.40 -13.28
N GLN A 28 -14.06 -2.28 -14.61
CA GLN A 28 -12.77 -2.29 -15.29
C GLN A 28 -11.80 -1.32 -14.63
N GLY A 29 -12.33 -0.20 -14.15
CA GLY A 29 -11.49 0.80 -13.50
C GLY A 29 -11.09 0.39 -12.10
N LYS A 30 -11.98 -0.31 -11.41
CA LYS A 30 -11.72 -0.77 -10.05
C LYS A 30 -10.77 -1.97 -10.05
N GLU A 31 -11.08 -2.96 -10.88
CA GLU A 31 -10.26 -4.16 -10.97
C GLU A 31 -8.78 -3.80 -11.07
N TYR A 32 -8.50 -2.65 -11.68
CA TYR A 32 -7.12 -2.19 -11.84
C TYR A 32 -6.60 -1.57 -10.55
N ILE A 33 -7.47 -0.85 -9.86
CA ILE A 33 -7.10 -0.20 -8.60
C ILE A 33 -7.16 -1.18 -7.44
N THR A 34 -8.33 -1.76 -7.22
CA THR A 34 -8.53 -2.71 -6.13
C THR A 34 -7.28 -3.56 -5.93
N ASP A 35 -6.76 -4.11 -7.02
CA ASP A 35 -5.55 -4.95 -6.96
C ASP A 35 -4.38 -4.18 -6.37
N LYS A 36 -4.00 -3.10 -7.03
CA LYS A 36 -2.88 -2.28 -6.57
C LYS A 36 -3.26 -1.52 -5.29
N ALA A 37 -4.56 -1.46 -5.01
CA ALA A 37 -5.04 -0.77 -3.82
C ALA A 37 -4.66 -1.53 -2.55
N ASP A 38 -4.77 -2.85 -2.59
CA ASP A 38 -4.43 -3.69 -1.45
C ASP A 38 -2.94 -3.64 -1.18
N LYS A 39 -2.16 -3.25 -2.19
CA LYS A 39 -0.71 -3.17 -2.06
C LYS A 39 -0.27 -1.76 -1.70
N VAL A 40 -0.80 -0.78 -2.43
CA VAL A 40 -0.47 0.63 -2.18
C VAL A 40 -0.78 1.02 -0.75
N ALA A 41 -1.46 0.14 -0.04
CA ALA A 41 -1.82 0.39 1.36
C ALA A 41 -0.75 -0.12 2.31
N GLY A 42 -0.09 -1.21 1.92
CA GLY A 42 0.96 -1.79 2.75
C GLY A 42 2.33 -1.25 2.41
N LYS A 43 2.39 -0.34 1.43
CA LYS A 43 3.65 0.25 1.01
C LYS A 43 3.63 1.76 1.15
N VAL A 44 2.45 2.35 0.92
CA VAL A 44 2.29 3.79 1.04
C VAL A 44 3.16 4.36 2.16
N GLN A 45 3.11 3.73 3.32
CA GLN A 45 3.88 4.17 4.47
C GLN A 45 5.38 4.16 4.15
N PRO A 46 5.97 5.35 4.08
CA PRO A 46 7.40 5.51 3.78
C PRO A 46 8.29 5.03 4.92
N GLU A 47 7.69 4.89 6.10
CA GLU A 47 8.43 4.44 7.28
C GLU A 47 8.41 2.92 7.38
N ASP A 48 7.76 2.28 6.42
CA ASP A 48 7.65 0.82 6.40
C ASP A 48 8.86 0.20 5.70
N ASN A 49 9.85 1.03 5.39
CA ASN A 49 11.05 0.56 4.72
C ASN A 49 11.78 -0.48 5.57
N LYS A 50 11.54 -0.45 6.88
CA LYS A 50 12.17 -1.39 7.79
C LYS A 50 11.30 -2.64 7.96
N GLY A 51 9.99 -2.47 7.87
CA GLY A 51 9.09 -3.59 8.01
C GLY A 51 9.45 -4.75 7.11
N VAL A 52 10.13 -4.45 6.00
CA VAL A 52 10.54 -5.48 5.05
C VAL A 52 11.63 -6.36 5.65
N PHE A 53 12.55 -5.75 6.39
CA PHE A 53 13.65 -6.48 7.01
C PHE A 53 13.24 -7.00 8.39
N GLN A 54 12.05 -6.60 8.83
CA GLN A 54 11.55 -7.01 10.14
C GLN A 54 11.46 -8.54 10.24
N GLY A 55 11.34 -9.19 9.08
CA GLY A 55 11.26 -10.64 9.05
C GLY A 55 12.62 -11.30 8.91
N VAL A 56 13.40 -10.84 7.94
CA VAL A 56 14.73 -11.39 7.69
C VAL A 56 15.65 -11.13 8.88
N HIS A 57 15.49 -9.96 9.51
CA HIS A 57 16.31 -9.60 10.65
C HIS A 57 16.32 -10.71 11.70
N ASP A 58 15.14 -11.18 12.08
CA ASP A 58 15.02 -12.24 13.06
C ASP A 58 15.49 -13.57 12.49
N SER A 59 15.53 -13.65 11.16
CA SER A 59 15.96 -14.87 10.48
C SER A 59 17.48 -14.95 10.42
N ALA A 60 18.13 -13.79 10.43
CA ALA A 60 19.59 -13.73 10.38
C ALA A 60 20.19 -13.76 11.78
N GLU A 61 19.35 -14.05 12.78
CA GLU A 61 19.80 -14.10 14.17
C GLU A 61 21.01 -15.03 14.31
N LYS A 62 21.02 -16.10 13.52
CA LYS A 62 22.12 -17.06 13.56
C LYS A 62 23.39 -16.45 12.99
N GLY A 63 23.28 -15.78 11.85
CA GLY A 63 24.44 -15.15 11.24
C GLY A 63 24.73 -13.79 11.80
N LYS A 64 23.98 -13.40 12.84
CA LYS A 64 24.16 -12.10 13.47
C LYS A 64 24.59 -12.27 14.92
N ASP A 65 25.26 -13.38 15.22
CA ASP A 65 25.73 -13.65 16.57
C ASP A 65 27.25 -13.57 16.64
N ASN A 66 27.87 -13.05 15.59
CA ASN A 66 29.32 -12.92 15.53
C ASN A 66 29.88 -12.49 16.88
N ALA A 67 29.15 -11.62 17.57
CA ALA A 67 29.58 -11.13 18.88
C ALA A 67 29.91 -12.29 19.81
N GLU A 68 28.94 -13.17 20.04
CA GLU A 68 29.13 -14.31 20.91
C GLU A 68 29.65 -15.52 20.12
N GLY A 69 30.40 -16.38 20.80
CA GLY A 69 30.94 -17.56 20.15
C GLY A 69 31.66 -18.49 21.11
N GLN A 70 32.70 -17.97 21.76
CA GLN A 70 33.47 -18.75 22.72
C GLN A 70 32.56 -19.39 23.76
N GLY A 71 32.62 -20.72 23.86
CA GLY A 71 31.80 -21.42 24.82
C GLY A 71 32.03 -22.92 24.78
N GLU A 72 31.68 -23.54 23.66
CA GLU A 72 31.85 -24.99 23.50
C GLU A 72 33.10 -25.30 22.68
N SER A 73 33.42 -24.43 21.74
CA SER A 73 34.59 -24.62 20.89
C SER A 73 34.50 -23.74 19.64
N LEU A 74 35.62 -23.16 19.25
CA LEU A 74 35.67 -22.30 18.06
C LEU A 74 35.51 -23.13 16.79
N ALA A 75 35.51 -24.45 16.94
CA ALA A 75 35.36 -25.35 15.80
C ALA A 75 33.89 -25.53 15.44
N ASP A 76 33.02 -25.48 16.45
CA ASP A 76 31.59 -25.64 16.24
C ASP A 76 31.08 -24.62 15.23
N GLN A 77 31.57 -23.39 15.34
CA GLN A 77 31.14 -22.32 14.44
C GLN A 77 31.91 -22.40 13.12
N ALA A 78 33.20 -22.68 13.20
CA ALA A 78 34.03 -22.79 12.01
C ALA A 78 33.31 -23.53 10.89
N ARG A 79 32.48 -24.50 11.27
CA ARG A 79 31.74 -25.28 10.30
C ARG A 79 30.58 -24.47 9.72
N ASP A 80 29.65 -24.07 10.59
CA ASP A 80 28.50 -23.29 10.16
C ASP A 80 28.89 -21.84 9.87
N TYR A 81 29.56 -21.20 10.83
CA TYR A 81 30.00 -19.83 10.66
C TYR A 81 30.57 -19.59 9.27
N MET A 82 31.69 -20.25 8.98
CA MET A 82 32.34 -20.12 7.69
C MET A 82 31.32 -20.23 6.56
N GLY A 83 30.33 -21.09 6.74
CA GLY A 83 29.30 -21.26 5.72
C GLY A 83 28.36 -20.08 5.63
N ALA A 84 27.70 -19.77 6.75
CA ALA A 84 26.76 -18.65 6.79
C ALA A 84 27.44 -17.35 6.34
N ALA A 85 28.76 -17.35 6.39
CA ALA A 85 29.53 -16.17 5.99
C ALA A 85 29.88 -16.22 4.51
N LYS A 86 30.87 -17.07 4.17
CA LYS A 86 31.30 -17.20 2.79
C LYS A 86 30.11 -17.32 1.85
N SER A 87 29.04 -17.96 2.32
CA SER A 87 27.84 -18.13 1.52
C SER A 87 27.01 -16.85 1.48
N LYS A 88 26.47 -16.49 2.64
CA LYS A 88 25.65 -15.28 2.75
C LYS A 88 26.48 -14.04 2.44
N LEU A 89 27.52 -13.82 3.23
CA LEU A 89 28.39 -12.66 3.04
C LEU A 89 28.72 -12.46 1.56
N ASN A 90 29.26 -13.52 0.94
CA ASN A 90 29.61 -13.45 -0.48
C ASN A 90 28.36 -13.37 -1.35
N ASP A 91 27.46 -14.33 -1.19
CA ASP A 91 26.22 -14.36 -1.96
C ASP A 91 25.37 -13.13 -1.67
N ALA A 92 25.73 -12.42 -0.61
CA ALA A 92 24.99 -11.21 -0.22
C ALA A 92 25.78 -9.95 -0.55
N VAL A 93 27.11 -10.09 -0.61
CA VAL A 93 27.98 -8.97 -0.91
C VAL A 93 28.56 -9.08 -2.32
N GLU A 94 28.90 -10.30 -2.71
CA GLU A 94 29.47 -10.54 -4.04
C GLU A 94 28.36 -10.81 -5.06
N TYR A 95 27.29 -11.45 -4.60
CA TYR A 95 26.16 -11.77 -5.47
C TYR A 95 25.12 -10.66 -5.44
N VAL A 96 24.87 -10.13 -4.25
CA VAL A 96 23.89 -9.05 -4.09
C VAL A 96 24.54 -7.69 -4.26
N SER A 97 25.53 -7.40 -3.42
CA SER A 97 26.24 -6.12 -3.47
C SER A 97 27.18 -6.08 -4.67
N GLY A 98 27.47 -7.25 -5.23
CA GLY A 98 28.36 -7.31 -6.38
C GLY A 98 27.63 -7.20 -7.70
N ARG A 99 26.32 -7.46 -7.66
CA ARG A 99 25.50 -7.39 -8.87
C ARG A 99 25.00 -5.98 -9.09
N VAL A 100 24.33 -5.41 -8.10
CA VAL A 100 23.80 -4.06 -8.19
C VAL A 100 24.91 -3.05 -8.42
N HIS A 101 26.13 -3.42 -8.03
CA HIS A 101 27.28 -2.54 -8.21
C HIS A 101 27.38 -2.04 -9.63
N GLY A 102 27.00 -2.89 -10.58
CA GLY A 102 27.05 -2.51 -11.98
C GLY A 102 25.68 -2.21 -12.56
N GLU A 103 25.45 -0.95 -12.90
CA GLU A 103 24.18 -0.53 -13.46
C GLU A 103 24.24 -0.49 -14.99
N GLU A 104 23.07 -0.53 -15.62
CA GLU A 104 22.99 -0.50 -17.08
C GLU A 104 22.95 0.94 -17.59
N ASP A 105 22.52 1.86 -16.72
CA ASP A 105 22.44 3.26 -17.08
C ASP A 105 23.75 3.75 -17.68
N PRO A 106 23.68 4.86 -18.45
CA PRO A 106 24.85 5.45 -19.10
C PRO A 106 25.80 6.09 -18.09
N THR A 107 26.89 5.38 -17.77
CA THR A 107 27.88 5.89 -16.82
C THR A 107 28.90 6.78 -17.52
N LYS A 108 29.08 6.57 -18.81
CA LYS A 108 30.03 7.35 -19.60
C LYS A 108 29.30 8.41 -20.43
N LYS A 109 30.05 9.12 -21.25
CA LYS A 109 29.49 10.17 -22.09
C LYS A 109 30.09 10.12 -23.50
N MET A 1 -27.59 -29.52 4.29
CA MET A 1 -28.97 -29.47 3.83
C MET A 1 -29.34 -28.06 3.35
N SER A 2 -28.39 -27.41 2.69
CA SER A 2 -28.61 -26.05 2.19
C SER A 2 -29.84 -26.00 1.29
N ASP A 3 -30.35 -24.79 1.07
CA ASP A 3 -31.53 -24.61 0.22
C ASP A 3 -31.35 -23.40 -0.70
N ALA A 4 -31.44 -23.64 -2.00
CA ALA A 4 -31.29 -22.57 -2.99
C ALA A 4 -32.27 -21.43 -2.71
N GLY A 5 -33.38 -21.75 -2.06
CA GLY A 5 -34.38 -20.74 -1.75
C GLY A 5 -34.94 -20.09 -3.00
N ARG A 6 -34.81 -18.77 -3.06
CA ARG A 6 -35.32 -18.01 -4.21
C ARG A 6 -34.18 -17.44 -5.03
N LYS A 7 -32.95 -17.85 -4.70
CA LYS A 7 -31.77 -17.39 -5.42
C LYS A 7 -31.93 -17.57 -6.93
N GLY A 8 -32.67 -18.60 -7.32
CA GLY A 8 -32.89 -18.87 -8.73
C GLY A 8 -33.59 -17.72 -9.42
N PHE A 9 -34.37 -16.95 -8.67
CA PHE A 9 -35.11 -15.82 -9.23
C PHE A 9 -34.18 -14.66 -9.52
N GLY A 10 -32.92 -14.79 -9.10
CA GLY A 10 -31.94 -13.75 -9.32
C GLY A 10 -31.18 -13.93 -10.61
N GLU A 11 -30.90 -15.18 -10.96
CA GLU A 11 -30.17 -15.48 -12.19
C GLU A 11 -30.79 -14.78 -13.39
N LYS A 12 -32.08 -14.48 -13.27
CA LYS A 12 -32.81 -13.81 -14.34
C LYS A 12 -33.01 -12.33 -14.03
N ALA A 13 -33.64 -12.05 -12.90
CA ALA A 13 -33.89 -10.68 -12.49
C ALA A 13 -32.58 -9.90 -12.34
N SER A 14 -31.60 -10.54 -11.69
CA SER A 14 -30.30 -9.91 -11.47
C SER A 14 -29.56 -9.72 -12.80
N GLU A 15 -29.62 -10.74 -13.65
CA GLU A 15 -28.95 -10.68 -14.94
C GLU A 15 -29.74 -9.82 -15.93
N ALA A 16 -31.04 -9.70 -15.69
CA ALA A 16 -31.91 -8.90 -16.55
C ALA A 16 -31.83 -7.43 -16.19
N LEU A 17 -31.46 -7.14 -14.95
CA LEU A 17 -31.34 -5.76 -14.48
C LEU A 17 -29.88 -5.36 -14.32
N LYS A 18 -28.98 -6.35 -14.41
CA LYS A 18 -27.56 -6.10 -14.28
C LYS A 18 -27.15 -4.85 -15.06
N PRO A 19 -26.86 -3.76 -14.33
CA PRO A 19 -26.46 -2.49 -14.92
C PRO A 19 -25.07 -2.56 -15.55
N ASP A 20 -24.95 -3.30 -16.65
CA ASP A 20 -23.67 -3.44 -17.35
C ASP A 20 -23.20 -2.10 -17.88
N SER A 21 -24.06 -1.09 -17.81
CA SER A 21 -23.72 0.23 -18.30
C SER A 21 -22.84 0.98 -17.30
N GLN A 22 -22.77 0.46 -16.08
CA GLN A 22 -21.97 1.06 -15.02
C GLN A 22 -20.79 0.17 -14.64
N LYS A 23 -21.11 -1.00 -14.10
CA LYS A 23 -20.09 -1.96 -13.68
C LYS A 23 -18.98 -2.06 -14.73
N SER A 24 -19.30 -2.68 -15.85
CA SER A 24 -18.33 -2.85 -16.94
C SER A 24 -17.45 -1.62 -17.06
N TYR A 25 -18.00 -0.45 -16.74
CA TYR A 25 -17.27 0.79 -16.82
C TYR A 25 -16.45 1.03 -15.56
N ALA A 26 -17.14 1.04 -14.42
CA ALA A 26 -16.48 1.25 -13.12
C ALA A 26 -15.63 0.04 -12.73
N GLU A 27 -16.24 -1.14 -12.81
CA GLU A 27 -15.54 -2.37 -12.47
C GLU A 27 -14.18 -2.44 -13.15
N GLN A 28 -14.18 -2.35 -14.47
CA GLN A 28 -12.94 -2.40 -15.25
C GLN A 28 -11.89 -1.48 -14.65
N GLY A 29 -12.33 -0.32 -14.16
CA GLY A 29 -11.41 0.63 -13.56
C GLY A 29 -10.89 0.18 -12.22
N LYS A 30 -11.79 -0.30 -11.38
CA LYS A 30 -11.42 -0.78 -10.04
C LYS A 30 -10.54 -2.02 -10.13
N GLU A 31 -10.95 -2.97 -10.95
CA GLU A 31 -10.19 -4.21 -11.13
C GLU A 31 -8.70 -3.91 -11.28
N TYR A 32 -8.38 -2.78 -11.91
CA TYR A 32 -7.00 -2.38 -12.11
C TYR A 32 -6.39 -1.80 -10.83
N ILE A 33 -7.20 -1.03 -10.12
CA ILE A 33 -6.74 -0.41 -8.87
C ILE A 33 -6.77 -1.42 -7.72
N THR A 34 -7.96 -1.93 -7.43
CA THR A 34 -8.13 -2.91 -6.36
C THR A 34 -6.87 -3.75 -6.18
N ASP A 35 -6.35 -4.27 -7.27
CA ASP A 35 -5.14 -5.09 -7.23
C ASP A 35 -3.99 -4.33 -6.57
N LYS A 36 -3.56 -3.25 -7.22
CA LYS A 36 -2.46 -2.44 -6.70
C LYS A 36 -2.88 -1.71 -5.42
N ALA A 37 -4.09 -1.16 -5.44
CA ALA A 37 -4.62 -0.44 -4.29
C ALA A 37 -4.35 -1.20 -2.99
N ASP A 38 -4.74 -2.47 -2.96
CA ASP A 38 -4.54 -3.31 -1.79
C ASP A 38 -3.07 -3.30 -1.36
N LYS A 39 -2.18 -3.05 -2.31
CA LYS A 39 -0.76 -3.01 -2.03
C LYS A 39 -0.30 -1.59 -1.72
N VAL A 40 -0.50 -0.69 -2.68
CA VAL A 40 -0.10 0.71 -2.50
C VAL A 40 -0.75 1.30 -1.25
N ALA A 41 -1.61 0.53 -0.61
CA ALA A 41 -2.29 0.98 0.60
C ALA A 41 -1.60 0.45 1.85
N GLY A 42 -1.00 -0.73 1.72
CA GLY A 42 -0.31 -1.33 2.86
C GLY A 42 1.17 -1.01 2.88
N LYS A 43 1.71 -0.66 1.71
CA LYS A 43 3.12 -0.34 1.58
C LYS A 43 3.38 1.12 1.95
N VAL A 44 2.55 2.01 1.40
CA VAL A 44 2.68 3.43 1.67
C VAL A 44 2.96 3.69 3.14
N GLN A 45 2.31 2.94 4.01
CA GLN A 45 2.49 3.09 5.45
C GLN A 45 3.97 3.31 5.79
N PRO A 46 4.33 4.57 6.06
CA PRO A 46 5.71 4.95 6.40
C PRO A 46 6.13 4.42 7.76
N GLU A 47 5.14 4.07 8.59
CA GLU A 47 5.41 3.57 9.93
C GLU A 47 5.52 2.04 9.92
N ASP A 48 5.05 1.43 8.84
CA ASP A 48 5.09 -0.02 8.70
C ASP A 48 6.19 -0.45 7.73
N ASN A 49 7.14 0.44 7.50
CA ASN A 49 8.25 0.17 6.59
C ASN A 49 8.95 -1.13 6.96
N LYS A 50 8.90 -1.47 8.24
CA LYS A 50 9.53 -2.69 8.75
C LYS A 50 8.53 -3.84 8.79
N GLY A 51 7.34 -3.56 9.30
CA GLY A 51 6.31 -4.58 9.38
C GLY A 51 6.12 -5.32 8.08
N VAL A 52 6.37 -4.64 6.97
CA VAL A 52 6.22 -5.24 5.65
C VAL A 52 7.27 -6.33 5.41
N PHE A 53 8.49 -6.08 5.88
CA PHE A 53 9.58 -7.04 5.72
C PHE A 53 9.65 -7.98 6.92
N GLN A 54 8.88 -7.67 7.95
CA GLN A 54 8.85 -8.50 9.15
C GLN A 54 8.24 -9.86 8.86
N GLY A 55 7.15 -9.87 8.09
CA GLY A 55 6.50 -11.11 7.76
C GLY A 55 7.00 -11.71 6.46
N VAL A 56 7.71 -10.90 5.68
CA VAL A 56 8.25 -11.35 4.40
C VAL A 56 9.65 -11.94 4.58
N HIS A 57 10.55 -11.17 5.18
CA HIS A 57 11.91 -11.63 5.41
C HIS A 57 11.93 -12.94 6.18
N ASP A 58 10.92 -13.13 7.03
CA ASP A 58 10.82 -14.36 7.83
C ASP A 58 10.20 -15.49 7.01
N SER A 59 9.45 -15.12 5.98
CA SER A 59 8.80 -16.10 5.12
C SER A 59 9.75 -16.59 4.03
N ALA A 60 10.73 -15.76 3.70
CA ALA A 60 11.71 -16.11 2.67
C ALA A 60 12.92 -16.81 3.28
N GLU A 61 12.80 -17.19 4.55
CA GLU A 61 13.88 -17.87 5.25
C GLU A 61 14.37 -19.08 4.45
N LYS A 62 13.46 -19.67 3.68
CA LYS A 62 13.78 -20.84 2.88
C LYS A 62 14.41 -20.42 1.54
N GLY A 63 13.93 -19.31 1.00
CA GLY A 63 14.45 -18.82 -0.27
C GLY A 63 15.55 -17.79 -0.08
N LYS A 64 16.12 -17.74 1.12
CA LYS A 64 17.19 -16.80 1.42
C LYS A 64 18.56 -17.45 1.24
N ASP A 65 18.61 -18.49 0.43
CA ASP A 65 19.86 -19.20 0.17
C ASP A 65 20.34 -18.95 -1.25
N ASN A 66 19.75 -17.95 -1.91
CA ASN A 66 20.12 -17.62 -3.28
C ASN A 66 21.63 -17.51 -3.43
N ALA A 67 22.31 -17.21 -2.33
CA ALA A 67 23.76 -17.09 -2.33
C ALA A 67 24.42 -18.31 -2.96
N GLU A 68 23.75 -19.45 -2.83
CA GLU A 68 24.28 -20.70 -3.38
C GLU A 68 23.79 -20.91 -4.82
N GLY A 69 24.66 -21.43 -5.66
CA GLY A 69 24.31 -21.67 -7.05
C GLY A 69 25.37 -21.17 -8.01
N GLN A 70 26.00 -20.05 -7.67
CA GLN A 70 27.04 -19.47 -8.51
C GLN A 70 28.10 -20.50 -8.86
N GLY A 71 28.86 -20.22 -9.92
CA GLY A 71 29.90 -21.14 -10.34
C GLY A 71 30.66 -20.64 -11.56
N GLU A 72 29.96 -20.53 -12.69
CA GLU A 72 30.57 -20.07 -13.92
C GLU A 72 30.24 -18.60 -14.17
N SER A 73 29.04 -18.19 -13.76
CA SER A 73 28.60 -16.81 -13.95
C SER A 73 27.08 -16.70 -13.79
N LEU A 74 26.64 -15.63 -13.14
CA LEU A 74 25.22 -15.40 -12.92
C LEU A 74 24.53 -14.96 -14.21
N ALA A 75 25.31 -14.34 -15.10
CA ALA A 75 24.78 -13.87 -16.37
C ALA A 75 24.71 -15.00 -17.40
N ASP A 76 25.64 -15.94 -17.29
CA ASP A 76 25.68 -17.08 -18.20
C ASP A 76 24.36 -17.85 -18.17
N GLN A 77 23.82 -18.03 -16.98
CA GLN A 77 22.57 -18.75 -16.80
C GLN A 77 21.37 -17.85 -17.09
N ALA A 78 21.46 -16.59 -16.66
CA ALA A 78 20.40 -15.63 -16.87
C ALA A 78 19.83 -15.74 -18.28
N ARG A 79 20.69 -16.07 -19.24
CA ARG A 79 20.27 -16.21 -20.63
C ARG A 79 19.53 -17.52 -20.85
N ASP A 80 20.22 -18.63 -20.59
CA ASP A 80 19.63 -19.96 -20.76
C ASP A 80 18.64 -20.26 -19.63
N TYR A 81 19.11 -20.13 -18.40
CA TYR A 81 18.28 -20.39 -17.23
C TYR A 81 16.89 -19.80 -17.41
N MET A 82 16.82 -18.49 -17.50
CA MET A 82 15.54 -17.80 -17.68
C MET A 82 14.71 -18.47 -18.77
N GLY A 83 15.38 -18.96 -19.81
CA GLY A 83 14.70 -19.61 -20.91
C GLY A 83 14.19 -20.98 -20.53
N ALA A 84 15.10 -21.87 -20.14
CA ALA A 84 14.72 -23.23 -19.75
C ALA A 84 13.65 -23.21 -18.67
N ALA A 85 13.54 -22.09 -17.96
CA ALA A 85 12.55 -21.95 -16.90
C ALA A 85 11.26 -21.36 -17.44
N LYS A 86 11.28 -20.05 -17.69
CA LYS A 86 10.10 -19.35 -18.20
C LYS A 86 9.43 -20.16 -19.31
N SER A 87 10.23 -20.94 -20.05
CA SER A 87 9.72 -21.76 -21.13
C SER A 87 9.18 -23.09 -20.61
N LYS A 88 10.08 -23.90 -20.05
CA LYS A 88 9.69 -25.20 -19.51
C LYS A 88 8.94 -25.04 -18.18
N LEU A 89 9.57 -24.35 -17.23
CA LEU A 89 8.96 -24.12 -15.93
C LEU A 89 7.54 -23.57 -16.08
N ASN A 90 7.31 -22.83 -17.16
CA ASN A 90 6.00 -22.25 -17.40
C ASN A 90 5.16 -23.16 -18.30
N ASP A 91 5.68 -23.47 -19.48
CA ASP A 91 4.98 -24.34 -20.42
C ASP A 91 4.79 -25.74 -19.84
N ALA A 92 5.61 -26.07 -18.83
CA ALA A 92 5.53 -27.37 -18.19
C ALA A 92 4.63 -27.32 -16.95
N VAL A 93 4.62 -26.17 -16.29
CA VAL A 93 3.81 -25.98 -15.09
C VAL A 93 2.61 -25.10 -15.36
N GLU A 94 2.87 -23.84 -15.73
CA GLU A 94 1.80 -22.90 -16.03
C GLU A 94 0.85 -23.46 -17.08
N TYR A 95 1.41 -24.13 -18.08
CA TYR A 95 0.62 -24.71 -19.15
C TYR A 95 -0.01 -26.04 -18.70
N VAL A 96 0.83 -26.91 -18.15
CA VAL A 96 0.37 -28.21 -17.69
C VAL A 96 -0.29 -28.10 -16.31
N SER A 97 0.51 -27.77 -15.30
CA SER A 97 0.01 -27.64 -13.94
C SER A 97 -1.17 -26.66 -13.89
N GLY A 98 -1.21 -25.76 -14.86
CA GLY A 98 -2.28 -24.77 -14.90
C GLY A 98 -3.54 -25.31 -15.56
N ARG A 99 -3.37 -26.33 -16.41
CA ARG A 99 -4.49 -26.93 -17.11
C ARG A 99 -5.11 -28.05 -16.27
N VAL A 100 -4.30 -28.68 -15.44
CA VAL A 100 -4.77 -29.76 -14.58
C VAL A 100 -5.44 -29.23 -13.32
N HIS A 101 -4.94 -28.09 -12.83
CA HIS A 101 -5.50 -27.47 -11.64
C HIS A 101 -6.53 -26.41 -12.00
N GLY A 102 -6.24 -25.66 -13.06
CA GLY A 102 -7.15 -24.60 -13.49
C GLY A 102 -6.84 -23.26 -12.87
N GLU A 103 -7.39 -22.20 -13.44
CA GLU A 103 -7.16 -20.85 -12.93
C GLU A 103 -8.05 -20.57 -11.71
N GLU A 104 -7.42 -20.32 -10.58
CA GLU A 104 -8.14 -20.03 -9.35
C GLU A 104 -8.36 -18.52 -9.17
N ASP A 105 -8.06 -17.77 -10.21
CA ASP A 105 -8.21 -16.32 -10.17
C ASP A 105 -9.57 -15.90 -10.72
N PRO A 106 -10.00 -14.68 -10.38
CA PRO A 106 -11.28 -14.14 -10.83
C PRO A 106 -11.30 -13.83 -12.32
N THR A 107 -11.59 -14.85 -13.13
CA THR A 107 -11.64 -14.69 -14.58
C THR A 107 -12.57 -13.54 -14.97
N LYS A 108 -13.62 -13.34 -14.18
CA LYS A 108 -14.58 -12.28 -14.45
C LYS A 108 -15.48 -12.05 -13.24
N LYS A 109 -16.01 -10.83 -13.13
CA LYS A 109 -16.89 -10.48 -12.02
C LYS A 109 -18.27 -10.06 -12.53
N MET A 1 -20.26 9.79 -4.76
CA MET A 1 -20.07 9.09 -3.49
C MET A 1 -20.97 9.67 -2.41
N SER A 2 -22.28 9.52 -2.60
CA SER A 2 -23.26 10.03 -1.64
C SER A 2 -24.58 9.31 -1.77
N ASP A 3 -25.54 9.68 -0.94
CA ASP A 3 -26.87 9.07 -0.97
C ASP A 3 -27.93 10.05 -0.48
N ALA A 4 -29.00 10.18 -1.25
CA ALA A 4 -30.09 11.09 -0.90
C ALA A 4 -30.78 10.64 0.38
N GLY A 5 -30.62 9.36 0.71
CA GLY A 5 -31.25 8.83 1.91
C GLY A 5 -32.63 8.24 1.64
N ARG A 6 -33.64 8.81 2.28
CA ARG A 6 -35.01 8.34 2.11
C ARG A 6 -35.53 8.67 0.72
N LYS A 7 -35.26 9.89 0.26
CA LYS A 7 -35.70 10.34 -1.06
C LYS A 7 -34.77 9.80 -2.15
N GLY A 8 -33.74 9.07 -1.74
CA GLY A 8 -32.80 8.52 -2.69
C GLY A 8 -33.14 7.09 -3.08
N PHE A 9 -34.23 6.93 -3.81
CA PHE A 9 -34.67 5.61 -4.24
C PHE A 9 -34.06 5.25 -5.60
N GLY A 10 -33.36 6.21 -6.20
CA GLY A 10 -32.74 5.98 -7.49
C GLY A 10 -31.37 5.37 -7.37
N GLU A 11 -30.67 5.69 -6.28
CA GLU A 11 -29.33 5.17 -6.06
C GLU A 11 -29.33 3.64 -6.03
N LYS A 12 -30.48 3.07 -5.67
CA LYS A 12 -30.62 1.62 -5.61
C LYS A 12 -31.24 1.07 -6.88
N ALA A 13 -32.38 1.65 -7.26
CA ALA A 13 -33.07 1.21 -8.47
C ALA A 13 -32.21 1.43 -9.71
N SER A 14 -31.56 2.58 -9.79
CA SER A 14 -30.71 2.91 -10.92
C SER A 14 -29.46 2.02 -10.93
N GLU A 15 -28.93 1.75 -9.75
CA GLU A 15 -27.74 0.91 -9.61
C GLU A 15 -28.10 -0.57 -9.69
N ALA A 16 -29.35 -0.88 -9.35
CA ALA A 16 -29.82 -2.26 -9.38
C ALA A 16 -30.43 -2.61 -10.72
N LEU A 17 -30.69 -1.59 -11.53
CA LEU A 17 -31.28 -1.79 -12.85
C LEU A 17 -30.28 -1.44 -13.95
N LYS A 18 -29.24 -0.71 -13.58
CA LYS A 18 -28.21 -0.31 -14.53
C LYS A 18 -27.80 -1.48 -15.41
N PRO A 19 -28.22 -1.44 -16.69
CA PRO A 19 -27.92 -2.50 -17.66
C PRO A 19 -26.44 -2.51 -18.05
N ASP A 20 -25.58 -2.82 -17.07
CA ASP A 20 -24.15 -2.87 -17.32
C ASP A 20 -23.66 -1.60 -17.99
N SER A 21 -24.21 -0.46 -17.56
CA SER A 21 -23.84 0.83 -18.11
C SER A 21 -22.82 1.54 -17.22
N GLN A 22 -22.70 1.06 -15.99
CA GLN A 22 -21.76 1.64 -15.03
C GLN A 22 -20.69 0.63 -14.63
N LYS A 23 -21.12 -0.46 -14.03
CA LYS A 23 -20.18 -1.51 -13.60
C LYS A 23 -19.09 -1.72 -14.64
N SER A 24 -19.46 -2.38 -15.74
CA SER A 24 -18.51 -2.66 -16.81
C SER A 24 -17.54 -1.49 -16.99
N TYR A 25 -18.02 -0.29 -16.72
CA TYR A 25 -17.21 0.91 -16.86
C TYR A 25 -16.35 1.15 -15.63
N ALA A 26 -17.01 1.23 -14.47
CA ALA A 26 -16.31 1.45 -13.21
C ALA A 26 -15.53 0.20 -12.80
N GLU A 27 -16.20 -0.95 -12.82
CA GLU A 27 -15.58 -2.21 -12.45
C GLU A 27 -14.23 -2.37 -13.15
N GLN A 28 -14.25 -2.32 -14.48
CA GLN A 28 -13.03 -2.46 -15.26
C GLN A 28 -11.91 -1.59 -14.70
N GLY A 29 -12.28 -0.39 -14.25
CA GLY A 29 -11.30 0.52 -13.70
C GLY A 29 -10.78 0.08 -12.35
N LYS A 30 -11.70 -0.30 -11.47
CA LYS A 30 -11.34 -0.75 -10.13
C LYS A 30 -10.52 -2.04 -10.19
N GLU A 31 -10.99 -3.00 -10.97
CA GLU A 31 -10.30 -4.27 -11.12
C GLU A 31 -8.79 -4.06 -11.29
N TYR A 32 -8.43 -2.97 -11.95
CA TYR A 32 -7.02 -2.65 -12.19
C TYR A 32 -6.38 -2.08 -10.93
N ILE A 33 -7.13 -1.24 -10.22
CA ILE A 33 -6.64 -0.62 -8.99
C ILE A 33 -6.72 -1.58 -7.82
N THR A 34 -7.93 -2.02 -7.50
CA THR A 34 -8.15 -2.95 -6.40
C THR A 34 -6.95 -3.86 -6.20
N ASP A 35 -6.48 -4.46 -7.29
CA ASP A 35 -5.33 -5.35 -7.24
C ASP A 35 -4.13 -4.66 -6.62
N LYS A 36 -3.61 -3.65 -7.29
CA LYS A 36 -2.45 -2.91 -6.80
C LYS A 36 -2.81 -2.11 -5.54
N ALA A 37 -3.97 -1.45 -5.58
CA ALA A 37 -4.43 -0.66 -4.44
C ALA A 37 -4.25 -1.43 -3.14
N ASP A 38 -4.80 -2.64 -3.09
CA ASP A 38 -4.71 -3.48 -1.90
C ASP A 38 -3.27 -3.56 -1.40
N LYS A 39 -2.32 -3.36 -2.30
CA LYS A 39 -0.91 -3.41 -1.96
C LYS A 39 -0.37 -2.00 -1.68
N VAL A 40 -0.80 -1.04 -2.49
CA VAL A 40 -0.36 0.35 -2.33
C VAL A 40 -0.79 0.90 -0.98
N ALA A 41 -1.57 0.12 -0.24
CA ALA A 41 -2.04 0.53 1.08
C ALA A 41 -1.12 0.02 2.18
N GLY A 42 -0.29 -0.95 1.84
CA GLY A 42 0.64 -1.52 2.81
C GLY A 42 1.99 -0.83 2.78
N LYS A 43 2.13 0.15 1.90
CA LYS A 43 3.39 0.89 1.77
C LYS A 43 3.17 2.38 1.98
N VAL A 44 2.03 2.87 1.49
CA VAL A 44 1.70 4.29 1.63
C VAL A 44 2.11 4.82 3.00
N GLN A 45 1.77 4.07 4.04
CA GLN A 45 2.11 4.46 5.40
C GLN A 45 3.61 4.68 5.56
N PRO A 46 4.01 5.95 5.73
CA PRO A 46 5.42 6.32 5.89
C PRO A 46 5.99 5.86 7.23
N GLU A 47 5.10 5.52 8.16
CA GLU A 47 5.52 5.06 9.48
C GLU A 47 5.67 3.55 9.50
N ASP A 48 5.37 2.90 8.38
CA ASP A 48 5.47 1.46 8.27
C ASP A 48 6.84 1.05 7.75
N ASN A 49 7.76 2.01 7.67
CA ASN A 49 9.11 1.74 7.19
C ASN A 49 10.10 1.70 8.35
N LYS A 50 9.59 1.85 9.57
CA LYS A 50 10.43 1.83 10.75
C LYS A 50 10.17 0.57 11.59
N GLY A 51 9.02 -0.06 11.34
CA GLY A 51 8.68 -1.27 12.08
C GLY A 51 9.63 -2.41 11.77
N VAL A 52 10.17 -2.43 10.56
CA VAL A 52 11.10 -3.48 10.15
C VAL A 52 12.37 -3.44 10.98
N PHE A 53 12.85 -2.23 11.27
CA PHE A 53 14.06 -2.06 12.06
C PHE A 53 13.73 -1.97 13.54
N GLN A 54 12.46 -1.79 13.85
CA GLN A 54 12.02 -1.69 15.24
C GLN A 54 12.32 -2.97 16.00
N GLY A 55 12.06 -4.11 15.37
CA GLY A 55 12.31 -5.39 16.00
C GLY A 55 13.70 -5.92 15.71
N VAL A 56 14.38 -5.29 14.76
CA VAL A 56 15.74 -5.71 14.39
C VAL A 56 16.78 -4.97 15.21
N HIS A 57 16.65 -3.66 15.28
CA HIS A 57 17.59 -2.83 16.04
C HIS A 57 17.72 -3.33 17.47
N ASP A 58 16.64 -3.93 17.99
CA ASP A 58 16.62 -4.45 19.34
C ASP A 58 17.69 -5.53 19.52
N SER A 59 18.10 -6.14 18.41
CA SER A 59 19.11 -7.19 18.44
C SER A 59 20.51 -6.59 18.39
N ALA A 60 20.61 -5.39 17.84
CA ALA A 60 21.90 -4.71 17.73
C ALA A 60 22.18 -3.85 18.95
N GLU A 61 21.35 -4.01 19.98
CA GLU A 61 21.51 -3.25 21.22
C GLU A 61 22.94 -3.37 21.75
N LYS A 62 23.56 -4.50 21.50
CA LYS A 62 24.93 -4.75 21.95
C LYS A 62 25.93 -4.15 20.96
N GLY A 63 25.60 -4.22 19.68
CA GLY A 63 26.49 -3.69 18.66
C GLY A 63 26.16 -2.25 18.29
N LYS A 64 25.42 -1.58 19.16
CA LYS A 64 25.04 -0.19 18.93
C LYS A 64 26.00 0.77 19.63
N ASP A 65 27.24 0.33 19.79
CA ASP A 65 28.26 1.15 20.45
C ASP A 65 29.32 1.59 19.45
N ASN A 66 29.03 1.41 18.16
CA ASN A 66 29.96 1.80 17.11
C ASN A 66 30.60 3.15 17.41
N ALA A 67 29.83 4.02 18.06
CA ALA A 67 30.32 5.36 18.41
C ALA A 67 31.70 5.28 19.05
N GLU A 68 31.88 4.30 19.93
CA GLU A 68 33.15 4.12 20.62
C GLU A 68 34.31 4.05 19.62
N GLY A 69 35.53 4.11 20.14
CA GLY A 69 36.70 4.04 19.29
C GLY A 69 36.76 5.18 18.28
N GLN A 70 36.26 4.94 17.07
CA GLN A 70 36.27 5.96 16.03
C GLN A 70 35.58 7.23 16.51
N GLY A 71 35.94 8.35 15.91
CA GLY A 71 35.35 9.62 16.29
C GLY A 71 35.92 10.79 15.50
N GLU A 72 37.21 11.05 15.67
CA GLU A 72 37.86 12.14 14.96
C GLU A 72 38.65 11.62 13.77
N SER A 73 39.21 10.43 13.91
CA SER A 73 39.99 9.82 12.85
C SER A 73 40.85 8.68 13.38
N LEU A 74 40.94 7.59 12.62
CA LEU A 74 41.73 6.44 13.02
C LEU A 74 43.23 6.75 12.97
N ALA A 75 43.56 7.91 12.41
CA ALA A 75 44.95 8.33 12.29
C ALA A 75 45.44 8.96 13.60
N ASP A 76 44.54 9.61 14.32
CA ASP A 76 44.88 10.24 15.59
C ASP A 76 45.50 9.23 16.55
N GLN A 77 44.93 8.04 16.59
CA GLN A 77 45.43 6.98 17.47
C GLN A 77 46.63 6.28 16.86
N ALA A 78 46.61 6.14 15.54
CA ALA A 78 47.70 5.48 14.82
C ALA A 78 49.06 5.97 15.33
N ARG A 79 49.10 7.23 15.77
CA ARG A 79 50.34 7.81 16.27
C ARG A 79 50.63 7.34 17.70
N ASP A 80 49.61 7.39 18.54
CA ASP A 80 49.75 6.95 19.93
C ASP A 80 49.51 5.45 20.07
N TYR A 81 48.35 5.00 19.58
CA TYR A 81 48.01 3.58 19.65
C TYR A 81 49.20 2.71 19.29
N MET A 82 49.72 2.89 18.08
CA MET A 82 50.86 2.12 17.61
C MET A 82 52.00 2.16 18.63
N GLY A 83 52.21 3.33 19.24
CA GLY A 83 53.27 3.47 20.22
C GLY A 83 52.96 2.74 21.51
N ALA A 84 51.87 3.12 22.16
CA ALA A 84 51.46 2.48 23.41
C ALA A 84 51.41 0.97 23.26
N ALA A 85 51.24 0.50 22.03
CA ALA A 85 51.16 -0.92 21.76
C ALA A 85 52.55 -1.56 21.79
N LYS A 86 53.32 -1.34 20.74
CA LYS A 86 54.67 -1.89 20.66
C LYS A 86 55.51 -1.49 21.88
N SER A 87 55.33 -0.25 22.31
CA SER A 87 56.07 0.26 23.46
C SER A 87 55.70 -0.51 24.72
N LYS A 88 54.46 -0.38 25.15
CA LYS A 88 53.98 -1.06 26.35
C LYS A 88 54.05 -2.58 26.17
N LEU A 89 53.57 -3.06 25.04
CA LEU A 89 53.59 -4.50 24.75
C LEU A 89 55.01 -5.05 24.82
N ASN A 90 55.94 -4.36 24.18
CA ASN A 90 57.34 -4.79 24.18
C ASN A 90 58.00 -4.49 25.52
N ASP A 91 57.71 -3.31 26.06
CA ASP A 91 58.28 -2.90 27.34
C ASP A 91 57.63 -3.67 28.49
N ALA A 92 56.43 -4.18 28.26
CA ALA A 92 55.70 -4.93 29.27
C ALA A 92 55.94 -6.43 29.11
N VAL A 93 56.21 -6.85 27.88
CA VAL A 93 56.45 -8.26 27.58
C VAL A 93 57.93 -8.52 27.31
N GLU A 94 58.42 -7.94 26.21
CA GLU A 94 59.82 -8.11 25.83
C GLU A 94 60.75 -7.74 26.98
N TYR A 95 60.40 -6.68 27.70
CA TYR A 95 61.20 -6.22 28.83
C TYR A 95 60.92 -7.05 30.07
N VAL A 96 59.65 -7.24 30.38
CA VAL A 96 59.26 -8.03 31.54
C VAL A 96 59.30 -9.53 31.24
N SER A 97 58.40 -9.97 30.36
CA SER A 97 58.33 -11.37 29.97
C SER A 97 59.68 -11.86 29.45
N GLY A 98 60.51 -10.93 28.99
CA GLY A 98 61.81 -11.28 28.47
C GLY A 98 62.88 -11.29 29.55
N ARG A 99 62.61 -10.60 30.65
CA ARG A 99 63.56 -10.52 31.75
C ARG A 99 63.39 -11.70 32.70
N VAL A 100 62.16 -11.94 33.13
CA VAL A 100 61.86 -13.04 34.04
C VAL A 100 62.14 -14.39 33.38
N HIS A 101 62.06 -14.42 32.06
CA HIS A 101 62.30 -15.64 31.30
C HIS A 101 63.78 -16.01 31.33
N GLY A 102 64.64 -15.00 31.43
CA GLY A 102 66.07 -15.24 31.46
C GLY A 102 66.47 -16.18 32.57
N GLU A 103 67.77 -16.47 32.66
CA GLU A 103 68.28 -17.36 33.69
C GLU A 103 68.33 -16.67 35.05
N GLU A 104 67.64 -17.24 36.03
CA GLU A 104 67.59 -16.67 37.37
C GLU A 104 68.70 -17.26 38.24
N ASP A 105 69.62 -18.00 37.61
CA ASP A 105 70.72 -18.61 38.33
C ASP A 105 71.46 -17.59 39.19
N PRO A 106 72.18 -18.08 40.21
CA PRO A 106 72.94 -17.22 41.11
C PRO A 106 74.15 -16.58 40.44
N THR A 107 73.96 -15.38 39.90
CA THR A 107 75.03 -14.66 39.22
C THR A 107 75.65 -13.61 40.14
N LYS A 108 75.45 -13.78 41.44
CA LYS A 108 75.99 -12.85 42.42
C LYS A 108 76.21 -13.54 43.77
N LYS A 109 76.61 -12.77 44.77
CA LYS A 109 76.85 -13.30 46.10
C LYS A 109 76.57 -12.24 47.17
N MET A 1 -23.63 11.71 -43.10
CA MET A 1 -22.38 12.47 -43.21
C MET A 1 -22.34 13.60 -42.18
N SER A 2 -23.01 13.39 -41.04
CA SER A 2 -23.04 14.38 -39.98
C SER A 2 -21.71 14.46 -39.26
N ASP A 3 -21.26 15.68 -38.98
CA ASP A 3 -19.99 15.88 -38.29
C ASP A 3 -20.22 16.54 -36.93
N ALA A 4 -21.31 17.29 -36.82
CA ALA A 4 -21.64 17.98 -35.58
C ALA A 4 -22.60 17.14 -34.73
N GLY A 5 -22.64 15.84 -34.99
CA GLY A 5 -23.51 14.96 -34.25
C GLY A 5 -23.34 13.50 -34.65
N ARG A 6 -22.23 12.90 -34.24
CA ARG A 6 -21.95 11.50 -34.56
C ARG A 6 -22.05 10.63 -33.31
N LYS A 7 -22.57 11.20 -32.23
CA LYS A 7 -22.72 10.48 -30.97
C LYS A 7 -23.66 9.29 -31.15
N GLY A 8 -24.45 9.32 -32.22
CA GLY A 8 -25.38 8.23 -32.48
C GLY A 8 -26.42 8.09 -31.40
N PHE A 9 -27.63 8.56 -31.66
CA PHE A 9 -28.72 8.48 -30.70
C PHE A 9 -28.98 7.04 -30.28
N GLY A 10 -28.58 6.11 -31.14
CA GLY A 10 -28.78 4.70 -30.83
C GLY A 10 -27.55 4.06 -30.21
N GLU A 11 -26.38 4.35 -30.79
CA GLU A 11 -25.12 3.80 -30.29
C GLU A 11 -24.86 4.26 -28.87
N LYS A 12 -25.52 5.35 -28.47
CA LYS A 12 -25.36 5.89 -27.13
C LYS A 12 -26.43 5.38 -26.19
N ALA A 13 -27.69 5.52 -26.60
CA ALA A 13 -28.81 5.05 -25.79
C ALA A 13 -28.79 3.54 -25.63
N SER A 14 -28.41 2.84 -26.70
CA SER A 14 -28.34 1.38 -26.68
C SER A 14 -27.18 0.91 -25.83
N GLU A 15 -26.07 1.65 -25.87
CA GLU A 15 -24.88 1.30 -25.11
C GLU A 15 -24.96 1.84 -23.69
N ALA A 16 -25.74 2.92 -23.52
CA ALA A 16 -25.92 3.53 -22.21
C ALA A 16 -26.98 2.81 -21.39
N LEU A 17 -27.77 1.99 -22.07
CA LEU A 17 -28.83 1.23 -21.41
C LEU A 17 -28.40 -0.22 -21.17
N LYS A 18 -27.32 -0.63 -21.82
CA LYS A 18 -26.82 -1.99 -21.67
C LYS A 18 -26.85 -2.43 -20.22
N PRO A 19 -26.89 -3.75 -20.00
CA PRO A 19 -26.94 -4.34 -18.66
C PRO A 19 -25.62 -4.17 -17.91
N ASP A 20 -24.60 -3.68 -18.62
CA ASP A 20 -23.29 -3.46 -18.03
C ASP A 20 -22.72 -2.10 -18.43
N SER A 21 -23.52 -1.05 -18.22
CA SER A 21 -23.09 0.30 -18.57
C SER A 21 -22.35 0.96 -17.40
N GLN A 22 -22.48 0.37 -16.22
CA GLN A 22 -21.83 0.89 -15.03
C GLN A 22 -20.70 -0.02 -14.58
N LYS A 23 -20.93 -1.32 -14.64
CA LYS A 23 -19.92 -2.31 -14.24
C LYS A 23 -18.74 -2.31 -15.21
N SER A 24 -18.98 -2.82 -16.41
CA SER A 24 -17.93 -2.88 -17.44
C SER A 24 -17.11 -1.59 -17.45
N TYR A 25 -17.76 -0.49 -17.10
CA TYR A 25 -17.09 0.81 -17.07
C TYR A 25 -16.38 1.03 -15.74
N ALA A 26 -17.14 0.95 -14.65
CA ALA A 26 -16.59 1.14 -13.31
C ALA A 26 -15.71 -0.04 -12.91
N GLU A 27 -16.25 -1.24 -13.07
CA GLU A 27 -15.50 -2.45 -12.72
C GLU A 27 -14.10 -2.42 -13.30
N GLN A 28 -14.02 -2.27 -14.63
CA GLN A 28 -12.73 -2.24 -15.31
C GLN A 28 -11.76 -1.30 -14.59
N GLY A 29 -12.28 -0.18 -14.13
CA GLY A 29 -11.44 0.79 -13.42
C GLY A 29 -11.00 0.28 -12.07
N LYS A 30 -11.94 -0.19 -11.27
CA LYS A 30 -11.65 -0.71 -9.94
C LYS A 30 -10.69 -1.89 -10.02
N GLU A 31 -10.98 -2.83 -10.91
CA GLU A 31 -10.14 -4.01 -11.08
C GLU A 31 -8.66 -3.63 -11.09
N TYR A 32 -8.37 -2.44 -11.60
CA TYR A 32 -6.98 -1.97 -11.66
C TYR A 32 -6.53 -1.44 -10.30
N ILE A 33 -7.46 -0.84 -9.56
CA ILE A 33 -7.15 -0.30 -8.25
C ILE A 33 -7.31 -1.35 -7.17
N THR A 34 -8.50 -1.91 -7.04
CA THR A 34 -8.78 -2.94 -6.05
C THR A 34 -7.54 -3.80 -5.79
N ASP A 35 -6.91 -4.25 -6.87
CA ASP A 35 -5.71 -5.08 -6.76
C ASP A 35 -4.51 -4.24 -6.33
N LYS A 36 -4.21 -3.21 -7.11
CA LYS A 36 -3.08 -2.33 -6.81
C LYS A 36 -3.25 -1.67 -5.44
N ALA A 37 -4.38 -1.00 -5.26
CA ALA A 37 -4.67 -0.32 -4.00
C ALA A 37 -4.38 -1.23 -2.81
N ASP A 38 -4.97 -2.42 -2.84
CA ASP A 38 -4.78 -3.39 -1.76
C ASP A 38 -3.30 -3.54 -1.42
N LYS A 39 -2.44 -3.24 -2.38
CA LYS A 39 -1.00 -3.34 -2.19
C LYS A 39 -0.41 -1.99 -1.83
N VAL A 40 -0.89 -0.93 -2.49
CA VAL A 40 -0.41 0.42 -2.24
C VAL A 40 -0.69 0.84 -0.80
N ALA A 41 -1.39 -0.01 -0.06
CA ALA A 41 -1.72 0.28 1.33
C ALA A 41 -0.72 -0.38 2.28
N GLY A 42 0.08 -1.30 1.73
CA GLY A 42 1.06 -1.99 2.55
C GLY A 42 2.41 -1.28 2.55
N LYS A 43 2.57 -0.33 1.64
CA LYS A 43 3.81 0.43 1.54
C LYS A 43 3.55 1.92 1.64
N VAL A 44 2.46 2.38 1.02
CA VAL A 44 2.09 3.79 1.05
C VAL A 44 3.32 4.67 1.24
N GLN A 45 3.89 5.13 0.13
CA GLN A 45 5.07 5.99 0.17
C GLN A 45 4.88 7.14 1.17
N PRO A 46 5.58 7.06 2.30
CA PRO A 46 5.51 8.08 3.35
C PRO A 46 6.14 9.40 2.92
N GLU A 47 7.01 9.34 1.92
CA GLU A 47 7.69 10.52 1.41
C GLU A 47 6.89 11.17 0.28
N ASP A 48 5.77 10.55 -0.06
CA ASP A 48 4.90 11.07 -1.13
C ASP A 48 3.89 12.06 -0.58
N ASN A 49 4.10 12.49 0.67
CA ASN A 49 3.21 13.44 1.31
C ASN A 49 3.19 14.78 0.57
N LYS A 50 4.25 15.03 -0.19
CA LYS A 50 4.36 16.27 -0.95
C LYS A 50 3.87 16.08 -2.38
N GLY A 51 3.84 14.82 -2.82
CA GLY A 51 3.39 14.53 -4.17
C GLY A 51 1.91 14.82 -4.37
N VAL A 52 1.13 14.70 -3.29
CA VAL A 52 -0.30 14.96 -3.35
C VAL A 52 -0.57 16.42 -3.73
N PHE A 53 0.24 17.33 -3.21
CA PHE A 53 0.08 18.74 -3.49
C PHE A 53 0.74 19.12 -4.82
N GLN A 54 1.45 18.15 -5.41
CA GLN A 54 2.13 18.38 -6.67
C GLN A 54 1.14 18.78 -7.76
N GLY A 55 -0.13 18.40 -7.58
CA GLY A 55 -1.15 18.73 -8.55
C GLY A 55 -1.84 20.05 -8.24
N VAL A 56 -2.22 20.24 -6.99
CA VAL A 56 -2.89 21.47 -6.58
C VAL A 56 -1.94 22.66 -6.64
N HIS A 57 -0.68 22.43 -6.29
CA HIS A 57 0.32 23.48 -6.31
C HIS A 57 0.30 24.23 -7.64
N ASP A 58 0.49 23.48 -8.73
CA ASP A 58 0.49 24.08 -10.06
C ASP A 58 -0.89 24.59 -10.43
N SER A 59 -1.89 24.16 -9.68
CA SER A 59 -3.27 24.57 -9.93
C SER A 59 -3.57 25.90 -9.24
N ALA A 60 -2.84 26.19 -8.17
CA ALA A 60 -3.02 27.43 -7.44
C ALA A 60 -2.25 28.57 -8.07
N GLU A 61 -1.61 28.30 -9.20
CA GLU A 61 -0.84 29.32 -9.91
C GLU A 61 -1.66 30.58 -10.12
N LYS A 62 -2.97 30.40 -10.32
CA LYS A 62 -3.86 31.53 -10.54
C LYS A 62 -4.07 32.31 -9.24
N GLY A 63 -4.23 31.60 -8.14
CA GLY A 63 -4.43 32.23 -6.85
C GLY A 63 -3.14 32.68 -6.21
N LYS A 64 -2.02 32.39 -6.88
CA LYS A 64 -0.70 32.75 -6.37
C LYS A 64 -0.06 33.81 -7.26
N ASP A 65 -0.87 34.56 -7.98
CA ASP A 65 -0.37 35.61 -8.87
C ASP A 65 -0.71 36.99 -8.32
N ASN A 66 -1.12 37.04 -7.06
CA ASN A 66 -1.47 38.30 -6.42
C ASN A 66 -0.40 39.35 -6.67
N ALA A 67 0.83 38.90 -6.90
CA ALA A 67 1.94 39.81 -7.16
C ALA A 67 1.59 40.81 -8.25
N GLU A 68 0.73 40.40 -9.17
CA GLU A 68 0.32 41.26 -10.27
C GLU A 68 -0.20 42.59 -9.75
N GLY A 69 -0.10 43.62 -10.58
CA GLY A 69 -0.57 44.94 -10.19
C GLY A 69 -0.81 45.85 -11.37
N GLN A 70 -0.64 47.15 -11.16
CA GLN A 70 -0.84 48.13 -12.22
C GLN A 70 0.02 47.80 -13.44
N GLY A 71 -0.61 47.63 -14.59
CA GLY A 71 0.12 47.32 -15.81
C GLY A 71 -0.79 47.18 -17.00
N GLU A 72 -1.70 46.20 -16.95
CA GLU A 72 -2.63 45.95 -18.05
C GLU A 72 -4.00 46.55 -17.74
N SER A 73 -4.05 47.40 -16.72
CA SER A 73 -5.30 48.05 -16.31
C SER A 73 -6.19 48.29 -17.53
N LEU A 74 -5.73 49.13 -18.44
CA LEU A 74 -6.49 49.46 -19.64
C LEU A 74 -6.05 48.57 -20.81
N ALA A 75 -4.84 48.03 -20.71
CA ALA A 75 -4.32 47.16 -21.76
C ALA A 75 -4.92 45.76 -21.67
N ASP A 76 -5.41 45.40 -20.48
CA ASP A 76 -5.99 44.09 -20.26
C ASP A 76 -7.30 43.96 -21.04
N GLN A 77 -8.07 45.04 -21.09
CA GLN A 77 -9.34 45.04 -21.80
C GLN A 77 -9.15 45.35 -23.28
N ALA A 78 -8.27 46.30 -23.57
CA ALA A 78 -7.99 46.68 -24.94
C ALA A 78 -7.87 45.45 -25.85
N ARG A 79 -7.34 44.36 -25.30
CA ARG A 79 -7.18 43.14 -26.05
C ARG A 79 -8.51 42.41 -26.22
N ASP A 80 -9.13 42.04 -25.10
CA ASP A 80 -10.41 41.36 -25.11
C ASP A 80 -11.55 42.32 -25.45
N TYR A 81 -11.63 43.40 -24.69
CA TYR A 81 -12.67 44.40 -24.90
C TYR A 81 -12.88 44.67 -26.39
N MET A 82 -11.84 45.21 -27.03
CA MET A 82 -11.89 45.52 -28.45
C MET A 82 -12.47 44.34 -29.24
N GLY A 83 -12.11 43.13 -28.81
CA GLY A 83 -12.60 41.95 -29.49
C GLY A 83 -14.08 41.69 -29.25
N ALA A 84 -14.45 41.55 -27.99
CA ALA A 84 -15.84 41.31 -27.62
C ALA A 84 -16.75 42.39 -28.18
N ALA A 85 -16.17 43.53 -28.53
CA ALA A 85 -16.92 44.65 -29.08
C ALA A 85 -16.95 44.59 -30.60
N LYS A 86 -15.83 44.93 -31.22
CA LYS A 86 -15.73 44.93 -32.68
C LYS A 86 -16.34 43.66 -33.26
N SER A 87 -16.25 42.56 -32.50
CA SER A 87 -16.78 41.28 -32.94
C SER A 87 -18.28 41.20 -32.67
N LYS A 88 -18.64 41.19 -31.38
CA LYS A 88 -20.03 41.11 -30.98
C LYS A 88 -20.79 42.38 -31.39
N LEU A 89 -20.34 43.52 -30.85
CA LEU A 89 -20.97 44.80 -31.16
C LEU A 89 -21.24 44.93 -32.65
N ASN A 90 -20.23 44.66 -33.46
CA ASN A 90 -20.36 44.75 -34.91
C ASN A 90 -21.20 43.60 -35.45
N ASP A 91 -20.70 42.38 -35.27
CA ASP A 91 -21.39 41.19 -35.74
C ASP A 91 -22.82 41.14 -35.19
N ALA A 92 -23.05 41.86 -34.09
CA ALA A 92 -24.36 41.90 -33.47
C ALA A 92 -25.17 43.10 -33.97
N VAL A 93 -24.48 44.20 -34.26
CA VAL A 93 -25.14 45.40 -34.75
C VAL A 93 -24.90 45.59 -36.24
N GLU A 94 -23.63 45.78 -36.61
CA GLU A 94 -23.27 45.98 -38.02
C GLU A 94 -23.83 44.84 -38.88
N TYR A 95 -23.75 43.62 -38.37
CA TYR A 95 -24.23 42.46 -39.10
C TYR A 95 -25.75 42.36 -39.01
N VAL A 96 -26.27 42.44 -37.77
CA VAL A 96 -27.70 42.35 -37.54
C VAL A 96 -28.38 43.69 -37.82
N SER A 97 -28.07 44.68 -37.00
CA SER A 97 -28.66 46.01 -37.15
C SER A 97 -28.44 46.55 -38.57
N GLY A 98 -27.39 46.06 -39.22
CA GLY A 98 -27.09 46.50 -40.57
C GLY A 98 -27.87 45.71 -41.61
N ARG A 99 -28.25 44.48 -41.28
CA ARG A 99 -29.00 43.64 -42.19
C ARG A 99 -30.47 44.04 -42.24
N VAL A 100 -31.05 44.28 -41.06
CA VAL A 100 -32.44 44.67 -40.96
C VAL A 100 -32.65 46.09 -41.51
N HIS A 101 -31.58 46.89 -41.49
CA HIS A 101 -31.64 48.26 -41.98
C HIS A 101 -32.24 48.30 -43.38
N GLY A 102 -31.99 47.26 -44.17
CA GLY A 102 -32.50 47.20 -45.52
C GLY A 102 -31.41 47.32 -46.56
N GLU A 103 -30.69 48.43 -46.55
CA GLU A 103 -29.62 48.67 -47.50
C GLU A 103 -28.26 48.39 -46.87
N GLU A 104 -27.23 48.28 -47.71
CA GLU A 104 -25.88 48.01 -47.22
C GLU A 104 -25.09 49.30 -47.05
N ASP A 105 -25.55 50.36 -47.72
CA ASP A 105 -24.89 51.66 -47.65
C ASP A 105 -24.69 52.09 -46.21
N PRO A 106 -23.57 52.77 -45.94
CA PRO A 106 -23.24 53.26 -44.59
C PRO A 106 -24.15 54.38 -44.13
N THR A 107 -25.12 54.05 -43.30
CA THR A 107 -26.06 55.04 -42.79
C THR A 107 -25.42 55.92 -41.73
N LYS A 108 -24.39 55.39 -41.08
CA LYS A 108 -23.69 56.13 -40.04
C LYS A 108 -22.24 56.41 -40.45
N LYS A 109 -21.49 57.06 -39.57
CA LYS A 109 -20.10 57.38 -39.84
C LYS A 109 -19.28 57.41 -38.55
N MET A 1 -17.58 -3.02 -34.71
CA MET A 1 -18.11 -1.67 -34.58
C MET A 1 -18.95 -1.30 -35.80
N SER A 2 -20.23 -0.99 -35.55
CA SER A 2 -21.14 -0.63 -36.62
C SER A 2 -21.62 0.81 -36.46
N ASP A 3 -21.40 1.62 -37.50
CA ASP A 3 -21.80 3.03 -37.48
C ASP A 3 -22.93 3.28 -38.47
N ALA A 4 -23.99 3.92 -38.01
CA ALA A 4 -25.14 4.23 -38.86
C ALA A 4 -25.24 5.72 -39.12
N GLY A 5 -24.67 6.53 -38.21
CA GLY A 5 -24.71 7.96 -38.36
C GLY A 5 -23.45 8.63 -37.85
N ARG A 6 -23.49 9.96 -37.73
CA ARG A 6 -22.35 10.72 -37.24
C ARG A 6 -22.27 10.66 -35.72
N LYS A 7 -23.41 10.84 -35.06
CA LYS A 7 -23.46 10.81 -33.61
C LYS A 7 -23.72 9.39 -33.10
N GLY A 8 -24.21 8.53 -34.00
CA GLY A 8 -24.49 7.15 -33.62
C GLY A 8 -25.55 7.05 -32.55
N PHE A 9 -26.76 6.67 -32.95
CA PHE A 9 -27.87 6.54 -32.02
C PHE A 9 -27.90 5.14 -31.41
N GLY A 10 -27.13 4.23 -32.00
CA GLY A 10 -27.09 2.87 -31.51
C GLY A 10 -25.94 2.63 -30.55
N GLU A 11 -24.76 3.12 -30.92
CA GLU A 11 -23.58 2.95 -30.10
C GLU A 11 -23.77 3.61 -28.73
N LYS A 12 -24.71 4.53 -28.65
CA LYS A 12 -25.01 5.23 -27.41
C LYS A 12 -26.15 4.56 -26.66
N ALA A 13 -27.28 4.39 -27.34
CA ALA A 13 -28.45 3.75 -26.74
C ALA A 13 -28.15 2.31 -26.34
N SER A 14 -27.43 1.60 -27.20
CA SER A 14 -27.07 0.21 -26.94
C SER A 14 -26.06 0.12 -25.80
N GLU A 15 -25.16 1.07 -25.74
CA GLU A 15 -24.15 1.10 -24.69
C GLU A 15 -24.67 1.76 -23.42
N ALA A 16 -25.71 2.58 -23.58
CA ALA A 16 -26.32 3.26 -22.44
C ALA A 16 -27.48 2.46 -21.86
N LEU A 17 -27.89 1.43 -22.60
CA LEU A 17 -28.98 0.57 -22.15
C LEU A 17 -28.48 -0.82 -21.77
N LYS A 18 -27.35 -1.20 -22.35
CA LYS A 18 -26.76 -2.50 -22.07
C LYS A 18 -26.71 -2.77 -20.56
N PRO A 19 -26.71 -4.06 -20.19
CA PRO A 19 -26.68 -4.48 -18.79
C PRO A 19 -25.33 -4.19 -18.13
N ASP A 20 -24.36 -3.76 -18.95
CA ASP A 20 -23.03 -3.45 -18.44
C ASP A 20 -22.61 -2.05 -18.85
N SER A 21 -23.54 -1.10 -18.73
CA SER A 21 -23.26 0.29 -19.09
C SER A 21 -22.50 1.00 -17.99
N GLN A 22 -22.49 0.40 -16.80
CA GLN A 22 -21.78 0.98 -15.66
C GLN A 22 -20.63 0.08 -15.21
N LYS A 23 -20.97 -1.14 -14.80
CA LYS A 23 -19.96 -2.09 -14.36
C LYS A 23 -18.75 -2.08 -15.28
N SER A 24 -18.92 -2.62 -16.48
CA SER A 24 -17.83 -2.68 -17.46
C SER A 24 -17.00 -1.40 -17.41
N TYR A 25 -17.64 -0.29 -17.06
CA TYR A 25 -16.95 0.99 -16.97
C TYR A 25 -16.27 1.16 -15.63
N ALA A 26 -17.05 1.05 -14.56
CA ALA A 26 -16.53 1.19 -13.21
C ALA A 26 -15.67 -0.01 -12.82
N GLU A 27 -16.21 -1.21 -13.05
CA GLU A 27 -15.49 -2.44 -12.73
C GLU A 27 -14.07 -2.40 -13.28
N GLN A 28 -13.95 -2.20 -14.59
CA GLN A 28 -12.65 -2.13 -15.23
C GLN A 28 -11.71 -1.20 -14.48
N GLY A 29 -12.27 -0.12 -13.93
CA GLY A 29 -11.47 0.84 -13.19
C GLY A 29 -11.09 0.34 -11.82
N LYS A 30 -12.00 -0.41 -11.19
CA LYS A 30 -11.77 -0.94 -9.86
C LYS A 30 -10.81 -2.13 -9.90
N GLU A 31 -11.08 -3.06 -10.82
CA GLU A 31 -10.24 -4.25 -10.96
C GLU A 31 -8.76 -3.86 -10.99
N TYR A 32 -8.47 -2.68 -11.51
CA TYR A 32 -7.09 -2.19 -11.59
C TYR A 32 -6.63 -1.66 -10.24
N ILE A 33 -7.53 -1.02 -9.52
CA ILE A 33 -7.22 -0.46 -8.20
C ILE A 33 -7.31 -1.52 -7.12
N THR A 34 -8.50 -2.10 -6.97
CA THR A 34 -8.72 -3.13 -5.97
C THR A 34 -7.46 -3.96 -5.73
N ASP A 35 -6.83 -4.40 -6.81
CA ASP A 35 -5.61 -5.19 -6.71
C ASP A 35 -4.42 -4.32 -6.30
N LYS A 36 -4.17 -3.27 -7.08
CA LYS A 36 -3.07 -2.36 -6.81
C LYS A 36 -3.24 -1.70 -5.44
N ALA A 37 -4.38 -1.07 -5.21
CA ALA A 37 -4.67 -0.41 -3.94
C ALA A 37 -4.30 -1.31 -2.77
N ASP A 38 -4.83 -2.53 -2.76
CA ASP A 38 -4.56 -3.48 -1.70
C ASP A 38 -3.06 -3.62 -1.47
N LYS A 39 -2.27 -3.31 -2.49
CA LYS A 39 -0.83 -3.41 -2.40
C LYS A 39 -0.22 -2.05 -2.04
N VAL A 40 -0.47 -1.05 -2.87
CA VAL A 40 0.05 0.29 -2.64
C VAL A 40 -0.43 0.83 -1.29
N ALA A 41 -1.30 0.09 -0.63
CA ALA A 41 -1.83 0.50 0.66
C ALA A 41 -1.00 -0.07 1.80
N GLY A 42 -0.18 -1.07 1.49
CA GLY A 42 0.66 -1.69 2.49
C GLY A 42 2.03 -1.05 2.58
N LYS A 43 2.31 -0.15 1.65
CA LYS A 43 3.59 0.54 1.62
C LYS A 43 3.41 2.06 1.70
N VAL A 44 2.36 2.55 1.05
CA VAL A 44 2.06 3.98 1.05
C VAL A 44 2.73 4.68 2.23
N GLN A 45 3.78 5.43 1.95
CA GLN A 45 4.50 6.16 2.99
C GLN A 45 3.54 6.95 3.87
N PRO A 46 3.34 6.49 5.11
CA PRO A 46 2.44 7.14 6.07
C PRO A 46 2.99 8.49 6.55
N GLU A 47 4.30 8.68 6.38
CA GLU A 47 4.95 9.92 6.80
C GLU A 47 4.95 10.94 5.67
N ASP A 48 4.47 10.53 4.50
CA ASP A 48 4.42 11.40 3.33
C ASP A 48 3.13 12.22 3.32
N ASN A 49 2.39 12.16 4.43
CA ASN A 49 1.13 12.90 4.54
C ASN A 49 1.40 14.38 4.76
N LYS A 50 2.63 14.71 5.13
CA LYS A 50 3.02 16.10 5.36
C LYS A 50 3.57 16.73 4.08
N GLY A 51 3.89 15.88 3.11
CA GLY A 51 4.42 16.38 1.84
C GLY A 51 3.34 16.87 0.91
N VAL A 52 2.12 16.36 1.08
CA VAL A 52 1.00 16.74 0.24
C VAL A 52 0.55 18.16 0.56
N PHE A 53 0.57 18.51 1.85
CA PHE A 53 0.16 19.84 2.29
C PHE A 53 1.32 20.82 2.21
N GLN A 54 2.51 20.31 1.90
CA GLN A 54 3.70 21.14 1.79
C GLN A 54 3.52 22.21 0.72
N GLY A 55 2.65 21.94 -0.24
CA GLY A 55 2.40 22.88 -1.33
C GLY A 55 1.28 23.84 -1.00
N VAL A 56 0.16 23.32 -0.50
CA VAL A 56 -0.99 24.13 -0.16
C VAL A 56 -0.69 25.02 1.04
N HIS A 57 0.07 24.48 2.00
CA HIS A 57 0.43 25.23 3.20
C HIS A 57 1.00 26.59 2.84
N ASP A 58 1.95 26.60 1.92
CA ASP A 58 2.59 27.84 1.48
C ASP A 58 1.62 28.68 0.65
N SER A 59 0.61 28.03 0.10
CA SER A 59 -0.38 28.71 -0.73
C SER A 59 -1.43 29.40 0.13
N ALA A 60 -1.68 28.85 1.32
CA ALA A 60 -2.65 29.42 2.24
C ALA A 60 -1.99 30.44 3.17
N GLU A 61 -0.75 30.80 2.87
CA GLU A 61 -0.02 31.77 3.68
C GLU A 61 -0.85 33.03 3.90
N LYS A 62 -1.67 33.38 2.91
CA LYS A 62 -2.51 34.56 2.99
C LYS A 62 -3.65 34.35 3.99
N GLY A 63 -4.25 33.16 3.95
CA GLY A 63 -5.34 32.84 4.85
C GLY A 63 -4.86 32.23 6.15
N LYS A 64 -3.55 32.24 6.36
CA LYS A 64 -2.96 31.67 7.57
C LYS A 64 -2.72 32.75 8.61
N ASP A 65 -3.54 33.79 8.57
CA ASP A 65 -3.40 34.90 9.52
C ASP A 65 -4.59 34.92 10.49
N ASN A 66 -5.36 33.84 10.49
CA ASN A 66 -6.52 33.74 11.37
C ASN A 66 -6.20 34.28 12.76
N ALA A 67 -4.96 34.10 13.20
CA ALA A 67 -4.53 34.56 14.51
C ALA A 67 -4.92 36.02 14.72
N GLU A 68 -4.63 36.86 13.73
CA GLU A 68 -4.95 38.28 13.82
C GLU A 68 -6.42 38.49 14.14
N GLY A 69 -6.71 39.48 14.98
CA GLY A 69 -8.08 39.76 15.35
C GLY A 69 -8.38 39.39 16.79
N GLN A 70 -7.54 38.54 17.37
CA GLN A 70 -7.72 38.11 18.74
C GLN A 70 -7.81 39.30 19.68
N GLY A 71 -8.20 39.05 20.93
CA GLY A 71 -8.32 40.11 21.91
C GLY A 71 -8.75 39.60 23.27
N GLU A 72 -9.96 39.07 23.34
CA GLU A 72 -10.50 38.54 24.59
C GLU A 72 -10.38 37.03 24.65
N SER A 73 -10.53 36.39 23.49
CA SER A 73 -10.45 34.93 23.39
C SER A 73 -11.07 34.44 22.09
N LEU A 74 -10.42 33.45 21.48
CA LEU A 74 -10.90 32.89 20.23
C LEU A 74 -12.17 32.06 20.45
N ALA A 75 -12.46 31.77 21.72
CA ALA A 75 -13.63 30.98 22.06
C ALA A 75 -14.88 31.85 22.12
N ASP A 76 -14.70 33.11 22.52
CA ASP A 76 -15.81 34.05 22.61
C ASP A 76 -16.51 34.20 21.25
N GLN A 77 -15.71 34.25 20.19
CA GLN A 77 -16.25 34.40 18.84
C GLN A 77 -16.69 33.05 18.29
N ALA A 78 -15.89 32.02 18.53
CA ALA A 78 -16.20 30.68 18.05
C ALA A 78 -17.68 30.36 18.21
N ARG A 79 -18.28 30.90 19.28
CA ARG A 79 -19.69 30.69 19.55
C ARG A 79 -20.57 31.53 18.64
N ASP A 80 -20.45 32.85 18.77
CA ASP A 80 -21.23 33.77 17.95
C ASP A 80 -20.72 33.79 16.51
N TYR A 81 -19.41 34.00 16.36
CA TYR A 81 -18.81 34.04 15.04
C TYR A 81 -19.34 32.92 14.15
N MET A 82 -19.06 31.68 14.56
CA MET A 82 -19.52 30.51 13.80
C MET A 82 -20.98 30.65 13.42
N GLY A 83 -21.76 31.30 14.28
CA GLY A 83 -23.18 31.49 14.01
C GLY A 83 -23.43 32.58 12.98
N ALA A 84 -22.95 33.78 13.27
CA ALA A 84 -23.14 34.91 12.37
C ALA A 84 -22.60 34.59 10.98
N ALA A 85 -21.74 33.58 10.90
CA ALA A 85 -21.16 33.18 9.63
C ALA A 85 -21.98 32.08 8.96
N LYS A 86 -21.90 30.87 9.50
CA LYS A 86 -22.65 29.74 8.95
C LYS A 86 -24.09 30.13 8.67
N SER A 87 -24.62 31.04 9.49
CA SER A 87 -26.00 31.48 9.33
C SER A 87 -26.10 32.55 8.25
N LYS A 88 -25.50 33.71 8.51
CA LYS A 88 -25.52 34.81 7.56
C LYS A 88 -24.76 34.46 6.30
N LEU A 89 -23.47 34.18 6.44
CA LEU A 89 -22.64 33.81 5.30
C LEU A 89 -23.35 32.82 4.39
N ASN A 90 -23.85 31.74 4.98
CA ASN A 90 -24.56 30.71 4.21
C ASN A 90 -25.92 31.23 3.76
N ASP A 91 -26.78 31.55 4.73
CA ASP A 91 -28.12 32.04 4.42
C ASP A 91 -28.05 33.27 3.53
N ALA A 92 -26.87 33.88 3.46
CA ALA A 92 -26.67 35.07 2.65
C ALA A 92 -26.01 34.72 1.32
N VAL A 93 -25.18 33.69 1.33
CA VAL A 93 -24.48 33.24 0.13
C VAL A 93 -25.09 31.95 -0.42
N GLU A 94 -25.31 30.99 0.48
CA GLU A 94 -25.88 29.71 0.09
C GLU A 94 -27.36 29.86 -0.28
N TYR A 95 -28.06 30.69 0.47
CA TYR A 95 -29.49 30.93 0.22
C TYR A 95 -29.68 31.93 -0.90
N VAL A 96 -28.93 33.03 -0.85
CA VAL A 96 -29.01 34.07 -1.87
C VAL A 96 -28.19 33.71 -3.10
N SER A 97 -26.88 33.68 -2.93
CA SER A 97 -25.98 33.34 -4.03
C SER A 97 -26.28 31.96 -4.58
N GLY A 98 -26.97 31.14 -3.78
CA GLY A 98 -27.30 29.80 -4.21
C GLY A 98 -28.65 29.74 -4.90
N ARG A 99 -29.47 30.75 -4.68
CA ARG A 99 -30.80 30.81 -5.29
C ARG A 99 -30.74 31.49 -6.65
N VAL A 100 -30.14 32.68 -6.69
CA VAL A 100 -30.02 33.43 -7.93
C VAL A 100 -29.22 32.67 -8.97
N HIS A 101 -28.23 31.90 -8.50
CA HIS A 101 -27.39 31.11 -9.39
C HIS A 101 -27.90 29.68 -9.50
N GLY A 102 -29.20 29.50 -9.27
CA GLY A 102 -29.80 28.18 -9.34
C GLY A 102 -30.82 28.07 -10.44
N GLU A 103 -30.35 28.00 -11.69
CA GLU A 103 -31.24 27.90 -12.84
C GLU A 103 -31.74 26.47 -13.01
N GLU A 104 -33.05 26.29 -12.94
CA GLU A 104 -33.65 24.96 -13.09
C GLU A 104 -34.10 24.72 -14.52
N ASP A 105 -33.70 25.63 -15.42
CA ASP A 105 -34.06 25.51 -16.83
C ASP A 105 -33.72 24.13 -17.37
N PRO A 106 -34.38 23.75 -18.47
CA PRO A 106 -34.17 22.45 -19.11
C PRO A 106 -32.80 22.35 -19.77
N THR A 107 -31.86 21.68 -19.11
CA THR A 107 -30.52 21.52 -19.63
C THR A 107 -30.38 20.20 -20.39
N LYS A 108 -31.51 19.64 -20.80
CA LYS A 108 -31.51 18.38 -21.53
C LYS A 108 -31.40 18.62 -23.03
N LYS A 109 -31.38 17.53 -23.80
CA LYS A 109 -31.28 17.63 -25.25
C LYS A 109 -32.57 17.16 -25.92
N MET A 1 -33.43 -11.12 0.85
CA MET A 1 -34.54 -10.18 0.81
C MET A 1 -35.64 -10.67 -0.12
N SER A 2 -35.24 -11.27 -1.25
CA SER A 2 -36.19 -11.78 -2.22
C SER A 2 -35.70 -13.10 -2.82
N ASP A 3 -36.54 -13.71 -3.64
CA ASP A 3 -36.20 -14.97 -4.29
C ASP A 3 -36.70 -15.01 -5.72
N ALA A 4 -35.81 -15.33 -6.65
CA ALA A 4 -36.16 -15.39 -8.06
C ALA A 4 -36.31 -16.84 -8.53
N GLY A 5 -35.64 -17.75 -7.82
CA GLY A 5 -35.71 -19.15 -8.18
C GLY A 5 -34.48 -19.62 -8.96
N ARG A 6 -34.05 -20.84 -8.69
CA ARG A 6 -32.89 -21.40 -9.38
C ARG A 6 -33.30 -22.52 -10.33
N LYS A 7 -34.60 -22.66 -10.55
CA LYS A 7 -35.13 -23.69 -11.43
C LYS A 7 -34.64 -23.48 -12.86
N GLY A 8 -34.16 -22.27 -13.15
CA GLY A 8 -33.66 -21.97 -14.48
C GLY A 8 -34.19 -20.65 -15.00
N PHE A 9 -35.25 -20.15 -14.38
CA PHE A 9 -35.86 -18.89 -14.80
C PHE A 9 -35.18 -17.71 -14.11
N GLY A 10 -34.33 -18.01 -13.13
CA GLY A 10 -33.62 -16.96 -12.42
C GLY A 10 -32.25 -16.69 -12.99
N GLU A 11 -31.52 -17.76 -13.31
CA GLU A 11 -30.18 -17.63 -13.87
C GLU A 11 -30.23 -16.95 -15.24
N LYS A 12 -31.40 -16.97 -15.86
CA LYS A 12 -31.58 -16.36 -17.18
C LYS A 12 -32.11 -14.94 -17.05
N ALA A 13 -33.14 -14.77 -16.22
CA ALA A 13 -33.75 -13.46 -16.00
C ALA A 13 -32.79 -12.53 -15.25
N SER A 14 -32.00 -13.11 -14.35
CA SER A 14 -31.05 -12.34 -13.56
C SER A 14 -29.81 -12.00 -14.38
N GLU A 15 -29.44 -12.90 -15.29
CA GLU A 15 -28.28 -12.69 -16.14
C GLU A 15 -28.65 -11.92 -17.41
N ALA A 16 -29.92 -12.03 -17.80
CA ALA A 16 -30.42 -11.34 -18.99
C ALA A 16 -30.60 -9.86 -18.73
N LEU A 17 -30.93 -9.51 -17.48
CA LEU A 17 -31.14 -8.12 -17.10
C LEU A 17 -29.88 -7.53 -16.49
N LYS A 18 -28.90 -8.38 -16.21
CA LYS A 18 -27.64 -7.94 -15.63
C LYS A 18 -27.18 -6.61 -16.25
N PRO A 19 -27.27 -5.53 -15.47
CA PRO A 19 -26.87 -4.20 -15.91
C PRO A 19 -25.36 -4.07 -16.10
N ASP A 20 -24.87 -4.56 -17.23
CA ASP A 20 -23.44 -4.51 -17.52
C ASP A 20 -23.10 -3.23 -18.29
N SER A 21 -23.98 -2.24 -18.20
CA SER A 21 -23.77 -0.98 -18.89
C SER A 21 -22.92 -0.03 -18.04
N GLN A 22 -22.86 -0.30 -16.74
CA GLN A 22 -22.09 0.52 -15.83
C GLN A 22 -20.92 -0.26 -15.24
N LYS A 23 -21.24 -1.30 -14.48
CA LYS A 23 -20.22 -2.14 -13.86
C LYS A 23 -19.07 -2.41 -14.83
N SER A 24 -19.34 -3.21 -15.86
CA SER A 24 -18.33 -3.56 -16.85
C SER A 24 -17.44 -2.35 -17.15
N TYR A 25 -18.00 -1.16 -17.03
CA TYR A 25 -17.26 0.07 -17.29
C TYR A 25 -16.54 0.55 -16.03
N ALA A 26 -17.27 0.60 -14.92
CA ALA A 26 -16.70 1.03 -13.65
C ALA A 26 -15.80 -0.05 -13.06
N GLU A 27 -16.30 -1.27 -13.00
CA GLU A 27 -15.54 -2.39 -12.46
C GLU A 27 -14.19 -2.53 -13.18
N GLN A 28 -14.25 -2.69 -14.49
CA GLN A 28 -13.05 -2.84 -15.30
C GLN A 28 -12.00 -1.81 -14.90
N GLY A 29 -12.46 -0.60 -14.55
CA GLY A 29 -11.54 0.45 -14.15
C GLY A 29 -11.09 0.31 -12.71
N LYS A 30 -11.99 -0.18 -11.86
CA LYS A 30 -11.68 -0.35 -10.44
C LYS A 30 -10.72 -1.52 -10.24
N GLU A 31 -11.00 -2.64 -10.90
CA GLU A 31 -10.16 -3.82 -10.79
C GLU A 31 -8.69 -3.48 -11.02
N TYR A 32 -8.45 -2.42 -11.79
CA TYR A 32 -7.09 -1.99 -12.09
C TYR A 32 -6.49 -1.25 -10.90
N ILE A 33 -7.32 -0.51 -10.17
CA ILE A 33 -6.87 0.24 -9.01
C ILE A 33 -7.01 -0.59 -7.74
N THR A 34 -8.24 -1.00 -7.44
CA THR A 34 -8.51 -1.80 -6.25
C THR A 34 -7.38 -2.77 -5.97
N ASP A 35 -6.93 -3.46 -6.99
CA ASP A 35 -5.84 -4.43 -6.85
C ASP A 35 -4.55 -3.73 -6.44
N LYS A 36 -4.13 -2.75 -7.23
CA LYS A 36 -2.91 -2.00 -6.95
C LYS A 36 -3.01 -1.29 -5.60
N ALA A 37 -4.12 -0.60 -5.38
CA ALA A 37 -4.34 0.12 -4.12
C ALA A 37 -4.19 -0.82 -2.93
N ASP A 38 -4.88 -1.95 -2.98
CA ASP A 38 -4.83 -2.94 -1.89
C ASP A 38 -3.39 -3.23 -1.51
N LYS A 39 -2.47 -2.99 -2.43
CA LYS A 39 -1.05 -3.24 -2.18
C LYS A 39 -0.35 -1.96 -1.74
N VAL A 40 -0.71 -0.84 -2.35
CA VAL A 40 -0.12 0.45 -2.00
C VAL A 40 -0.40 0.82 -0.56
N ALA A 41 -1.22 0.00 0.10
CA ALA A 41 -1.57 0.24 1.50
C ALA A 41 -0.72 -0.61 2.44
N GLY A 42 0.01 -1.56 1.86
CA GLY A 42 0.86 -2.43 2.66
C GLY A 42 2.29 -1.93 2.74
N LYS A 43 2.60 -0.90 1.96
CA LYS A 43 3.94 -0.32 1.94
C LYS A 43 3.90 1.17 2.25
N VAL A 44 2.85 1.83 1.78
CA VAL A 44 2.70 3.26 2.01
C VAL A 44 3.28 3.67 3.36
N GLN A 45 2.92 2.93 4.40
CA GLN A 45 3.41 3.23 5.75
C GLN A 45 4.93 3.09 5.81
N PRO A 46 5.62 4.22 5.99
CA PRO A 46 7.08 4.25 6.07
C PRO A 46 7.60 3.61 7.36
N GLU A 47 6.73 3.48 8.35
CA GLU A 47 7.10 2.88 9.62
C GLU A 47 6.89 1.37 9.59
N ASP A 48 6.41 0.85 8.47
CA ASP A 48 6.17 -0.57 8.31
C ASP A 48 7.40 -1.27 7.76
N ASN A 49 8.54 -0.59 7.82
CA ASN A 49 9.79 -1.15 7.31
C ASN A 49 10.58 -1.81 8.44
N LYS A 50 10.24 -1.46 9.67
CA LYS A 50 10.91 -2.02 10.85
C LYS A 50 10.19 -3.28 11.33
N GLY A 51 8.96 -3.47 10.89
CA GLY A 51 8.19 -4.63 11.28
C GLY A 51 8.60 -5.88 10.52
N VAL A 52 9.06 -5.69 9.29
CA VAL A 52 9.47 -6.81 8.45
C VAL A 52 10.70 -7.50 9.04
N PHE A 53 11.61 -6.72 9.59
CA PHE A 53 12.83 -7.25 10.18
C PHE A 53 12.58 -7.70 11.62
N GLN A 54 11.39 -7.41 12.12
CA GLN A 54 11.02 -7.78 13.49
C GLN A 54 11.13 -9.30 13.69
N GLY A 55 11.01 -10.04 12.59
CA GLY A 55 11.10 -11.49 12.67
C GLY A 55 12.51 -12.00 12.49
N VAL A 56 13.19 -11.51 11.45
CA VAL A 56 14.56 -11.92 11.18
C VAL A 56 15.51 -11.46 12.27
N HIS A 57 15.26 -10.28 12.80
CA HIS A 57 16.09 -9.71 13.86
C HIS A 57 16.30 -10.74 14.98
N ASP A 58 15.21 -11.18 15.59
CA ASP A 58 15.28 -12.15 16.67
C ASP A 58 15.80 -13.49 16.15
N SER A 59 15.79 -13.67 14.85
CA SER A 59 16.27 -14.90 14.23
C SER A 59 17.78 -14.87 14.04
N ALA A 60 18.33 -13.67 13.96
CA ALA A 60 19.77 -13.49 13.78
C ALA A 60 20.48 -13.42 15.13
N GLU A 61 19.75 -13.73 16.20
CA GLU A 61 20.31 -13.70 17.55
C GLU A 61 21.62 -14.49 17.61
N LYS A 62 21.67 -15.58 16.84
CA LYS A 62 22.86 -16.43 16.81
C LYS A 62 23.97 -15.78 16.00
N GLY A 63 23.60 -15.03 14.96
CA GLY A 63 24.57 -14.36 14.13
C GLY A 63 24.78 -12.92 14.52
N LYS A 64 24.26 -12.54 15.69
CA LYS A 64 24.40 -11.18 16.19
C LYS A 64 25.21 -11.14 17.48
N ASP A 65 25.44 -12.31 18.06
CA ASP A 65 26.20 -12.42 19.29
C ASP A 65 27.59 -12.98 19.03
N ASN A 66 27.97 -13.02 17.75
CA ASN A 66 29.27 -13.56 17.37
C ASN A 66 30.39 -12.96 18.23
N ALA A 67 30.13 -11.77 18.77
CA ALA A 67 31.11 -11.10 19.62
C ALA A 67 31.64 -12.03 20.69
N GLU A 68 30.80 -12.96 21.14
CA GLU A 68 31.20 -13.92 22.16
C GLU A 68 32.42 -14.72 21.73
N GLY A 69 32.99 -15.48 22.66
CA GLY A 69 34.15 -16.28 22.35
C GLY A 69 33.98 -17.11 21.09
N GLN A 70 33.34 -18.27 21.23
CA GLN A 70 33.10 -19.15 20.09
C GLN A 70 32.07 -18.55 19.14
N GLY A 71 32.47 -18.35 17.89
CA GLY A 71 31.57 -17.79 16.90
C GLY A 71 32.23 -17.62 15.54
N GLU A 72 33.25 -16.78 15.49
CA GLU A 72 33.97 -16.52 14.24
C GLU A 72 35.28 -17.31 14.20
N SER A 73 35.54 -18.08 15.24
CA SER A 73 36.76 -18.88 15.33
C SER A 73 37.92 -18.04 15.84
N LEU A 74 38.82 -18.68 16.57
CA LEU A 74 39.99 -17.99 17.12
C LEU A 74 40.81 -17.35 16.01
N ALA A 75 40.54 -17.75 14.78
CA ALA A 75 41.25 -17.21 13.62
C ALA A 75 40.71 -15.84 13.23
N ASP A 76 39.43 -15.61 13.51
CA ASP A 76 38.79 -14.35 13.19
C ASP A 76 39.51 -13.19 13.86
N GLN A 77 39.92 -13.39 15.11
CA GLN A 77 40.61 -12.35 15.86
C GLN A 77 42.09 -12.34 15.50
N ALA A 78 42.68 -13.52 15.36
CA ALA A 78 44.09 -13.64 15.02
C ALA A 78 44.49 -12.63 13.95
N ARG A 79 43.55 -12.33 13.05
CA ARG A 79 43.81 -11.37 11.97
C ARG A 79 43.79 -9.95 12.51
N ASP A 80 42.65 -9.53 13.04
CA ASP A 80 42.50 -8.18 13.58
C ASP A 80 43.22 -8.06 14.92
N TYR A 81 42.92 -8.96 15.85
CA TYR A 81 43.54 -8.94 17.17
C TYR A 81 45.03 -8.67 17.06
N MET A 82 45.76 -9.60 16.45
CA MET A 82 47.21 -9.45 16.28
C MET A 82 47.56 -8.05 15.79
N GLY A 83 46.70 -7.50 14.94
CA GLY A 83 46.94 -6.17 14.40
C GLY A 83 46.70 -5.08 15.43
N ALA A 84 45.47 -4.99 15.92
CA ALA A 84 45.11 -3.99 16.93
C ALA A 84 46.06 -4.04 18.11
N ALA A 85 46.73 -5.17 18.29
CA ALA A 85 47.67 -5.34 19.38
C ALA A 85 49.05 -4.79 19.02
N LYS A 86 49.77 -5.54 18.19
CA LYS A 86 51.11 -5.12 17.77
C LYS A 86 51.09 -3.69 17.25
N SER A 87 50.02 -3.32 16.56
CA SER A 87 49.89 -1.98 16.01
C SER A 87 49.68 -0.96 17.11
N LYS A 88 48.53 -1.03 17.78
CA LYS A 88 48.21 -0.12 18.87
C LYS A 88 49.22 -0.24 20.01
N LEU A 89 49.42 -1.46 20.49
CA LEU A 89 50.37 -1.71 21.56
C LEU A 89 51.71 -1.06 21.27
N ASN A 90 52.29 -1.39 20.12
CA ASN A 90 53.58 -0.84 19.72
C ASN A 90 53.44 0.65 19.37
N ASP A 91 52.40 0.99 18.63
CA ASP A 91 52.16 2.37 18.24
C ASP A 91 51.70 3.21 19.44
N ALA A 92 51.31 2.53 20.51
CA ALA A 92 50.85 3.21 21.71
C ALA A 92 51.89 3.12 22.83
N VAL A 93 52.73 2.08 22.76
CA VAL A 93 53.77 1.88 23.76
C VAL A 93 55.14 2.24 23.20
N GLU A 94 55.36 1.95 21.92
CA GLU A 94 56.63 2.24 21.27
C GLU A 94 56.59 3.61 20.61
N TYR A 95 55.43 3.98 20.09
CA TYR A 95 55.27 5.26 19.42
C TYR A 95 54.80 6.34 20.40
N VAL A 96 53.92 5.96 21.31
CA VAL A 96 53.40 6.88 22.31
C VAL A 96 54.25 6.85 23.58
N SER A 97 54.32 5.68 24.20
CA SER A 97 55.09 5.52 25.42
C SER A 97 56.60 5.49 25.12
N GLY A 98 56.94 5.26 23.86
CA GLY A 98 58.33 5.21 23.47
C GLY A 98 58.87 6.58 23.08
N ARG A 99 57.97 7.50 22.78
CA ARG A 99 58.35 8.86 22.39
C ARG A 99 58.49 9.75 23.62
N VAL A 100 57.44 9.81 24.42
CA VAL A 100 57.44 10.64 25.63
C VAL A 100 58.55 10.20 26.58
N HIS A 101 58.87 8.91 26.57
CA HIS A 101 59.91 8.38 27.44
C HIS A 101 61.28 8.90 27.01
N GLY A 102 61.50 8.99 25.70
CA GLY A 102 62.76 9.46 25.18
C GLY A 102 63.02 10.92 25.53
N GLU A 103 64.20 11.42 25.17
CA GLU A 103 64.56 12.81 25.43
C GLU A 103 64.28 13.68 24.23
N GLU A 104 63.47 14.72 24.43
CA GLU A 104 63.11 15.64 23.36
C GLU A 104 64.09 16.82 23.31
N ASP A 105 65.18 16.71 24.06
CA ASP A 105 66.18 17.76 24.11
C ASP A 105 66.63 18.14 22.69
N PRO A 106 67.19 19.35 22.56
CA PRO A 106 67.67 19.85 21.26
C PRO A 106 68.92 19.11 20.78
N THR A 107 68.70 18.06 19.99
CA THR A 107 69.80 17.28 19.45
C THR A 107 70.84 18.16 18.77
N LYS A 108 70.39 19.28 18.22
CA LYS A 108 71.28 20.22 17.54
C LYS A 108 71.43 21.50 18.35
N LYS A 109 72.05 22.51 17.74
CA LYS A 109 72.27 23.79 18.40
C LYS A 109 72.16 24.94 17.41
N MET A 1 -38.03 5.57 -0.14
CA MET A 1 -39.34 4.94 -0.13
C MET A 1 -40.18 5.41 -1.33
N SER A 2 -40.26 4.57 -2.35
CA SER A 2 -41.02 4.89 -3.55
C SER A 2 -41.90 3.73 -3.98
N ASP A 3 -42.57 3.88 -5.11
CA ASP A 3 -43.45 2.83 -5.63
C ASP A 3 -43.27 2.67 -7.14
N ALA A 4 -42.78 1.51 -7.54
CA ALA A 4 -42.56 1.22 -8.95
C ALA A 4 -43.82 1.46 -9.77
N GLY A 5 -44.98 1.31 -9.12
CA GLY A 5 -46.25 1.51 -9.79
C GLY A 5 -46.36 0.70 -11.07
N ARG A 6 -46.33 1.39 -12.21
CA ARG A 6 -46.43 0.72 -13.50
C ARG A 6 -45.11 0.79 -14.25
N LYS A 7 -44.29 1.78 -13.91
CA LYS A 7 -42.99 1.96 -14.55
C LYS A 7 -41.97 0.95 -14.00
N GLY A 8 -42.41 0.16 -13.02
CA GLY A 8 -41.52 -0.83 -12.43
C GLY A 8 -41.03 -1.85 -13.44
N PHE A 9 -41.72 -1.92 -14.57
CA PHE A 9 -41.36 -2.87 -15.62
C PHE A 9 -40.09 -2.42 -16.35
N GLY A 10 -39.70 -1.17 -16.12
CA GLY A 10 -38.51 -0.64 -16.76
C GLY A 10 -37.29 -0.74 -15.88
N GLU A 11 -37.45 -0.43 -14.59
CA GLU A 11 -36.35 -0.49 -13.65
C GLU A 11 -35.79 -1.92 -13.55
N LYS A 12 -36.60 -2.88 -13.96
CA LYS A 12 -36.19 -4.28 -13.92
C LYS A 12 -35.63 -4.72 -15.27
N ALA A 13 -36.41 -4.51 -16.32
CA ALA A 13 -35.99 -4.88 -17.67
C ALA A 13 -34.75 -4.10 -18.10
N SER A 14 -34.72 -2.81 -17.78
CA SER A 14 -33.60 -1.96 -18.13
C SER A 14 -32.36 -2.33 -17.32
N GLU A 15 -32.57 -2.71 -16.06
CA GLU A 15 -31.47 -3.09 -15.18
C GLU A 15 -31.09 -4.55 -15.40
N ALA A 16 -32.04 -5.34 -15.89
CA ALA A 16 -31.81 -6.75 -16.15
C ALA A 16 -31.29 -6.98 -17.56
N LEU A 17 -31.40 -5.96 -18.40
CA LEU A 17 -30.94 -6.05 -19.78
C LEU A 17 -29.72 -5.18 -20.01
N LYS A 18 -29.51 -4.21 -19.11
CA LYS A 18 -28.36 -3.31 -19.21
C LYS A 18 -27.09 -4.07 -19.53
N PRO A 19 -26.60 -3.94 -20.76
CA PRO A 19 -25.38 -4.61 -21.22
C PRO A 19 -24.12 -4.04 -20.55
N ASP A 20 -24.04 -4.19 -19.24
CA ASP A 20 -22.89 -3.69 -18.49
C ASP A 20 -22.54 -2.26 -18.91
N SER A 21 -23.52 -1.37 -18.81
CA SER A 21 -23.32 0.02 -19.19
C SER A 21 -22.55 0.78 -18.11
N GLN A 22 -22.53 0.20 -16.91
CA GLN A 22 -21.83 0.82 -15.79
C GLN A 22 -20.67 -0.06 -15.33
N LYS A 23 -20.98 -1.28 -14.90
CA LYS A 23 -19.95 -2.21 -14.43
C LYS A 23 -18.75 -2.19 -15.36
N SER A 24 -18.91 -2.76 -16.55
CA SER A 24 -17.83 -2.81 -17.53
C SER A 24 -17.00 -1.53 -17.49
N TYR A 25 -17.66 -0.42 -17.16
CA TYR A 25 -16.98 0.87 -17.10
C TYR A 25 -16.31 1.07 -15.75
N ALA A 26 -17.10 0.98 -14.68
CA ALA A 26 -16.58 1.13 -13.33
C ALA A 26 -15.71 -0.04 -12.93
N GLU A 27 -16.24 -1.25 -13.13
CA GLU A 27 -15.49 -2.47 -12.79
C GLU A 27 -14.07 -2.41 -13.33
N GLN A 28 -13.96 -2.23 -14.64
CA GLN A 28 -12.65 -2.17 -15.29
C GLN A 28 -11.73 -1.21 -14.55
N GLY A 29 -12.30 -0.14 -14.00
CA GLY A 29 -11.51 0.83 -13.27
C GLY A 29 -11.12 0.35 -11.88
N LYS A 30 -12.05 -0.34 -11.23
CA LYS A 30 -11.80 -0.87 -9.89
C LYS A 30 -10.84 -2.04 -9.93
N GLU A 31 -11.11 -3.00 -10.82
CA GLU A 31 -10.26 -4.17 -10.95
C GLU A 31 -8.79 -3.78 -10.98
N TYR A 32 -8.50 -2.60 -11.51
CA TYR A 32 -7.14 -2.11 -11.60
C TYR A 32 -6.66 -1.56 -10.26
N ILE A 33 -7.58 -0.93 -9.53
CA ILE A 33 -7.26 -0.36 -8.23
C ILE A 33 -7.37 -1.41 -7.12
N THR A 34 -8.55 -1.98 -6.98
CA THR A 34 -8.79 -3.00 -5.96
C THR A 34 -7.54 -3.84 -5.72
N ASP A 35 -6.92 -4.29 -6.80
CA ASP A 35 -5.71 -5.10 -6.71
C ASP A 35 -4.51 -4.24 -6.31
N LYS A 36 -4.24 -3.21 -7.10
CA LYS A 36 -3.12 -2.31 -6.82
C LYS A 36 -3.28 -1.65 -5.45
N ALA A 37 -4.41 -0.98 -5.25
CA ALA A 37 -4.69 -0.31 -3.99
C ALA A 37 -4.37 -1.22 -2.80
N ASP A 38 -4.92 -2.43 -2.81
CA ASP A 38 -4.70 -3.39 -1.74
C ASP A 38 -3.21 -3.51 -1.42
N LYS A 39 -2.38 -3.20 -2.41
CA LYS A 39 -0.93 -3.27 -2.25
C LYS A 39 -0.36 -1.91 -1.90
N VAL A 40 -0.87 -0.87 -2.55
CA VAL A 40 -0.41 0.50 -2.30
C VAL A 40 -0.66 0.91 -0.86
N ALA A 41 -1.34 0.05 -0.11
CA ALA A 41 -1.65 0.32 1.29
C ALA A 41 -0.62 -0.34 2.21
N GLY A 42 0.16 -1.26 1.65
CA GLY A 42 1.16 -1.96 2.45
C GLY A 42 2.51 -1.25 2.41
N LYS A 43 2.65 -0.29 1.51
CA LYS A 43 3.91 0.45 1.38
C LYS A 43 3.66 1.95 1.51
N VAL A 44 2.53 2.41 0.98
CA VAL A 44 2.18 3.83 1.04
C VAL A 44 3.08 4.58 2.02
N GLN A 45 3.97 5.39 1.49
CA GLN A 45 4.89 6.16 2.32
C GLN A 45 4.14 6.91 3.42
N PRO A 46 4.29 6.45 4.67
CA PRO A 46 3.62 7.05 5.82
C PRO A 46 4.20 8.43 6.16
N GLU A 47 5.43 8.67 5.73
CA GLU A 47 6.09 9.94 5.99
C GLU A 47 5.81 10.94 4.86
N ASP A 48 5.12 10.48 3.82
CA ASP A 48 4.78 11.33 2.69
C ASP A 48 3.61 12.25 3.02
N ASN A 49 3.08 12.11 4.23
CA ASN A 49 1.96 12.94 4.68
C ASN A 49 2.31 14.41 4.59
N LYS A 50 3.60 14.72 4.63
CA LYS A 50 4.06 16.10 4.55
C LYS A 50 4.32 16.51 3.11
N GLY A 51 4.53 15.52 2.25
CA GLY A 51 4.79 15.79 0.85
C GLY A 51 3.54 16.22 0.09
N VAL A 52 2.38 15.73 0.56
CA VAL A 52 1.11 16.06 -0.07
C VAL A 52 0.82 17.55 0.03
N PHE A 53 1.18 18.14 1.16
CA PHE A 53 0.95 19.57 1.38
C PHE A 53 2.07 20.40 0.77
N GLN A 54 3.14 19.73 0.36
CA GLN A 54 4.28 20.41 -0.24
C GLN A 54 3.90 21.03 -1.58
N GLY A 55 3.14 20.29 -2.38
CA GLY A 55 2.71 20.79 -3.67
C GLY A 55 1.38 21.51 -3.62
N VAL A 56 0.66 21.31 -2.52
CA VAL A 56 -0.65 21.94 -2.34
C VAL A 56 -0.50 23.30 -1.67
N HIS A 57 0.15 23.32 -0.51
CA HIS A 57 0.35 24.56 0.24
C HIS A 57 1.05 25.60 -0.62
N ASP A 58 2.14 25.18 -1.28
CA ASP A 58 2.90 26.09 -2.13
C ASP A 58 2.05 26.60 -3.29
N SER A 59 0.96 25.90 -3.57
CA SER A 59 0.06 26.28 -4.66
C SER A 59 -0.80 27.47 -4.25
N ALA A 60 -1.02 27.62 -2.95
CA ALA A 60 -1.83 28.72 -2.43
C ALA A 60 -1.11 30.05 -2.60
N GLU A 61 0.18 29.98 -2.94
CA GLU A 61 0.99 31.18 -3.13
C GLU A 61 0.27 32.18 -4.04
N LYS A 62 -0.50 31.65 -4.99
CA LYS A 62 -1.25 32.50 -5.92
C LYS A 62 -2.47 33.10 -5.26
N GLY A 63 -3.25 32.27 -4.58
CA GLY A 63 -4.45 32.74 -3.91
C GLY A 63 -4.13 33.59 -2.70
N LYS A 64 -2.86 33.61 -2.30
CA LYS A 64 -2.42 34.40 -1.15
C LYS A 64 -1.90 35.76 -1.59
N ASP A 65 -2.45 36.27 -2.69
CA ASP A 65 -2.05 37.57 -3.22
C ASP A 65 -3.10 38.64 -2.89
N ASN A 66 -4.02 38.30 -1.98
CA ASN A 66 -5.07 39.22 -1.58
C ASN A 66 -4.49 40.58 -1.21
N ALA A 67 -3.22 40.60 -0.85
CA ALA A 67 -2.54 41.84 -0.48
C ALA A 67 -2.66 42.88 -1.60
N GLU A 68 -2.88 42.40 -2.81
CA GLU A 68 -3.01 43.30 -3.96
C GLU A 68 -4.08 44.36 -3.71
N GLY A 69 -4.12 45.37 -4.57
CA GLY A 69 -5.10 46.43 -4.43
C GLY A 69 -6.51 45.90 -4.23
N GLN A 70 -7.17 45.54 -5.34
CA GLN A 70 -8.53 45.01 -5.28
C GLN A 70 -8.51 43.50 -5.03
N GLY A 71 -9.21 43.08 -3.98
CA GLY A 71 -9.27 41.67 -3.64
C GLY A 71 -10.13 41.39 -2.44
N GLU A 72 -9.72 41.90 -1.28
CA GLU A 72 -10.49 41.70 -0.05
C GLU A 72 -11.31 42.93 0.29
N SER A 73 -11.22 43.96 -0.56
CA SER A 73 -11.95 45.19 -0.36
C SER A 73 -11.18 46.14 0.56
N LEU A 74 -11.33 47.44 0.31
CA LEU A 74 -10.64 48.45 1.10
C LEU A 74 -11.01 48.34 2.57
N ALA A 75 -12.08 47.59 2.86
CA ALA A 75 -12.53 47.39 4.22
C ALA A 75 -11.72 46.31 4.93
N ASP A 76 -11.20 45.38 4.14
CA ASP A 76 -10.40 44.28 4.69
C ASP A 76 -9.22 44.82 5.50
N GLN A 77 -8.56 45.84 4.96
CA GLN A 77 -7.41 46.45 5.64
C GLN A 77 -7.88 47.40 6.74
N ALA A 78 -8.94 48.14 6.46
CA ALA A 78 -9.47 49.10 7.43
C ALA A 78 -9.50 48.49 8.84
N ARG A 79 -9.73 47.19 8.90
CA ARG A 79 -9.78 46.49 10.18
C ARG A 79 -8.37 46.29 10.76
N ASP A 80 -7.54 45.56 10.02
CA ASP A 80 -6.17 45.29 10.45
C ASP A 80 -5.29 46.52 10.24
N TYR A 81 -5.30 47.05 9.02
CA TYR A 81 -4.50 48.22 8.69
C TYR A 81 -4.56 49.26 9.81
N MET A 82 -5.76 49.79 10.05
CA MET A 82 -5.96 50.79 11.09
C MET A 82 -5.30 50.36 12.40
N GLY A 83 -5.35 49.06 12.69
CA GLY A 83 -4.75 48.54 13.91
C GLY A 83 -3.24 48.55 13.85
N ALA A 84 -2.68 47.86 12.86
CA ALA A 84 -1.23 47.79 12.71
C ALA A 84 -0.62 49.18 12.62
N ALA A 85 -1.46 50.17 12.30
CA ALA A 85 -0.99 51.55 12.18
C ALA A 85 -1.14 52.29 13.50
N LYS A 86 -2.38 52.64 13.84
CA LYS A 86 -2.65 53.36 15.09
C LYS A 86 -1.91 52.73 16.26
N SER A 87 -1.75 51.40 16.21
CA SER A 87 -1.06 50.68 17.27
C SER A 87 0.45 50.81 17.11
N LYS A 88 0.99 50.22 16.05
CA LYS A 88 2.42 50.27 15.78
C LYS A 88 2.88 51.71 15.54
N LEU A 89 2.31 52.33 14.52
CA LEU A 89 2.66 53.71 14.19
C LEU A 89 2.72 54.57 15.44
N ASN A 90 1.64 54.58 16.21
CA ASN A 90 1.57 55.37 17.43
C ASN A 90 2.51 54.79 18.50
N ASP A 91 2.34 53.51 18.80
CA ASP A 91 3.17 52.85 19.80
C ASP A 91 4.63 52.82 19.36
N ALA A 92 4.86 53.13 18.09
CA ALA A 92 6.22 53.15 17.55
C ALA A 92 6.71 54.57 17.34
N VAL A 93 5.77 55.49 17.14
CA VAL A 93 6.10 56.90 16.93
C VAL A 93 5.78 57.73 18.15
N GLU A 94 4.65 57.43 18.80
CA GLU A 94 4.24 58.16 19.98
C GLU A 94 4.81 57.53 21.24
N TYR A 95 4.96 56.21 21.23
CA TYR A 95 5.51 55.49 22.36
C TYR A 95 7.02 55.33 22.25
N VAL A 96 7.48 55.06 21.03
CA VAL A 96 8.91 54.89 20.78
C VAL A 96 9.56 56.22 20.41
N SER A 97 9.09 56.83 19.33
CA SER A 97 9.62 58.10 18.87
C SER A 97 9.17 59.24 19.77
N GLY A 98 8.13 58.98 20.55
CA GLY A 98 7.60 60.00 21.46
C GLY A 98 8.29 59.99 22.80
N ARG A 99 8.93 58.87 23.13
CA ARG A 99 9.64 58.73 24.40
C ARG A 99 11.07 59.23 24.29
N VAL A 100 11.79 58.73 23.29
CA VAL A 100 13.18 59.12 23.08
C VAL A 100 13.28 60.61 22.78
N HIS A 101 12.27 61.15 22.08
CA HIS A 101 12.26 62.56 21.72
C HIS A 101 11.43 63.36 22.72
N GLY A 102 11.41 62.90 23.98
CA GLY A 102 10.65 63.58 25.00
C GLY A 102 11.39 63.62 26.34
N GLU A 103 10.96 62.77 27.27
CA GLU A 103 11.58 62.71 28.58
C GLU A 103 12.56 61.54 28.67
N GLU A 104 13.84 61.86 28.85
CA GLU A 104 14.88 60.85 28.95
C GLU A 104 15.11 60.44 30.41
N ASP A 105 14.22 60.90 31.29
CA ASP A 105 14.32 60.58 32.70
C ASP A 105 14.43 59.07 32.91
N PRO A 106 15.02 58.67 34.06
CA PRO A 106 15.21 57.26 34.41
C PRO A 106 13.89 56.57 34.73
N THR A 107 13.37 55.82 33.77
CA THR A 107 12.11 55.10 33.95
C THR A 107 12.24 54.03 35.04
N LYS A 108 13.43 53.46 35.15
CA LYS A 108 13.69 52.42 36.14
C LYS A 108 13.54 52.97 37.55
N LYS A 109 13.78 52.12 38.54
CA LYS A 109 13.68 52.52 39.95
C LYS A 109 14.84 51.97 40.75
N MET A 1 -19.90 -3.26 -34.20
CA MET A 1 -20.53 -2.05 -34.71
C MET A 1 -21.90 -1.84 -34.08
N SER A 2 -22.38 -0.59 -34.12
CA SER A 2 -23.68 -0.26 -33.55
C SER A 2 -24.14 1.12 -34.02
N ASP A 3 -25.39 1.44 -33.72
CA ASP A 3 -25.95 2.74 -34.11
C ASP A 3 -26.92 3.24 -33.05
N ALA A 4 -26.75 4.49 -32.63
CA ALA A 4 -27.61 5.09 -31.63
C ALA A 4 -28.53 6.14 -32.26
N GLY A 5 -28.71 6.05 -33.57
CA GLY A 5 -29.57 7.00 -34.26
C GLY A 5 -31.05 6.70 -34.06
N ARG A 6 -31.89 7.29 -34.90
CA ARG A 6 -33.33 7.08 -34.81
C ARG A 6 -33.77 5.92 -35.69
N LYS A 7 -32.80 5.18 -36.21
CA LYS A 7 -33.08 4.03 -37.07
C LYS A 7 -33.48 2.81 -36.23
N GLY A 8 -33.31 2.92 -34.91
CA GLY A 8 -33.66 1.83 -34.03
C GLY A 8 -33.72 2.25 -32.58
N PHE A 9 -34.92 2.42 -32.06
CA PHE A 9 -35.10 2.83 -30.67
C PHE A 9 -34.77 1.68 -29.72
N GLY A 10 -34.57 0.49 -30.28
CA GLY A 10 -34.26 -0.66 -29.47
C GLY A 10 -32.75 -0.90 -29.36
N GLU A 11 -32.05 -0.73 -30.47
CA GLU A 11 -30.61 -0.92 -30.49
C GLU A 11 -29.90 0.08 -29.58
N LYS A 12 -30.59 1.18 -29.27
CA LYS A 12 -30.04 2.21 -28.41
C LYS A 12 -30.48 2.01 -26.96
N ALA A 13 -31.75 1.70 -26.78
CA ALA A 13 -32.31 1.49 -25.45
C ALA A 13 -31.82 0.15 -24.87
N SER A 14 -31.39 -0.74 -25.75
CA SER A 14 -30.91 -2.05 -25.32
C SER A 14 -29.39 -2.04 -25.13
N GLU A 15 -28.72 -1.18 -25.89
CA GLU A 15 -27.26 -1.07 -25.81
C GLU A 15 -26.86 0.05 -24.86
N ALA A 16 -27.73 1.04 -24.72
CA ALA A 16 -27.47 2.17 -23.84
C ALA A 16 -27.90 1.88 -22.41
N LEU A 17 -28.88 0.99 -22.27
CA LEU A 17 -29.39 0.61 -20.95
C LEU A 17 -28.83 -0.74 -20.52
N LYS A 18 -28.13 -1.40 -21.43
CA LYS A 18 -27.53 -2.70 -21.15
C LYS A 18 -26.98 -2.75 -19.72
N PRO A 19 -26.97 -3.95 -19.12
CA PRO A 19 -26.47 -4.16 -17.76
C PRO A 19 -24.95 -3.98 -17.67
N ASP A 20 -24.31 -3.88 -18.82
CA ASP A 20 -22.86 -3.71 -18.87
C ASP A 20 -22.49 -2.31 -19.37
N SER A 21 -23.39 -1.36 -19.16
CA SER A 21 -23.16 0.01 -19.59
C SER A 21 -22.43 0.81 -18.52
N GLN A 22 -22.49 0.32 -17.28
CA GLN A 22 -21.82 0.98 -16.17
C GLN A 22 -20.71 0.12 -15.60
N LYS A 23 -21.08 -1.05 -15.08
CA LYS A 23 -20.11 -1.98 -14.51
C LYS A 23 -18.86 -2.06 -15.37
N SER A 24 -19.00 -2.67 -16.54
CA SER A 24 -17.88 -2.82 -17.47
C SER A 24 -16.99 -1.58 -17.45
N TYR A 25 -17.60 -0.43 -17.19
CA TYR A 25 -16.87 0.82 -17.14
C TYR A 25 -16.29 1.07 -15.75
N ALA A 26 -17.14 0.93 -14.74
CA ALA A 26 -16.72 1.14 -13.35
C ALA A 26 -15.85 -0.02 -12.86
N GLU A 27 -16.33 -1.25 -13.08
CA GLU A 27 -15.59 -2.43 -12.66
C GLU A 27 -14.18 -2.43 -13.24
N GLN A 28 -14.09 -2.35 -14.56
CA GLN A 28 -12.80 -2.34 -15.24
C GLN A 28 -11.83 -1.38 -14.56
N GLY A 29 -12.36 -0.26 -14.06
CA GLY A 29 -11.53 0.72 -13.39
C GLY A 29 -11.09 0.26 -12.01
N LYS A 30 -12.02 -0.27 -11.24
CA LYS A 30 -11.72 -0.76 -9.89
C LYS A 30 -10.78 -1.97 -9.94
N GLU A 31 -11.09 -2.91 -10.82
CA GLU A 31 -10.28 -4.11 -10.97
C GLU A 31 -8.80 -3.76 -11.00
N TYR A 32 -8.48 -2.59 -11.55
CA TYR A 32 -7.10 -2.14 -11.64
C TYR A 32 -6.60 -1.59 -10.31
N ILE A 33 -7.51 -0.96 -9.57
CA ILE A 33 -7.17 -0.40 -8.28
C ILE A 33 -7.31 -1.43 -7.17
N THR A 34 -8.51 -1.96 -7.01
CA THR A 34 -8.78 -2.97 -5.99
C THR A 34 -7.55 -3.84 -5.73
N ASP A 35 -6.96 -4.33 -6.82
CA ASP A 35 -5.77 -5.17 -6.71
C ASP A 35 -4.55 -4.35 -6.33
N LYS A 36 -4.24 -3.33 -7.13
CA LYS A 36 -3.09 -2.47 -6.86
C LYS A 36 -3.24 -1.78 -5.51
N ALA A 37 -4.34 -1.07 -5.32
CA ALA A 37 -4.60 -0.37 -4.07
C ALA A 37 -4.30 -1.26 -2.87
N ASP A 38 -4.90 -2.45 -2.86
CA ASP A 38 -4.70 -3.39 -1.77
C ASP A 38 -3.23 -3.54 -1.44
N LYS A 39 -2.37 -3.29 -2.43
CA LYS A 39 -0.93 -3.39 -2.25
C LYS A 39 -0.32 -2.03 -1.93
N VAL A 40 -0.82 -1.00 -2.61
CA VAL A 40 -0.32 0.36 -2.40
C VAL A 40 -0.59 0.83 -0.97
N ALA A 41 -1.30 0.01 -0.21
CA ALA A 41 -1.62 0.34 1.17
C ALA A 41 -0.58 -0.24 2.13
N GLY A 42 0.25 -1.14 1.62
CA GLY A 42 1.27 -1.74 2.45
C GLY A 42 2.60 -1.04 2.34
N LYS A 43 2.69 -0.09 1.40
CA LYS A 43 3.92 0.66 1.19
C LYS A 43 3.72 2.13 1.56
N VAL A 44 2.49 2.61 1.43
CA VAL A 44 2.18 4.00 1.75
C VAL A 44 3.01 4.49 2.92
N GLN A 45 3.12 3.66 3.95
CA GLN A 45 3.89 4.02 5.14
C GLN A 45 5.15 4.78 4.77
N PRO A 46 5.11 6.11 4.92
CA PRO A 46 6.24 6.99 4.60
C PRO A 46 7.40 6.82 5.57
N GLU A 47 7.11 6.25 6.73
CA GLU A 47 8.13 6.03 7.75
C GLU A 47 8.78 4.66 7.59
N ASP A 48 8.26 3.89 6.63
CA ASP A 48 8.79 2.55 6.38
C ASP A 48 9.90 2.59 5.33
N ASN A 49 10.42 3.80 5.08
CA ASN A 49 11.48 3.97 4.10
C ASN A 49 12.64 3.02 4.38
N LYS A 50 12.87 2.71 5.65
CA LYS A 50 13.94 1.81 6.04
C LYS A 50 13.38 0.49 6.57
N GLY A 51 12.10 0.50 6.94
CA GLY A 51 11.47 -0.70 7.45
C GLY A 51 11.69 -1.89 6.56
N VAL A 52 11.83 -1.64 5.25
CA VAL A 52 12.04 -2.72 4.29
C VAL A 52 13.40 -3.39 4.51
N PHE A 53 14.38 -2.60 4.93
CA PHE A 53 15.73 -3.14 5.18
C PHE A 53 15.85 -3.60 6.63
N GLN A 54 14.82 -3.37 7.43
CA GLN A 54 14.82 -3.76 8.83
C GLN A 54 15.01 -5.27 8.97
N GLY A 55 14.64 -6.01 7.92
CA GLY A 55 14.78 -7.44 7.96
C GLY A 55 16.11 -7.92 7.40
N VAL A 56 16.48 -7.39 6.24
CA VAL A 56 17.73 -7.76 5.60
C VAL A 56 18.93 -7.28 6.42
N HIS A 57 18.79 -6.12 7.04
CA HIS A 57 19.85 -5.55 7.87
C HIS A 57 20.36 -6.57 8.87
N ASP A 58 19.44 -7.15 9.64
CA ASP A 58 19.80 -8.14 10.65
C ASP A 58 20.24 -9.44 9.99
N SER A 59 19.92 -9.60 8.70
CA SER A 59 20.27 -10.80 7.96
C SER A 59 21.70 -10.70 7.42
N ALA A 60 22.14 -9.47 7.19
CA ALA A 60 23.48 -9.23 6.67
C ALA A 60 24.50 -9.08 7.80
N GLU A 61 24.06 -9.38 9.01
CA GLU A 61 24.93 -9.28 10.19
C GLU A 61 26.25 -10.02 9.96
N LYS A 62 26.19 -11.07 9.15
CA LYS A 62 27.37 -11.87 8.85
C LYS A 62 28.17 -11.25 7.70
N GLY A 63 27.46 -10.62 6.77
CA GLY A 63 28.12 -9.98 5.64
C GLY A 63 28.34 -8.50 5.85
N LYS A 64 28.27 -8.06 7.11
CA LYS A 64 28.46 -6.66 7.44
C LYS A 64 29.90 -6.39 7.87
N ASP A 65 30.82 -7.19 7.36
CA ASP A 65 32.24 -7.04 7.69
C ASP A 65 33.03 -6.53 6.50
N ASN A 66 32.31 -6.05 5.48
CA ASN A 66 32.95 -5.52 4.28
C ASN A 66 34.09 -4.57 4.63
N ALA A 67 33.99 -3.96 5.80
CA ALA A 67 35.02 -3.02 6.26
C ALA A 67 36.40 -3.66 6.18
N GLU A 68 36.65 -4.62 7.06
CA GLU A 68 37.94 -5.31 7.09
C GLU A 68 38.17 -6.10 5.81
N GLY A 69 39.41 -6.10 5.34
CA GLY A 69 39.74 -6.81 4.12
C GLY A 69 40.04 -5.89 2.96
N GLN A 70 39.04 -5.11 2.55
CA GLN A 70 39.21 -4.18 1.45
C GLN A 70 40.42 -3.28 1.66
N GLY A 71 41.29 -3.23 0.65
CA GLY A 71 42.49 -2.41 0.75
C GLY A 71 43.35 -2.49 -0.49
N GLU A 72 43.99 -3.63 -0.69
CA GLU A 72 44.86 -3.83 -1.85
C GLU A 72 44.07 -4.43 -3.02
N SER A 73 42.75 -4.42 -2.89
CA SER A 73 41.89 -4.97 -3.93
C SER A 73 42.04 -4.19 -5.24
N LEU A 74 40.92 -3.84 -5.85
CA LEU A 74 40.92 -3.10 -7.10
C LEU A 74 40.96 -1.59 -6.84
N ALA A 75 40.82 -1.21 -5.58
CA ALA A 75 40.83 0.19 -5.18
C ALA A 75 42.26 0.70 -5.05
N ASP A 76 43.17 -0.17 -4.63
CA ASP A 76 44.57 0.19 -4.45
C ASP A 76 45.16 0.70 -5.76
N GLN A 77 44.83 0.04 -6.86
CA GLN A 77 45.33 0.43 -8.17
C GLN A 77 44.51 1.58 -8.75
N ALA A 78 43.20 1.50 -8.58
CA ALA A 78 42.31 2.53 -9.09
C ALA A 78 42.88 3.92 -8.84
N ARG A 79 43.58 4.09 -7.72
CA ARG A 79 44.18 5.37 -7.38
C ARG A 79 45.41 5.64 -8.24
N ASP A 80 46.38 4.74 -8.19
CA ASP A 80 47.60 4.88 -8.97
C ASP A 80 47.38 4.48 -10.42
N TYR A 81 46.88 3.26 -10.62
CA TYR A 81 46.62 2.76 -11.97
C TYR A 81 46.06 3.85 -12.87
N MET A 82 44.84 4.29 -12.55
CA MET A 82 44.19 5.34 -13.33
C MET A 82 45.15 6.48 -13.62
N GLY A 83 45.65 7.12 -12.57
CA GLY A 83 46.58 8.22 -12.72
C GLY A 83 47.72 7.89 -13.67
N ALA A 84 48.52 6.89 -13.30
CA ALA A 84 49.65 6.47 -14.12
C ALA A 84 49.22 6.22 -15.56
N ALA A 85 47.98 5.77 -15.74
CA ALA A 85 47.44 5.50 -17.07
C ALA A 85 47.26 6.78 -17.86
N LYS A 86 46.23 7.54 -17.51
CA LYS A 86 45.95 8.80 -18.19
C LYS A 86 47.16 9.72 -18.17
N SER A 87 47.95 9.62 -17.10
CA SER A 87 49.15 10.44 -16.96
C SER A 87 50.26 9.95 -17.88
N LYS A 88 50.56 8.67 -17.80
CA LYS A 88 51.60 8.08 -18.63
C LYS A 88 51.09 7.81 -20.05
N LEU A 89 49.77 7.84 -20.21
CA LEU A 89 49.16 7.62 -21.51
C LEU A 89 48.86 8.93 -22.21
N ASN A 90 48.71 9.99 -21.43
CA ASN A 90 48.42 11.31 -21.97
C ASN A 90 49.64 12.23 -21.88
N ASP A 91 50.47 11.99 -20.86
CA ASP A 91 51.68 12.78 -20.66
C ASP A 91 52.90 12.09 -21.25
N ALA A 92 52.78 10.78 -21.47
CA ALA A 92 53.87 10.00 -22.04
C ALA A 92 53.56 9.60 -23.48
N VAL A 93 52.29 9.60 -23.84
CA VAL A 93 51.87 9.23 -25.18
C VAL A 93 51.41 10.46 -25.96
N GLU A 94 50.69 11.35 -25.29
CA GLU A 94 50.19 12.56 -25.92
C GLU A 94 51.20 13.69 -25.79
N TYR A 95 51.91 13.71 -24.67
CA TYR A 95 52.91 14.74 -24.42
C TYR A 95 54.28 14.32 -24.93
N VAL A 96 54.61 13.05 -24.75
CA VAL A 96 55.88 12.52 -25.21
C VAL A 96 55.78 11.96 -26.62
N SER A 97 54.93 10.95 -26.78
CA SER A 97 54.74 10.32 -28.09
C SER A 97 53.98 11.26 -29.03
N GLY A 98 53.32 12.26 -28.47
CA GLY A 98 52.57 13.20 -29.27
C GLY A 98 53.41 14.37 -29.73
N ARG A 99 54.54 14.60 -29.06
CA ARG A 99 55.43 15.69 -29.41
C ARG A 99 56.37 15.28 -30.54
N VAL A 100 57.08 14.17 -30.35
CA VAL A 100 58.00 13.67 -31.36
C VAL A 100 57.27 13.31 -32.65
N HIS A 101 56.01 12.93 -32.52
CA HIS A 101 55.20 12.56 -33.67
C HIS A 101 54.37 13.75 -34.16
N GLY A 102 54.87 14.96 -33.92
CA GLY A 102 54.17 16.15 -34.34
C GLY A 102 54.13 16.30 -35.85
N GLU A 103 55.00 15.57 -36.54
CA GLU A 103 55.06 15.62 -38.00
C GLU A 103 53.73 15.20 -38.61
N GLU A 104 53.67 15.22 -39.94
CA GLU A 104 52.45 14.84 -40.65
C GLU A 104 52.45 13.34 -40.96
N ASP A 105 53.39 12.63 -40.37
CA ASP A 105 53.49 11.19 -40.59
C ASP A 105 52.16 10.50 -40.33
N PRO A 106 52.01 9.28 -40.86
CA PRO A 106 50.78 8.49 -40.69
C PRO A 106 50.60 7.99 -39.26
N THR A 107 49.73 8.68 -38.52
CA THR A 107 49.46 8.31 -37.13
C THR A 107 48.06 7.72 -36.99
N LYS A 108 47.49 7.26 -38.10
CA LYS A 108 46.16 6.68 -38.09
C LYS A 108 46.14 5.35 -38.84
N LYS A 109 46.78 4.34 -38.27
CA LYS A 109 46.84 3.02 -38.88
C LYS A 109 47.05 3.13 -40.38
N MET A 1 -16.14 15.73 -38.41
CA MET A 1 -17.06 14.64 -38.11
C MET A 1 -17.20 14.45 -36.61
N SER A 2 -18.44 14.53 -36.11
CA SER A 2 -18.71 14.36 -34.69
C SER A 2 -20.20 14.21 -34.43
N ASP A 3 -20.58 14.21 -33.16
CA ASP A 3 -21.98 14.07 -32.77
C ASP A 3 -22.78 15.28 -33.21
N ALA A 4 -23.69 15.08 -34.17
CA ALA A 4 -24.52 16.17 -34.67
C ALA A 4 -25.33 16.79 -33.54
N GLY A 5 -25.56 16.03 -32.49
CA GLY A 5 -26.32 16.53 -31.36
C GLY A 5 -27.53 15.67 -31.04
N ARG A 6 -28.61 15.85 -31.79
CA ARG A 6 -29.83 15.09 -31.59
C ARG A 6 -30.05 14.11 -32.73
N LYS A 7 -29.04 13.95 -33.58
CA LYS A 7 -29.13 13.04 -34.72
C LYS A 7 -29.29 11.60 -34.25
N GLY A 8 -29.00 11.36 -32.98
CA GLY A 8 -29.11 10.02 -32.43
C GLY A 8 -29.43 10.03 -30.95
N PHE A 9 -30.71 9.88 -30.61
CA PHE A 9 -31.13 9.87 -29.22
C PHE A 9 -30.89 8.50 -28.58
N GLY A 10 -30.51 7.54 -29.41
CA GLY A 10 -30.25 6.20 -28.91
C GLY A 10 -28.80 5.99 -28.52
N GLU A 11 -27.90 6.70 -29.19
CA GLU A 11 -26.47 6.59 -28.92
C GLU A 11 -26.18 6.92 -27.46
N LYS A 12 -27.09 7.62 -26.82
CA LYS A 12 -26.94 7.99 -25.42
C LYS A 12 -27.79 7.11 -24.52
N ALA A 13 -29.05 6.94 -24.90
CA ALA A 13 -29.98 6.11 -24.13
C ALA A 13 -29.58 4.64 -24.18
N SER A 14 -28.79 4.29 -25.18
CA SER A 14 -28.33 2.91 -25.35
C SER A 14 -26.98 2.69 -24.68
N GLU A 15 -26.15 3.73 -24.68
CA GLU A 15 -24.83 3.66 -24.09
C GLU A 15 -24.86 4.15 -22.64
N ALA A 16 -25.86 4.97 -22.32
CA ALA A 16 -25.99 5.50 -20.96
C ALA A 16 -26.86 4.60 -20.10
N LEU A 17 -27.77 3.87 -20.75
CA LEU A 17 -28.66 2.96 -20.03
C LEU A 17 -28.21 1.51 -20.21
N LYS A 18 -27.19 1.30 -21.03
CA LYS A 18 -26.67 -0.03 -21.28
C LYS A 18 -26.67 -0.86 -20.01
N PRO A 19 -26.80 -2.19 -20.16
CA PRO A 19 -26.82 -3.12 -19.02
C PRO A 19 -25.46 -3.25 -18.36
N ASP A 20 -24.45 -2.63 -18.97
CA ASP A 20 -23.09 -2.67 -18.44
C ASP A 20 -22.43 -1.30 -18.53
N SER A 21 -23.08 -0.29 -17.96
CA SER A 21 -22.56 1.07 -17.98
C SER A 21 -21.92 1.43 -16.64
N GLN A 22 -22.29 0.69 -15.61
CA GLN A 22 -21.76 0.94 -14.27
C GLN A 22 -20.74 -0.13 -13.89
N LYS A 23 -20.70 -1.20 -14.67
CA LYS A 23 -19.76 -2.30 -14.42
C LYS A 23 -18.56 -2.22 -15.37
N SER A 24 -18.80 -2.54 -16.63
CA SER A 24 -17.74 -2.51 -17.63
C SER A 24 -16.91 -1.24 -17.51
N TYR A 25 -17.54 -0.17 -17.03
CA TYR A 25 -16.86 1.10 -16.87
C TYR A 25 -16.22 1.22 -15.49
N ALA A 26 -17.05 1.04 -14.45
CA ALA A 26 -16.56 1.12 -13.08
C ALA A 26 -15.71 -0.09 -12.73
N GLU A 27 -16.24 -1.28 -13.01
CA GLU A 27 -15.53 -2.52 -12.72
C GLU A 27 -14.12 -2.48 -13.29
N GLN A 28 -14.01 -2.27 -14.60
CA GLN A 28 -12.72 -2.21 -15.27
C GLN A 28 -11.77 -1.27 -14.54
N GLY A 29 -12.31 -0.16 -14.04
CA GLY A 29 -11.49 0.81 -13.32
C GLY A 29 -11.15 0.34 -11.92
N LYS A 30 -12.02 -0.45 -11.33
CA LYS A 30 -11.81 -0.97 -9.98
C LYS A 30 -10.83 -2.14 -10.00
N GLU A 31 -11.09 -3.10 -10.88
CA GLU A 31 -10.22 -4.28 -11.01
C GLU A 31 -8.76 -3.88 -11.03
N TYR A 32 -8.47 -2.69 -11.55
CA TYR A 32 -7.11 -2.19 -11.65
C TYR A 32 -6.66 -1.64 -10.29
N ILE A 33 -7.58 -1.01 -9.58
CA ILE A 33 -7.27 -0.43 -8.27
C ILE A 33 -7.37 -1.47 -7.17
N THR A 34 -8.56 -2.06 -7.03
CA THR A 34 -8.79 -3.07 -6.01
C THR A 34 -7.53 -3.89 -5.76
N ASP A 35 -6.91 -4.36 -6.83
CA ASP A 35 -5.69 -5.15 -6.74
C ASP A 35 -4.50 -4.28 -6.32
N LYS A 36 -4.22 -3.25 -7.11
CA LYS A 36 -3.12 -2.35 -6.83
C LYS A 36 -3.30 -1.68 -5.46
N ALA A 37 -4.43 -1.04 -5.27
CA ALA A 37 -4.72 -0.36 -4.00
C ALA A 37 -4.40 -1.27 -2.82
N ASP A 38 -4.95 -2.47 -2.83
CA ASP A 38 -4.73 -3.43 -1.75
C ASP A 38 -3.24 -3.54 -1.44
N LYS A 39 -2.40 -3.23 -2.42
CA LYS A 39 -0.95 -3.29 -2.23
C LYS A 39 -0.40 -1.92 -1.88
N VAL A 40 -0.92 -0.89 -2.53
CA VAL A 40 -0.46 0.48 -2.28
C VAL A 40 -0.72 0.90 -0.84
N ALA A 41 -1.41 0.03 -0.09
CA ALA A 41 -1.73 0.29 1.30
C ALA A 41 -0.69 -0.33 2.23
N GLY A 42 0.12 -1.24 1.68
CA GLY A 42 1.14 -1.90 2.48
C GLY A 42 2.45 -1.14 2.47
N LYS A 43 2.58 -0.19 1.56
CA LYS A 43 3.81 0.61 1.45
C LYS A 43 3.49 2.09 1.56
N VAL A 44 2.40 2.51 0.95
CA VAL A 44 1.99 3.92 1.00
C VAL A 44 3.20 4.83 1.18
N GLN A 45 3.75 5.31 0.07
CA GLN A 45 4.90 6.20 0.11
C GLN A 45 4.68 7.33 1.10
N PRO A 46 5.40 7.28 2.23
CA PRO A 46 5.30 8.29 3.29
C PRO A 46 5.90 9.63 2.86
N GLU A 47 6.80 9.58 1.89
CA GLU A 47 7.44 10.79 1.39
C GLU A 47 6.65 11.39 0.25
N ASP A 48 5.53 10.77 -0.10
CA ASP A 48 4.68 11.24 -1.18
C ASP A 48 3.66 12.25 -0.66
N ASN A 49 3.85 12.69 0.58
CA ASN A 49 2.94 13.65 1.20
C ASN A 49 2.93 14.96 0.42
N LYS A 50 4.00 15.22 -0.32
CA LYS A 50 4.11 16.43 -1.12
C LYS A 50 3.57 16.21 -2.53
N GLY A 51 3.51 14.95 -2.95
CA GLY A 51 3.01 14.63 -4.27
C GLY A 51 1.53 14.92 -4.42
N VAL A 52 0.82 14.92 -3.30
CA VAL A 52 -0.62 15.18 -3.31
C VAL A 52 -0.91 16.63 -3.70
N PHE A 53 -0.08 17.55 -3.21
CA PHE A 53 -0.25 18.96 -3.51
C PHE A 53 0.40 19.33 -4.84
N GLN A 54 1.12 18.36 -5.42
CA GLN A 54 1.78 18.57 -6.70
C GLN A 54 0.78 18.94 -7.79
N GLY A 55 -0.48 18.53 -7.59
CA GLY A 55 -1.51 18.83 -8.56
C GLY A 55 -2.22 20.14 -8.28
N VAL A 56 -2.61 20.33 -7.03
CA VAL A 56 -3.31 21.55 -6.63
C VAL A 56 -2.38 22.76 -6.70
N HIS A 57 -1.12 22.56 -6.33
CA HIS A 57 -0.14 23.64 -6.35
C HIS A 57 -0.14 24.34 -7.71
N ASP A 58 0.03 23.55 -8.77
CA ASP A 58 0.05 24.09 -10.12
C ASP A 58 -1.34 24.57 -10.55
N SER A 59 -2.35 24.17 -9.79
CA SER A 59 -3.73 24.55 -10.08
C SER A 59 -4.07 25.89 -9.44
N ALA A 60 -3.38 26.20 -8.36
CA ALA A 60 -3.61 27.46 -7.64
C ALA A 60 -2.93 28.63 -8.36
N GLU A 61 -2.22 28.31 -9.43
CA GLU A 61 -1.52 29.34 -10.20
C GLU A 61 -2.47 30.49 -10.56
N LYS A 62 -3.74 30.16 -10.76
CA LYS A 62 -4.75 31.16 -11.10
C LYS A 62 -5.07 32.04 -9.89
N GLY A 63 -5.33 31.40 -8.75
CA GLY A 63 -5.66 32.14 -7.54
C GLY A 63 -4.44 32.76 -6.91
N LYS A 64 -3.26 32.49 -7.47
CA LYS A 64 -2.01 33.04 -6.96
C LYS A 64 -1.45 34.10 -7.90
N ASP A 65 -2.24 34.46 -8.91
CA ASP A 65 -1.83 35.47 -9.88
C ASP A 65 -2.65 36.75 -9.72
N ASN A 66 -3.40 36.83 -8.63
CA ASN A 66 -4.23 38.00 -8.38
C ASN A 66 -3.52 39.28 -8.77
N ALA A 67 -2.21 39.32 -8.52
CA ALA A 67 -1.40 40.49 -8.86
C ALA A 67 -1.62 40.90 -10.31
N GLU A 68 -1.35 39.99 -11.23
CA GLU A 68 -1.50 40.25 -12.65
C GLU A 68 -2.90 40.81 -12.95
N GLY A 69 -3.09 41.27 -14.18
CA GLY A 69 -4.38 41.82 -14.57
C GLY A 69 -5.52 40.89 -14.24
N GLN A 70 -6.75 41.40 -14.33
CA GLN A 70 -7.93 40.62 -14.03
C GLN A 70 -8.07 39.45 -15.00
N GLY A 71 -9.12 38.66 -14.81
CA GLY A 71 -9.34 37.50 -15.68
C GLY A 71 -10.61 36.75 -15.33
N GLU A 72 -10.62 36.16 -14.13
CA GLU A 72 -11.79 35.41 -13.68
C GLU A 72 -12.64 36.24 -12.72
N SER A 73 -12.23 37.48 -12.50
CA SER A 73 -12.95 38.37 -11.60
C SER A 73 -12.55 38.13 -10.15
N LEU A 74 -12.57 39.19 -9.36
CA LEU A 74 -12.22 39.09 -7.94
C LEU A 74 -13.11 38.09 -7.22
N ALA A 75 -14.21 37.71 -7.86
CA ALA A 75 -15.14 36.75 -7.29
C ALA A 75 -14.64 35.32 -7.45
N ASP A 76 -13.82 35.10 -8.48
CA ASP A 76 -13.28 33.78 -8.75
C ASP A 76 -12.39 33.32 -7.60
N GLN A 77 -11.68 34.26 -6.99
CA GLN A 77 -10.78 33.94 -5.88
C GLN A 77 -11.52 34.01 -4.55
N ALA A 78 -12.40 35.00 -4.42
CA ALA A 78 -13.18 35.17 -3.20
C ALA A 78 -13.74 33.85 -2.72
N ARG A 79 -14.08 32.96 -3.65
CA ARG A 79 -14.63 31.66 -3.32
C ARG A 79 -13.54 30.70 -2.87
N ASP A 80 -12.43 30.68 -3.62
CA ASP A 80 -11.31 29.80 -3.29
C ASP A 80 -10.36 30.50 -2.32
N TYR A 81 -9.86 31.67 -2.71
CA TYR A 81 -8.94 32.43 -1.88
C TYR A 81 -9.35 32.37 -0.42
N MET A 82 -10.56 32.85 -0.13
CA MET A 82 -11.07 32.85 1.24
C MET A 82 -11.14 31.44 1.79
N GLY A 83 -11.53 30.49 0.95
CA GLY A 83 -11.63 29.10 1.38
C GLY A 83 -10.28 28.51 1.72
N ALA A 84 -9.22 29.10 1.19
CA ALA A 84 -7.87 28.62 1.45
C ALA A 84 -7.22 29.39 2.59
N ALA A 85 -7.45 30.70 2.63
CA ALA A 85 -6.89 31.54 3.67
C ALA A 85 -7.86 31.70 4.83
N LYS A 86 -8.87 32.54 4.64
CA LYS A 86 -9.87 32.78 5.68
C LYS A 86 -10.32 31.46 6.32
N SER A 87 -10.32 30.40 5.53
CA SER A 87 -10.73 29.09 6.02
C SER A 87 -9.57 28.40 6.76
N LYS A 88 -8.56 27.99 6.02
CA LYS A 88 -7.40 27.33 6.61
C LYS A 88 -6.69 28.25 7.59
N LEU A 89 -6.22 29.39 7.10
CA LEU A 89 -5.52 30.35 7.94
C LEU A 89 -6.25 30.54 9.27
N ASN A 90 -7.54 30.84 9.19
CA ASN A 90 -8.34 31.04 10.39
C ASN A 90 -8.57 29.73 11.12
N ASP A 91 -9.29 28.81 10.48
CA ASP A 91 -9.57 27.51 11.08
C ASP A 91 -8.29 26.85 11.57
N ALA A 92 -7.15 27.28 11.03
CA ALA A 92 -5.87 26.73 11.43
C ALA A 92 -5.22 27.58 12.52
N VAL A 93 -5.38 28.90 12.42
CA VAL A 93 -4.82 29.81 13.40
C VAL A 93 -5.87 30.24 14.42
N GLU A 94 -7.05 30.59 13.93
CA GLU A 94 -8.14 31.01 14.80
C GLU A 94 -8.60 29.87 15.71
N TYR A 95 -8.71 28.68 15.13
CA TYR A 95 -9.14 27.51 15.87
C TYR A 95 -8.01 26.96 16.73
N VAL A 96 -6.82 26.83 16.13
CA VAL A 96 -5.65 26.32 16.83
C VAL A 96 -4.98 27.42 17.64
N SER A 97 -4.38 28.39 16.95
CA SER A 97 -3.69 29.49 17.60
C SER A 97 -4.63 30.21 18.56
N GLY A 98 -5.93 30.06 18.34
CA GLY A 98 -6.92 30.70 19.19
C GLY A 98 -7.23 29.90 20.43
N ARG A 99 -7.23 28.58 20.30
CA ARG A 99 -7.51 27.68 21.42
C ARG A 99 -6.32 27.63 22.38
N VAL A 100 -5.14 27.87 21.85
CA VAL A 100 -3.92 27.83 22.66
C VAL A 100 -3.66 29.18 23.32
N HIS A 101 -4.05 30.25 22.63
CA HIS A 101 -3.85 31.60 23.15
C HIS A 101 -5.02 31.99 24.06
N GLY A 102 -6.20 31.47 23.77
CA GLY A 102 -7.38 31.78 24.56
C GLY A 102 -8.12 33.00 24.04
N GLU A 103 -9.37 32.80 23.66
CA GLU A 103 -10.19 33.89 23.13
C GLU A 103 -11.13 34.43 24.22
N GLU A 104 -11.07 35.74 24.44
CA GLU A 104 -11.92 36.38 25.45
C GLU A 104 -13.37 36.40 24.99
N ASP A 105 -13.58 36.27 23.69
CA ASP A 105 -14.93 36.28 23.14
C ASP A 105 -15.48 34.86 23.01
N PRO A 106 -16.81 34.74 22.90
CA PRO A 106 -17.49 33.45 22.77
C PRO A 106 -17.22 32.78 21.42
N THR A 107 -16.31 31.81 21.42
CA THR A 107 -15.97 31.10 20.19
C THR A 107 -17.21 30.57 19.49
N LYS A 108 -18.24 30.27 20.28
CA LYS A 108 -19.49 29.75 19.74
C LYS A 108 -20.08 30.72 18.71
N LYS A 109 -20.61 30.17 17.62
CA LYS A 109 -21.20 30.99 16.56
C LYS A 109 -22.71 30.76 16.50
#